data_8VOH
#
_entry.id   8VOH
#
loop_
_entity.id
_entity.type
_entity.pdbx_description
1 polymer 'Integrin alpha-M'
2 polymer Pleiotrophin
#
loop_
_entity_poly.entity_id
_entity_poly.type
_entity_poly.pdbx_seq_one_letter_code
_entity_poly.pdbx_strand_id
1 'polypeptide(L)'
;EDSDIAFLIDGSGSIIPHDFRRMKEFVSTVMEQLKKSKTLFSLMQYSEEFRIHFTFKEFQNNPNPRSLVKPITQLLGRTH
TATGIRKVVRELFNITNGARKNAFKILVVITDGEKFGDPLGYEDVIPEADREGVIRYVIGVGDAFRSEKSRQELNTIASK
PPRDHVFQVNNFEALKTIQNQLREKIFAIEGTQT
;
A
2 'polypeptide(L)' GKKEKPEKKVKKSDCGEWQWSVCVPTSGDCGLGTREGTRTGAECKQTMKTQRCKIPCN B
#
# COMPACT_ATOMS: atom_id res chain seq x y z
N GLU A 1 -2.76 -17.82 -2.43
CA GLU A 1 -3.47 -18.29 -1.26
C GLU A 1 -3.19 -17.36 -0.08
N ASP A 2 -1.90 -17.13 0.17
CA ASP A 2 -1.46 -16.25 1.24
C ASP A 2 -1.67 -14.80 0.82
N SER A 3 -0.80 -14.32 -0.06
CA SER A 3 -0.87 -12.96 -0.54
C SER A 3 -0.25 -12.82 -1.92
N ASP A 4 -0.75 -11.86 -2.67
CA ASP A 4 -0.26 -11.55 -3.99
C ASP A 4 0.22 -10.11 -3.97
N ILE A 5 1.53 -9.91 -3.99
CA ILE A 5 2.09 -8.57 -3.95
C ILE A 5 2.61 -8.13 -5.30
N ALA A 6 2.11 -7.00 -5.78
CA ALA A 6 2.53 -6.46 -7.06
C ALA A 6 3.28 -5.15 -6.87
N PHE A 7 4.36 -4.99 -7.60
CA PHE A 7 5.18 -3.79 -7.53
C PHE A 7 4.98 -2.93 -8.77
N LEU A 8 4.73 -1.65 -8.58
CA LEU A 8 4.53 -0.72 -9.68
C LEU A 8 5.63 0.32 -9.67
N ILE A 9 6.60 0.17 -10.57
CA ILE A 9 7.71 1.09 -10.65
C ILE A 9 7.57 2.04 -11.83
N ASP A 10 7.89 3.30 -11.61
CA ASP A 10 7.81 4.31 -12.64
C ASP A 10 9.01 4.22 -13.57
N GLY A 11 8.77 4.41 -14.86
CA GLY A 11 9.84 4.35 -15.83
C GLY A 11 10.00 5.66 -16.57
N SER A 12 9.50 6.73 -15.97
CA SER A 12 9.57 8.08 -16.53
C SER A 12 10.99 8.46 -16.94
N GLY A 13 11.10 9.48 -17.78
CA GLY A 13 12.40 9.93 -18.27
C GLY A 13 13.09 10.90 -17.32
N SER A 14 12.45 11.20 -16.21
CA SER A 14 13.03 12.12 -15.23
C SER A 14 14.05 11.39 -14.37
N ILE A 15 13.78 10.11 -14.10
CA ILE A 15 14.67 9.30 -13.30
C ILE A 15 15.90 8.89 -14.09
N ILE A 16 17.07 9.13 -13.54
CA ILE A 16 18.32 8.78 -14.21
C ILE A 16 18.59 7.28 -14.08
N PRO A 17 19.27 6.67 -15.08
CA PRO A 17 19.59 5.25 -15.07
C PRO A 17 20.28 4.77 -13.79
N HIS A 18 21.07 5.65 -13.17
CA HIS A 18 21.77 5.29 -11.93
C HIS A 18 20.77 5.17 -10.78
N ASP A 19 19.78 6.06 -10.76
CA ASP A 19 18.77 6.04 -9.71
C ASP A 19 17.76 4.94 -9.99
N PHE A 20 17.52 4.66 -11.27
CA PHE A 20 16.62 3.60 -11.66
C PHE A 20 17.17 2.27 -11.14
N ARG A 21 18.49 2.22 -11.01
CA ARG A 21 19.15 1.04 -10.50
C ARG A 21 18.85 0.90 -9.02
N ARG A 22 18.86 2.02 -8.31
CA ARG A 22 18.58 2.02 -6.88
C ARG A 22 17.17 1.52 -6.64
N MET A 23 16.28 1.82 -7.59
CA MET A 23 14.89 1.42 -7.52
C MET A 23 14.78 -0.10 -7.65
N LYS A 24 15.53 -0.69 -8.58
CA LYS A 24 15.50 -2.12 -8.78
C LYS A 24 16.18 -2.84 -7.62
N GLU A 25 17.13 -2.16 -6.96
CA GLU A 25 17.80 -2.74 -5.80
C GLU A 25 16.79 -2.87 -4.68
N PHE A 26 15.98 -1.83 -4.54
CA PHE A 26 14.95 -1.77 -3.52
C PHE A 26 13.91 -2.86 -3.70
N VAL A 27 13.29 -2.92 -4.87
CA VAL A 27 12.25 -3.90 -5.14
C VAL A 27 12.75 -5.35 -4.99
N SER A 28 13.99 -5.61 -5.35
CA SER A 28 14.53 -6.97 -5.24
C SER A 28 14.81 -7.32 -3.78
N THR A 29 15.39 -6.39 -3.04
CA THR A 29 15.69 -6.59 -1.63
C THR A 29 14.40 -6.73 -0.83
N VAL A 30 13.40 -5.93 -1.17
CA VAL A 30 12.11 -5.97 -0.50
C VAL A 30 11.40 -7.29 -0.84
N MET A 31 11.56 -7.72 -2.09
CA MET A 31 10.94 -8.95 -2.55
C MET A 31 11.49 -10.17 -1.80
N GLU A 32 12.78 -10.12 -1.47
CA GLU A 32 13.43 -11.21 -0.75
C GLU A 32 12.89 -11.36 0.67
N GLN A 33 12.89 -10.25 1.43
CA GLN A 33 12.42 -10.28 2.81
C GLN A 33 10.92 -10.54 2.91
N LEU A 34 10.23 -10.48 1.78
CA LEU A 34 8.79 -10.72 1.76
C LEU A 34 8.47 -12.00 0.98
N LYS A 35 9.49 -12.80 0.72
CA LYS A 35 9.31 -14.04 -0.02
C LYS A 35 8.84 -15.18 0.89
N LYS A 36 7.54 -15.43 0.89
CA LYS A 36 6.98 -16.50 1.71
C LYS A 36 6.75 -17.77 0.87
N SER A 37 6.11 -18.77 1.47
CA SER A 37 5.85 -20.03 0.78
C SER A 37 4.61 -19.95 -0.09
N LYS A 38 3.70 -19.03 0.23
CA LYS A 38 2.48 -18.88 -0.54
C LYS A 38 2.31 -17.46 -1.07
N THR A 39 3.40 -16.72 -1.08
CA THR A 39 3.36 -15.35 -1.57
C THR A 39 4.07 -15.24 -2.91
N LEU A 40 3.36 -14.70 -3.88
CA LEU A 40 3.92 -14.52 -5.21
C LEU A 40 4.04 -13.03 -5.51
N PHE A 41 4.86 -12.68 -6.48
CA PHE A 41 5.05 -11.29 -6.81
C PHE A 41 4.87 -11.04 -8.30
N SER A 42 4.50 -9.83 -8.63
CA SER A 42 4.33 -9.41 -10.00
C SER A 42 4.82 -7.97 -10.12
N LEU A 43 5.31 -7.60 -11.28
CA LEU A 43 5.82 -6.25 -11.45
C LEU A 43 5.52 -5.70 -12.84
N MET A 44 5.03 -4.47 -12.86
CA MET A 44 4.72 -3.79 -14.10
C MET A 44 5.34 -2.40 -14.09
N GLN A 45 6.03 -2.07 -15.17
CA GLN A 45 6.66 -0.76 -15.29
C GLN A 45 5.77 0.15 -16.12
N TYR A 46 5.79 1.44 -15.84
CA TYR A 46 4.93 2.35 -16.56
C TYR A 46 5.56 3.73 -16.79
N SER A 47 5.15 4.34 -17.89
CA SER A 47 5.55 5.68 -18.30
C SER A 47 4.37 6.25 -19.06
N GLU A 48 4.27 5.92 -20.34
CA GLU A 48 3.09 6.27 -21.11
C GLU A 48 2.52 4.96 -21.62
N GLU A 49 3.40 3.98 -21.72
CA GLU A 49 3.06 2.63 -22.08
C GLU A 49 3.21 1.78 -20.82
N PHE A 50 2.94 0.50 -20.92
CA PHE A 50 3.06 -0.37 -19.76
C PHE A 50 3.72 -1.67 -20.16
N ARG A 51 4.70 -2.10 -19.39
CA ARG A 51 5.42 -3.32 -19.67
C ARG A 51 5.47 -4.23 -18.46
N ILE A 52 4.81 -5.36 -18.55
CA ILE A 52 4.83 -6.34 -17.48
C ILE A 52 6.17 -7.06 -17.54
N HIS A 53 6.82 -7.21 -16.41
CA HIS A 53 8.12 -7.87 -16.39
C HIS A 53 7.98 -9.32 -15.98
N PHE A 54 7.02 -9.57 -15.10
CA PHE A 54 6.75 -10.91 -14.65
C PHE A 54 5.44 -10.93 -13.89
N THR A 55 4.72 -12.03 -14.03
CA THR A 55 3.46 -12.21 -13.34
C THR A 55 3.61 -13.23 -12.24
N PHE A 56 2.55 -13.43 -11.45
CA PHE A 56 2.59 -14.36 -10.35
C PHE A 56 2.84 -15.79 -10.81
N LYS A 57 2.32 -16.15 -11.99
CA LYS A 57 2.45 -17.50 -12.51
C LYS A 57 3.91 -17.87 -12.80
N GLU A 58 4.70 -16.92 -13.30
CA GLU A 58 6.09 -17.22 -13.62
C GLU A 58 6.99 -17.05 -12.41
N PHE A 59 6.56 -16.26 -11.43
CA PHE A 59 7.34 -16.06 -10.22
C PHE A 59 7.30 -17.34 -9.39
N GLN A 60 6.27 -18.13 -9.64
CA GLN A 60 6.10 -19.39 -8.97
C GLN A 60 7.12 -20.39 -9.52
N ASN A 61 7.43 -20.22 -10.81
CA ASN A 61 8.40 -21.08 -11.49
C ASN A 61 9.81 -20.62 -11.15
N ASN A 62 10.00 -19.30 -11.10
CA ASN A 62 11.30 -18.72 -10.76
C ASN A 62 11.13 -17.74 -9.61
N PRO A 63 11.26 -18.24 -8.37
CA PRO A 63 11.10 -17.42 -7.16
C PRO A 63 12.35 -16.61 -6.81
N ASN A 64 13.13 -16.25 -7.82
CA ASN A 64 14.33 -15.45 -7.62
C ASN A 64 14.12 -14.07 -8.22
N PRO A 65 13.83 -13.08 -7.37
CA PRO A 65 13.57 -11.70 -7.81
C PRO A 65 14.79 -11.03 -8.45
N ARG A 66 15.97 -11.41 -8.04
CA ARG A 66 17.19 -10.80 -8.56
C ARG A 66 17.44 -11.17 -10.02
N SER A 67 16.91 -12.29 -10.47
CA SER A 67 17.10 -12.72 -11.85
C SER A 67 16.00 -12.18 -12.77
N LEU A 68 14.90 -11.74 -12.16
CA LEU A 68 13.78 -11.21 -12.93
C LEU A 68 13.78 -9.68 -12.93
N VAL A 69 14.48 -9.11 -11.95
CA VAL A 69 14.57 -7.66 -11.82
C VAL A 69 15.83 -7.12 -12.51
N LYS A 70 16.87 -7.93 -12.59
CA LYS A 70 18.13 -7.51 -13.20
C LYS A 70 17.96 -7.06 -14.67
N PRO A 71 17.29 -7.88 -15.53
CA PRO A 71 17.09 -7.53 -16.96
C PRO A 71 16.07 -6.41 -17.18
N ILE A 72 15.68 -5.73 -16.12
CA ILE A 72 14.71 -4.64 -16.23
C ILE A 72 15.38 -3.36 -16.71
N THR A 73 14.91 -2.84 -17.84
CA THR A 73 15.45 -1.61 -18.39
C THR A 73 14.40 -0.49 -18.33
N GLN A 74 14.84 0.75 -18.50
CA GLN A 74 13.94 1.90 -18.43
C GLN A 74 13.13 2.04 -19.72
N LEU A 75 11.93 2.62 -19.61
CA LEU A 75 11.06 2.81 -20.77
C LEU A 75 11.24 4.21 -21.36
N LEU A 76 11.26 5.20 -20.45
CA LEU A 76 11.44 6.62 -20.80
C LEU A 76 10.15 7.22 -21.36
N GLY A 77 9.71 8.30 -20.72
CA GLY A 77 8.49 8.98 -21.13
C GLY A 77 7.94 9.80 -19.98
N ARG A 78 6.63 9.97 -19.91
CA ARG A 78 6.00 10.72 -18.83
C ARG A 78 5.42 9.77 -17.80
N THR A 79 4.45 10.22 -17.01
CA THR A 79 3.85 9.38 -15.99
C THR A 79 2.39 9.02 -16.30
N HIS A 80 2.06 7.75 -16.11
CA HIS A 80 0.70 7.24 -16.33
C HIS A 80 0.36 6.25 -15.23
N THR A 81 0.50 6.70 -13.99
CA THR A 81 0.24 5.84 -12.84
C THR A 81 -1.24 5.50 -12.66
N ALA A 82 -2.14 6.31 -13.23
CA ALA A 82 -3.57 6.05 -13.10
C ALA A 82 -3.97 4.86 -13.97
N THR A 83 -3.66 4.95 -15.25
CA THR A 83 -3.97 3.86 -16.17
C THR A 83 -3.14 2.64 -15.81
N GLY A 84 -2.00 2.88 -15.19
CA GLY A 84 -1.11 1.81 -14.78
C GLY A 84 -1.74 0.92 -13.73
N ILE A 85 -2.16 1.51 -12.61
CA ILE A 85 -2.77 0.75 -11.53
C ILE A 85 -4.07 0.09 -11.99
N ARG A 86 -4.71 0.69 -12.98
CA ARG A 86 -5.94 0.13 -13.53
C ARG A 86 -5.65 -1.21 -14.19
N LYS A 87 -4.52 -1.27 -14.88
CA LYS A 87 -4.11 -2.48 -15.56
C LYS A 87 -3.67 -3.54 -14.57
N VAL A 88 -3.20 -3.11 -13.41
CA VAL A 88 -2.77 -4.03 -12.38
C VAL A 88 -3.95 -4.82 -11.84
N VAL A 89 -5.02 -4.11 -11.54
CA VAL A 89 -6.22 -4.72 -10.99
C VAL A 89 -6.93 -5.62 -12.00
N ARG A 90 -6.74 -5.34 -13.29
CA ARG A 90 -7.40 -6.14 -14.32
C ARG A 90 -6.51 -7.21 -14.95
N GLU A 91 -5.22 -6.91 -15.08
CA GLU A 91 -4.29 -7.86 -15.72
C GLU A 91 -3.35 -8.54 -14.73
N LEU A 92 -2.60 -7.75 -13.96
CA LEU A 92 -1.65 -8.34 -13.00
C LEU A 92 -2.35 -9.22 -11.99
N PHE A 93 -3.48 -8.75 -11.47
CA PHE A 93 -4.22 -9.50 -10.48
C PHE A 93 -5.25 -10.44 -11.14
N ASN A 94 -4.98 -10.83 -12.38
CA ASN A 94 -5.88 -11.73 -13.10
C ASN A 94 -5.51 -13.17 -12.79
N ILE A 95 -6.53 -14.02 -12.66
CA ILE A 95 -6.32 -15.43 -12.36
C ILE A 95 -5.42 -16.12 -13.39
N THR A 96 -5.68 -15.82 -14.66
CA THR A 96 -4.92 -16.43 -15.76
C THR A 96 -3.46 -15.96 -15.77
N ASN A 97 -3.13 -14.95 -14.97
CA ASN A 97 -1.78 -14.43 -14.89
C ASN A 97 -1.06 -14.98 -13.65
N GLY A 98 -1.74 -15.88 -12.95
CA GLY A 98 -1.16 -16.50 -11.77
C GLY A 98 -1.71 -15.97 -10.47
N ALA A 99 -2.52 -14.92 -10.54
CA ALA A 99 -3.11 -14.34 -9.35
C ALA A 99 -4.12 -15.30 -8.74
N ARG A 100 -4.02 -15.49 -7.44
CA ARG A 100 -4.91 -16.40 -6.73
C ARG A 100 -6.11 -15.65 -6.19
N LYS A 101 -7.22 -16.36 -6.06
CA LYS A 101 -8.43 -15.77 -5.52
C LYS A 101 -8.48 -16.02 -4.02
N ASN A 102 -9.11 -15.09 -3.29
CA ASN A 102 -9.25 -15.18 -1.83
C ASN A 102 -7.94 -14.83 -1.11
N ALA A 103 -6.91 -14.56 -1.89
CA ALA A 103 -5.61 -14.22 -1.33
C ALA A 103 -5.49 -12.71 -1.16
N PHE A 104 -4.78 -12.30 -0.12
CA PHE A 104 -4.58 -10.88 0.16
C PHE A 104 -3.76 -10.23 -0.94
N LYS A 105 -4.33 -9.22 -1.59
CA LYS A 105 -3.65 -8.55 -2.68
C LYS A 105 -3.19 -7.16 -2.24
N ILE A 106 -1.88 -6.95 -2.30
CA ILE A 106 -1.30 -5.69 -1.90
C ILE A 106 -0.50 -5.10 -3.07
N LEU A 107 -0.67 -3.80 -3.29
CA LEU A 107 0.00 -3.13 -4.37
C LEU A 107 0.88 -1.98 -3.85
N VAL A 108 2.10 -1.90 -4.36
CA VAL A 108 3.03 -0.85 -3.96
C VAL A 108 3.44 -0.05 -5.18
N VAL A 109 3.34 1.26 -5.09
CA VAL A 109 3.68 2.14 -6.20
C VAL A 109 4.85 3.05 -5.85
N ILE A 110 5.81 3.15 -6.78
CA ILE A 110 6.97 3.98 -6.60
C ILE A 110 7.09 4.95 -7.77
N THR A 111 6.85 6.22 -7.53
CA THR A 111 6.90 7.23 -8.57
C THR A 111 7.74 8.42 -8.13
N ASP A 112 8.22 9.21 -9.09
CA ASP A 112 9.06 10.37 -8.81
C ASP A 112 8.37 11.68 -9.17
N GLY A 113 7.31 11.61 -9.97
CA GLY A 113 6.65 12.83 -10.39
C GLY A 113 5.14 12.71 -10.43
N GLU A 114 4.48 13.88 -10.43
CA GLU A 114 3.02 13.94 -10.47
C GLU A 114 2.51 13.38 -11.80
N LYS A 115 1.32 12.78 -11.77
CA LYS A 115 0.71 12.18 -12.97
C LYS A 115 0.48 13.21 -14.08
N PHE A 116 1.30 13.15 -15.12
CA PHE A 116 1.19 14.10 -16.24
C PHE A 116 0.99 13.40 -17.59
N GLY A 117 -0.09 13.76 -18.28
CA GLY A 117 -0.36 13.20 -19.59
C GLY A 117 -1.23 11.96 -19.56
N ASP A 118 -1.71 11.60 -18.39
CA ASP A 118 -2.56 10.43 -18.22
C ASP A 118 -4.00 10.78 -18.54
N PRO A 119 -4.59 10.15 -19.58
CA PRO A 119 -5.98 10.40 -19.97
C PRO A 119 -6.97 9.96 -18.90
N LEU A 120 -6.53 9.07 -18.02
CA LEU A 120 -7.37 8.58 -16.94
C LEU A 120 -7.01 9.25 -15.62
N GLY A 121 -7.99 9.35 -14.73
CA GLY A 121 -7.75 9.95 -13.43
C GLY A 121 -7.75 8.90 -12.35
N TYR A 122 -7.77 9.32 -11.10
CA TYR A 122 -7.76 8.37 -10.00
C TYR A 122 -9.17 7.94 -9.66
N GLU A 123 -10.09 8.85 -9.89
CA GLU A 123 -11.49 8.65 -9.66
C GLU A 123 -12.05 7.51 -10.53
N ASP A 124 -11.43 7.27 -11.67
CA ASP A 124 -11.88 6.22 -12.59
C ASP A 124 -11.09 4.92 -12.37
N VAL A 125 -10.09 4.95 -11.48
CA VAL A 125 -9.28 3.76 -11.21
C VAL A 125 -9.35 3.30 -9.75
N ILE A 126 -9.03 4.20 -8.83
CA ILE A 126 -8.98 3.90 -7.41
C ILE A 126 -10.25 3.22 -6.88
N PRO A 127 -11.47 3.78 -7.08
CA PRO A 127 -12.69 3.13 -6.60
C PRO A 127 -12.83 1.68 -7.11
N GLU A 128 -12.17 1.35 -8.23
CA GLU A 128 -12.21 -0.02 -8.77
C GLU A 128 -11.32 -0.92 -7.90
N ALA A 129 -10.10 -0.45 -7.63
CA ALA A 129 -9.15 -1.19 -6.81
C ALA A 129 -9.69 -1.44 -5.40
N ASP A 130 -10.46 -0.48 -4.90
CA ASP A 130 -11.05 -0.59 -3.56
C ASP A 130 -12.11 -1.68 -3.52
N ARG A 131 -12.81 -1.89 -4.64
CA ARG A 131 -13.85 -2.91 -4.74
C ARG A 131 -13.28 -4.31 -4.54
N GLU A 132 -12.28 -4.64 -5.34
CA GLU A 132 -11.66 -5.97 -5.32
C GLU A 132 -10.91 -6.22 -4.01
N GLY A 133 -10.74 -5.17 -3.21
CA GLY A 133 -10.08 -5.32 -1.93
C GLY A 133 -8.58 -5.23 -2.01
N VAL A 134 -8.08 -4.52 -3.01
CA VAL A 134 -6.64 -4.37 -3.19
C VAL A 134 -6.14 -3.20 -2.33
N ILE A 135 -5.34 -3.52 -1.32
CA ILE A 135 -4.78 -2.48 -0.46
C ILE A 135 -3.52 -1.93 -1.11
N ARG A 136 -3.31 -0.62 -1.04
CA ARG A 136 -2.14 -0.03 -1.68
C ARG A 136 -1.24 0.74 -0.71
N TYR A 137 0.02 0.85 -1.12
CA TYR A 137 1.05 1.59 -0.40
C TYR A 137 1.79 2.40 -1.46
N VAL A 138 2.04 3.67 -1.20
CA VAL A 138 2.73 4.50 -2.16
C VAL A 138 3.99 5.11 -1.58
N ILE A 139 5.01 5.23 -2.42
CA ILE A 139 6.26 5.81 -2.01
C ILE A 139 6.59 7.03 -2.88
N GLY A 140 6.68 8.18 -2.24
CA GLY A 140 6.99 9.40 -2.95
C GLY A 140 8.49 9.68 -2.95
N VAL A 141 9.06 9.82 -4.15
CA VAL A 141 10.49 10.07 -4.27
C VAL A 141 10.77 11.28 -5.16
N GLY A 142 11.28 12.36 -4.59
CA GLY A 142 11.61 13.51 -5.41
C GLY A 142 10.94 14.81 -5.01
N ASP A 143 11.36 15.87 -5.69
CA ASP A 143 10.85 17.23 -5.47
C ASP A 143 9.35 17.34 -5.71
N ALA A 144 8.84 16.45 -6.57
CA ALA A 144 7.43 16.47 -6.94
C ALA A 144 6.51 16.19 -5.76
N PHE A 145 7.02 15.59 -4.70
CA PHE A 145 6.18 15.27 -3.55
C PHE A 145 6.59 16.04 -2.30
N ARG A 146 7.17 17.22 -2.50
CA ARG A 146 7.58 18.05 -1.36
C ARG A 146 6.45 18.98 -0.93
N SER A 147 5.46 19.17 -1.79
CA SER A 147 4.34 20.04 -1.48
C SER A 147 3.14 19.23 -1.01
N GLU A 148 2.39 19.78 -0.06
CA GLU A 148 1.22 19.10 0.47
C GLU A 148 0.14 18.94 -0.59
N LYS A 149 0.18 19.77 -1.63
CA LYS A 149 -0.80 19.67 -2.70
C LYS A 149 -0.53 18.43 -3.55
N SER A 150 0.75 18.04 -3.62
CA SER A 150 1.15 16.87 -4.37
C SER A 150 0.98 15.62 -3.52
N ARG A 151 1.16 15.79 -2.22
CA ARG A 151 1.03 14.69 -1.28
C ARG A 151 -0.40 14.13 -1.31
N GLN A 152 -1.36 14.99 -1.65
CA GLN A 152 -2.76 14.60 -1.72
C GLN A 152 -2.99 13.49 -2.73
N GLU A 153 -2.29 13.56 -3.86
CA GLU A 153 -2.45 12.54 -4.89
C GLU A 153 -1.89 11.21 -4.40
N LEU A 154 -0.90 11.27 -3.52
CA LEU A 154 -0.30 10.08 -2.95
C LEU A 154 -1.32 9.41 -2.04
N ASN A 155 -2.09 10.25 -1.35
CA ASN A 155 -3.12 9.80 -0.43
C ASN A 155 -4.29 9.20 -1.21
N THR A 156 -4.35 9.52 -2.50
CA THR A 156 -5.41 9.02 -3.37
C THR A 156 -5.01 7.65 -3.92
N ILE A 157 -3.73 7.49 -4.22
CA ILE A 157 -3.21 6.24 -4.75
C ILE A 157 -3.23 5.15 -3.68
N ALA A 158 -2.78 5.50 -2.49
CA ALA A 158 -2.73 4.57 -1.39
C ALA A 158 -4.09 4.46 -0.70
N SER A 159 -4.19 3.55 0.26
CA SER A 159 -5.42 3.35 1.01
C SER A 159 -5.36 4.08 2.34
N LYS A 160 -6.52 4.38 2.91
CA LYS A 160 -6.59 5.06 4.19
C LYS A 160 -6.12 4.15 5.32
N PRO A 161 -5.46 4.69 6.34
CA PRO A 161 -5.12 6.11 6.44
C PRO A 161 -3.79 6.44 5.74
N PRO A 162 -3.63 7.68 5.26
CA PRO A 162 -2.40 8.12 4.58
C PRO A 162 -1.18 7.99 5.49
N ARG A 163 -1.38 8.18 6.78
CA ARG A 163 -0.29 8.08 7.76
C ARG A 163 0.07 6.62 8.05
N ASP A 164 -0.35 5.72 7.17
CA ASP A 164 -0.08 4.29 7.33
C ASP A 164 0.29 3.65 5.99
N HIS A 165 -0.08 4.29 4.89
CA HIS A 165 0.18 3.72 3.57
C HIS A 165 0.95 4.68 2.65
N VAL A 166 1.39 5.82 3.18
CA VAL A 166 2.12 6.77 2.35
C VAL A 166 3.52 7.01 2.90
N PHE A 167 4.51 6.66 2.11
CA PHE A 167 5.91 6.84 2.49
C PHE A 167 6.54 7.89 1.61
N GLN A 168 7.44 8.68 2.17
CA GLN A 168 8.12 9.72 1.43
C GLN A 168 9.63 9.60 1.62
N VAL A 169 10.36 9.74 0.54
CA VAL A 169 11.80 9.65 0.58
C VAL A 169 12.40 10.76 -0.28
N ASN A 170 13.54 11.29 0.13
CA ASN A 170 14.18 12.39 -0.59
C ASN A 170 15.02 11.91 -1.77
N ASN A 171 15.63 10.74 -1.65
CA ASN A 171 16.45 10.18 -2.72
C ASN A 171 16.26 8.67 -2.80
N PHE A 172 16.56 8.10 -3.96
CA PHE A 172 16.40 6.66 -4.19
C PHE A 172 17.31 5.81 -3.31
N GLU A 173 18.39 6.40 -2.80
CA GLU A 173 19.30 5.66 -1.95
C GLU A 173 18.70 5.47 -0.56
N ALA A 174 18.01 6.50 -0.08
CA ALA A 174 17.38 6.47 1.24
C ALA A 174 16.21 5.48 1.30
N LEU A 175 15.92 4.82 0.19
CA LEU A 175 14.83 3.84 0.14
C LEU A 175 15.17 2.65 1.03
N LYS A 176 16.46 2.42 1.22
CA LYS A 176 16.93 1.31 2.03
C LYS A 176 16.50 1.47 3.49
N THR A 177 16.37 2.70 3.93
CA THR A 177 15.99 3.01 5.31
C THR A 177 14.49 2.76 5.57
N ILE A 178 13.67 2.84 4.53
CA ILE A 178 12.22 2.64 4.69
C ILE A 178 11.84 1.16 4.53
N GLN A 179 12.80 0.33 4.14
CA GLN A 179 12.57 -1.10 3.94
C GLN A 179 12.04 -1.78 5.20
N ASN A 180 12.54 -1.34 6.36
CA ASN A 180 12.13 -1.90 7.64
C ASN A 180 10.64 -1.67 7.91
N GLN A 181 10.21 -0.41 7.90
CA GLN A 181 8.82 -0.07 8.19
C GLN A 181 7.87 -0.71 7.17
N LEU A 182 8.28 -0.71 5.91
CA LEU A 182 7.48 -1.29 4.84
C LEU A 182 7.24 -2.78 5.12
N ARG A 183 8.29 -3.47 5.53
CA ARG A 183 8.20 -4.89 5.83
C ARG A 183 7.24 -5.16 6.98
N GLU A 184 7.34 -4.36 8.03
CA GLU A 184 6.49 -4.51 9.20
C GLU A 184 5.03 -4.21 8.90
N LYS A 185 4.80 -3.11 8.18
CA LYS A 185 3.44 -2.69 7.85
C LYS A 185 2.79 -3.55 6.78
N ILE A 186 3.59 -4.36 6.08
CA ILE A 186 3.04 -5.24 5.06
C ILE A 186 2.71 -6.60 5.67
N PHE A 187 3.27 -6.86 6.85
CA PHE A 187 3.02 -8.12 7.55
C PHE A 187 1.90 -7.94 8.56
N ALA A 188 1.67 -6.70 8.96
CA ALA A 188 0.62 -6.39 9.92
C ALA A 188 -0.75 -6.45 9.25
N ILE A 189 -1.43 -7.57 9.41
CA ILE A 189 -2.75 -7.76 8.83
C ILE A 189 -3.83 -7.03 9.65
N GLU A 190 -3.52 -6.80 10.93
CA GLU A 190 -4.44 -6.12 11.83
C GLU A 190 -3.63 -5.38 12.90
N GLY A 191 -4.28 -4.45 13.58
CA GLY A 191 -3.63 -3.69 14.62
C GLY A 191 -3.41 -4.51 15.87
N THR A 192 -2.17 -4.91 16.10
CA THR A 192 -1.82 -5.71 17.27
C THR A 192 -1.84 -4.85 18.54
N GLN A 193 -1.46 -5.45 19.66
CA GLN A 193 -1.43 -4.76 20.94
C GLN A 193 -0.03 -4.82 21.54
N THR A 194 0.26 -3.90 22.44
CA THR A 194 1.56 -3.85 23.10
C THR A 194 1.51 -4.56 24.44
N GLY B 1 -34.24 -0.39 54.45
CA GLY B 1 -33.15 -0.10 53.55
C GLY B 1 -31.99 -1.06 53.72
N LYS B 2 -30.81 -0.64 53.29
CA LYS B 2 -29.61 -1.45 53.41
C LYS B 2 -28.54 -0.69 54.15
N LYS B 3 -28.05 0.37 53.52
CA LYS B 3 -27.02 1.22 54.10
C LYS B 3 -26.69 2.36 53.14
N GLU B 4 -26.64 3.58 53.67
CA GLU B 4 -26.30 4.74 52.86
C GLU B 4 -24.90 4.54 52.31
N LYS B 5 -24.78 4.54 51.00
CA LYS B 5 -23.49 4.30 50.37
C LYS B 5 -23.11 5.40 49.37
N PRO B 6 -22.26 6.34 49.81
CA PRO B 6 -21.80 7.42 48.96
C PRO B 6 -20.51 7.02 48.22
N GLU B 7 -19.69 8.00 47.88
CA GLU B 7 -18.45 7.73 47.19
C GLU B 7 -17.41 7.12 48.14
N LYS B 8 -17.41 5.80 48.21
CA LYS B 8 -16.48 5.07 49.07
C LYS B 8 -15.09 5.00 48.44
N LYS B 9 -15.06 4.75 47.14
CA LYS B 9 -13.81 4.66 46.40
C LYS B 9 -14.08 4.59 44.90
N VAL B 10 -13.20 5.18 44.13
CA VAL B 10 -13.33 5.19 42.68
C VAL B 10 -12.87 3.85 42.10
N LYS B 11 -13.43 3.48 40.95
CA LYS B 11 -13.06 2.23 40.30
C LYS B 11 -11.77 2.44 39.53
N LYS B 12 -10.94 1.41 39.46
CA LYS B 12 -9.68 1.50 38.74
C LYS B 12 -9.89 1.18 37.26
N SER B 13 -9.37 0.04 36.82
CA SER B 13 -9.48 -0.36 35.41
C SER B 13 -8.65 0.60 34.55
N ASP B 14 -8.98 0.70 33.27
CA ASP B 14 -8.27 1.60 32.38
C ASP B 14 -8.75 3.03 32.60
N CYS B 15 -8.10 3.98 31.96
CA CYS B 15 -8.46 5.39 32.11
C CYS B 15 -9.76 5.69 31.37
N GLY B 16 -10.25 4.70 30.64
CA GLY B 16 -11.49 4.85 29.90
C GLY B 16 -11.70 3.70 28.96
N GLU B 17 -12.89 3.59 28.39
CA GLU B 17 -13.18 2.51 27.47
C GLU B 17 -12.69 2.87 26.07
N TRP B 18 -12.62 1.87 25.20
CA TRP B 18 -12.16 2.09 23.84
C TRP B 18 -13.20 2.82 23.02
N GLN B 19 -12.74 3.68 22.11
CA GLN B 19 -13.63 4.45 21.26
C GLN B 19 -14.07 3.60 20.08
N TRP B 20 -15.38 3.55 19.85
CA TRP B 20 -15.92 2.75 18.76
C TRP B 20 -16.35 3.63 17.59
N SER B 21 -15.56 3.58 16.53
CA SER B 21 -15.86 4.34 15.32
C SER B 21 -16.69 3.49 14.37
N VAL B 22 -17.29 4.13 13.38
CA VAL B 22 -18.12 3.43 12.40
C VAL B 22 -17.28 3.10 11.16
N CYS B 23 -17.69 2.05 10.45
CA CYS B 23 -16.99 1.64 9.24
C CYS B 23 -17.26 2.61 8.09
N VAL B 24 -16.34 3.53 7.88
CA VAL B 24 -16.47 4.49 6.80
C VAL B 24 -15.77 3.98 5.54
N PRO B 25 -16.55 3.59 4.51
CA PRO B 25 -16.01 3.07 3.26
C PRO B 25 -15.18 4.10 2.48
N THR B 26 -14.31 3.60 1.62
CA THR B 26 -13.47 4.47 0.81
C THR B 26 -14.12 4.70 -0.56
N SER B 27 -14.94 3.74 -0.97
CA SER B 27 -15.62 3.81 -2.24
C SER B 27 -17.10 3.48 -2.05
N GLY B 28 -17.97 4.25 -2.70
CA GLY B 28 -19.39 4.02 -2.60
C GLY B 28 -19.81 2.75 -3.32
N ASP B 29 -19.33 2.61 -4.55
CA ASP B 29 -19.63 1.45 -5.38
C ASP B 29 -18.76 0.27 -4.94
N CYS B 30 -18.84 -0.06 -3.65
CA CYS B 30 -18.08 -1.14 -3.05
C CYS B 30 -16.61 -0.75 -2.87
N GLY B 31 -16.09 -0.98 -1.67
CA GLY B 31 -14.71 -0.67 -1.38
C GLY B 31 -14.32 -1.07 0.03
N LEU B 32 -13.11 -0.71 0.42
CA LEU B 32 -12.60 -1.04 1.75
C LEU B 32 -13.04 0.04 2.74
N GLY B 33 -12.96 -0.27 4.02
CA GLY B 33 -13.34 0.68 5.04
C GLY B 33 -12.32 0.76 6.14
N THR B 34 -12.40 1.79 6.96
CA THR B 34 -11.44 1.96 8.05
C THR B 34 -12.14 2.31 9.35
N ARG B 35 -11.46 2.02 10.46
CA ARG B 35 -11.94 2.30 11.80
C ARG B 35 -10.76 2.71 12.68
N GLU B 36 -10.95 3.66 13.57
CA GLU B 36 -9.88 4.07 14.45
C GLU B 36 -10.41 4.38 15.85
N GLY B 37 -9.67 3.90 16.84
CA GLY B 37 -10.04 4.12 18.22
C GLY B 37 -8.81 4.45 19.04
N THR B 38 -8.95 5.40 19.96
CA THR B 38 -7.82 5.79 20.78
C THR B 38 -8.15 5.72 22.27
N ARG B 39 -7.11 5.49 23.06
CA ARG B 39 -7.25 5.41 24.50
C ARG B 39 -6.27 6.38 25.16
N THR B 40 -6.78 7.22 26.03
CA THR B 40 -5.97 8.22 26.73
C THR B 40 -6.24 8.18 28.22
N GLY B 41 -5.41 8.88 29.00
CA GLY B 41 -5.60 8.93 30.43
C GLY B 41 -4.43 9.57 31.12
N ALA B 42 -4.39 9.44 32.44
CA ALA B 42 -3.31 10.02 33.23
C ALA B 42 -2.06 9.16 33.12
N GLU B 43 -2.18 7.89 33.48
CA GLU B 43 -1.06 6.98 33.40
C GLU B 43 -1.13 6.18 32.10
N CYS B 44 -2.33 6.08 31.54
CA CYS B 44 -2.55 5.37 30.30
C CYS B 44 -1.97 6.17 29.13
N LYS B 45 -1.18 5.50 28.30
CA LYS B 45 -0.55 6.16 27.16
C LYS B 45 -1.51 6.23 25.98
N GLN B 46 -1.22 7.11 25.04
CA GLN B 46 -2.05 7.28 23.86
C GLN B 46 -2.01 6.03 22.98
N THR B 47 -2.96 5.14 23.21
CA THR B 47 -3.04 3.91 22.44
C THR B 47 -3.92 4.12 21.22
N MET B 48 -3.38 3.86 20.04
CA MET B 48 -4.12 4.04 18.80
C MET B 48 -4.38 2.71 18.11
N LYS B 49 -5.57 2.57 17.57
CA LYS B 49 -5.95 1.36 16.86
C LYS B 49 -6.64 1.72 15.55
N THR B 50 -6.19 1.11 14.45
CA THR B 50 -6.76 1.36 13.14
C THR B 50 -7.11 0.04 12.46
N GLN B 51 -8.39 -0.25 12.38
CA GLN B 51 -8.87 -1.48 11.77
C GLN B 51 -9.39 -1.23 10.36
N ARG B 52 -9.70 -2.30 9.65
CA ARG B 52 -10.20 -2.21 8.29
C ARG B 52 -11.54 -2.94 8.17
N CYS B 53 -12.50 -2.29 7.54
CA CYS B 53 -13.83 -2.85 7.38
C CYS B 53 -14.06 -3.32 5.94
N LYS B 54 -15.09 -4.14 5.75
CA LYS B 54 -15.42 -4.65 4.42
C LYS B 54 -16.89 -4.34 4.10
N ILE B 55 -17.13 -3.88 2.88
CA ILE B 55 -18.48 -3.57 2.43
C ILE B 55 -19.21 -4.86 2.02
N PRO B 56 -20.51 -4.98 2.35
CA PRO B 56 -21.30 -6.17 2.00
C PRO B 56 -21.63 -6.27 0.51
N CYS B 57 -21.82 -5.11 -0.14
CA CYS B 57 -22.17 -5.05 -1.57
C CYS B 57 -23.52 -5.70 -1.84
N ASN B 58 -24.44 -5.53 -0.90
CA ASN B 58 -25.78 -6.10 -1.03
C ASN B 58 -26.60 -5.33 -2.07
N GLU A 1 -2.75 -17.81 -2.43
CA GLU A 1 -3.54 -18.24 -1.28
C GLU A 1 -3.27 -17.32 -0.10
N ASP A 2 -1.99 -17.08 0.17
CA ASP A 2 -1.59 -16.20 1.26
C ASP A 2 -1.77 -14.76 0.84
N SER A 3 -0.88 -14.27 -0.01
CA SER A 3 -0.93 -12.90 -0.50
C SER A 3 -0.29 -12.77 -1.87
N ASP A 4 -0.80 -11.83 -2.64
CA ASP A 4 -0.29 -11.53 -3.96
C ASP A 4 0.20 -10.08 -3.95
N ILE A 5 1.50 -9.90 -3.97
CA ILE A 5 2.06 -8.55 -3.92
C ILE A 5 2.59 -8.11 -5.28
N ALA A 6 2.08 -6.99 -5.75
CA ALA A 6 2.50 -6.46 -7.03
C ALA A 6 3.24 -5.14 -6.84
N PHE A 7 4.31 -4.96 -7.60
CA PHE A 7 5.13 -3.76 -7.53
C PHE A 7 4.93 -2.91 -8.78
N LEU A 8 4.70 -1.62 -8.58
CA LEU A 8 4.52 -0.69 -9.69
C LEU A 8 5.63 0.35 -9.67
N ILE A 9 6.60 0.19 -10.56
CA ILE A 9 7.73 1.11 -10.62
C ILE A 9 7.60 2.06 -11.81
N ASP A 10 7.91 3.32 -11.57
CA ASP A 10 7.85 4.33 -12.60
C ASP A 10 9.06 4.23 -13.52
N GLY A 11 8.83 4.40 -14.81
CA GLY A 11 9.90 4.34 -15.78
C GLY A 11 10.06 5.65 -16.53
N SER A 12 9.56 6.72 -15.91
CA SER A 12 9.63 8.06 -16.49
C SER A 12 11.06 8.43 -16.89
N GLY A 13 11.18 9.43 -17.76
CA GLY A 13 12.47 9.85 -18.25
C GLY A 13 13.17 10.83 -17.32
N SER A 14 12.51 11.18 -16.22
CA SER A 14 13.09 12.10 -15.25
C SER A 14 14.09 11.37 -14.36
N ILE A 15 13.83 10.09 -14.12
CA ILE A 15 14.70 9.27 -13.30
C ILE A 15 15.94 8.86 -14.08
N ILE A 16 17.12 9.13 -13.52
CA ILE A 16 18.36 8.77 -14.17
C ILE A 16 18.63 7.28 -14.03
N PRO A 17 19.29 6.65 -15.02
CA PRO A 17 19.60 5.21 -15.01
C PRO A 17 20.27 4.74 -13.71
N HIS A 18 21.07 5.61 -13.09
CA HIS A 18 21.74 5.24 -11.84
C HIS A 18 20.73 5.17 -10.70
N ASP A 19 19.74 6.05 -10.71
CA ASP A 19 18.72 6.06 -9.69
C ASP A 19 17.72 4.95 -9.95
N PHE A 20 17.51 4.64 -11.23
CA PHE A 20 16.61 3.56 -11.61
C PHE A 20 17.17 2.25 -11.07
N ARG A 21 18.49 2.20 -10.95
CA ARG A 21 19.17 1.03 -10.41
C ARG A 21 18.86 0.91 -8.92
N ARG A 22 18.89 2.04 -8.22
CA ARG A 22 18.59 2.06 -6.80
C ARG A 22 17.18 1.56 -6.56
N MET A 23 16.30 1.84 -7.51
CA MET A 23 14.91 1.42 -7.45
C MET A 23 14.80 -0.09 -7.59
N LYS A 24 15.53 -0.66 -8.55
CA LYS A 24 15.48 -2.10 -8.77
C LYS A 24 16.16 -2.84 -7.63
N GLU A 25 17.12 -2.18 -6.97
CA GLU A 25 17.80 -2.78 -5.81
C GLU A 25 16.81 -2.87 -4.66
N PHE A 26 15.96 -1.86 -4.57
CA PHE A 26 14.96 -1.76 -3.52
C PHE A 26 13.91 -2.85 -3.68
N VAL A 27 13.30 -2.91 -4.84
CA VAL A 27 12.25 -3.89 -5.09
C VAL A 27 12.74 -5.34 -4.92
N SER A 28 14.00 -5.61 -5.28
CA SER A 28 14.53 -6.97 -5.15
C SER A 28 14.78 -7.31 -3.69
N THR A 29 15.38 -6.38 -2.96
CA THR A 29 15.67 -6.59 -1.54
C THR A 29 14.38 -6.71 -0.74
N VAL A 30 13.39 -5.90 -1.10
CA VAL A 30 12.09 -5.95 -0.43
C VAL A 30 11.39 -7.26 -0.76
N MET A 31 11.51 -7.68 -2.00
CA MET A 31 10.90 -8.92 -2.47
C MET A 31 11.45 -10.13 -1.71
N GLU A 32 12.75 -10.09 -1.41
CA GLU A 32 13.40 -11.19 -0.70
C GLU A 32 12.88 -11.33 0.73
N GLN A 33 12.86 -10.23 1.47
CA GLN A 33 12.41 -10.26 2.85
C GLN A 33 10.90 -10.48 2.97
N LEU A 34 10.21 -10.48 1.83
CA LEU A 34 8.76 -10.70 1.81
C LEU A 34 8.44 -12.00 1.08
N LYS A 35 9.45 -12.78 0.78
CA LYS A 35 9.28 -14.04 0.06
C LYS A 35 8.80 -15.15 0.99
N LYS A 36 7.50 -15.42 0.96
CA LYS A 36 6.93 -16.48 1.78
C LYS A 36 6.69 -17.74 0.94
N SER A 37 6.05 -18.74 1.52
CA SER A 37 5.78 -19.99 0.83
C SER A 37 4.53 -19.90 -0.04
N LYS A 38 3.63 -18.99 0.29
CA LYS A 38 2.40 -18.83 -0.46
C LYS A 38 2.24 -17.42 -0.99
N THR A 39 3.33 -16.67 -1.02
CA THR A 39 3.30 -15.31 -1.50
C THR A 39 4.02 -15.19 -2.84
N LEU A 40 3.31 -14.66 -3.82
CA LEU A 40 3.87 -14.48 -5.15
C LEU A 40 4.00 -13.01 -5.45
N PHE A 41 4.82 -12.66 -6.41
CA PHE A 41 5.03 -11.27 -6.76
C PHE A 41 4.85 -11.03 -8.25
N SER A 42 4.48 -9.81 -8.57
CA SER A 42 4.31 -9.39 -9.95
C SER A 42 4.79 -7.97 -10.07
N LEU A 43 5.31 -7.59 -11.23
CA LEU A 43 5.82 -6.24 -11.41
C LEU A 43 5.52 -5.70 -12.79
N MET A 44 5.04 -4.47 -12.82
CA MET A 44 4.73 -3.79 -14.07
C MET A 44 5.37 -2.41 -14.04
N GLN A 45 6.06 -2.08 -15.11
CA GLN A 45 6.70 -0.78 -15.23
C GLN A 45 5.82 0.13 -16.08
N TYR A 46 5.82 1.42 -15.78
CA TYR A 46 4.97 2.33 -16.51
C TYR A 46 5.60 3.70 -16.76
N SER A 47 5.19 4.29 -17.87
CA SER A 47 5.60 5.62 -18.28
C SER A 47 4.41 6.19 -19.05
N GLU A 48 4.34 5.92 -20.34
CA GLU A 48 3.16 6.26 -21.11
C GLU A 48 2.59 4.95 -21.61
N GLU A 49 3.48 3.97 -21.70
CA GLU A 49 3.15 2.62 -22.06
C GLU A 49 3.29 1.78 -20.79
N PHE A 50 3.01 0.48 -20.88
CA PHE A 50 3.12 -0.38 -19.72
C PHE A 50 3.77 -1.69 -20.12
N ARG A 51 4.74 -2.12 -19.33
CA ARG A 51 5.45 -3.35 -19.61
C ARG A 51 5.49 -4.26 -18.39
N ILE A 52 4.82 -5.40 -18.49
CA ILE A 52 4.83 -6.37 -17.42
C ILE A 52 6.16 -7.11 -17.47
N HIS A 53 6.83 -7.21 -16.34
CA HIS A 53 8.13 -7.87 -16.32
C HIS A 53 7.98 -9.32 -15.92
N PHE A 54 7.04 -9.58 -15.04
CA PHE A 54 6.77 -10.92 -14.57
C PHE A 54 5.45 -10.96 -13.83
N THR A 55 4.72 -12.04 -13.98
CA THR A 55 3.46 -12.21 -13.32
C THR A 55 3.59 -13.22 -12.19
N PHE A 56 2.54 -13.39 -11.40
CA PHE A 56 2.57 -14.32 -10.28
C PHE A 56 2.82 -15.76 -10.75
N LYS A 57 2.29 -16.11 -11.91
CA LYS A 57 2.44 -17.47 -12.44
C LYS A 57 3.89 -17.84 -12.73
N GLU A 58 4.68 -16.90 -13.24
CA GLU A 58 6.08 -17.20 -13.55
C GLU A 58 6.98 -17.03 -12.34
N PHE A 59 6.55 -16.21 -11.38
CA PHE A 59 7.34 -16.02 -10.16
C PHE A 59 7.28 -17.30 -9.33
N GLN A 60 6.23 -18.08 -9.57
CA GLN A 60 6.04 -19.35 -8.89
C GLN A 60 7.06 -20.35 -9.45
N ASN A 61 7.37 -20.19 -10.72
CA ASN A 61 8.33 -21.05 -11.40
C ASN A 61 9.76 -20.62 -11.06
N ASN A 62 9.95 -19.30 -11.01
CA ASN A 62 11.26 -18.73 -10.68
C ASN A 62 11.10 -17.74 -9.52
N PRO A 63 11.21 -18.24 -8.28
CA PRO A 63 11.04 -17.42 -7.08
C PRO A 63 12.29 -16.59 -6.73
N ASN A 64 13.08 -16.25 -7.74
CA ASN A 64 14.28 -15.46 -7.53
C ASN A 64 14.07 -14.06 -8.12
N PRO A 65 13.80 -13.07 -7.25
CA PRO A 65 13.54 -11.70 -7.69
C PRO A 65 14.75 -11.03 -8.34
N ARG A 66 15.95 -11.42 -7.92
CA ARG A 66 17.15 -10.80 -8.44
C ARG A 66 17.40 -11.16 -9.91
N SER A 67 16.90 -12.31 -10.35
CA SER A 67 17.10 -12.73 -11.73
C SER A 67 16.00 -12.19 -12.64
N LEU A 68 14.88 -11.77 -12.05
CA LEU A 68 13.77 -11.24 -12.82
C LEU A 68 13.78 -9.71 -12.82
N VAL A 69 14.47 -9.13 -11.85
CA VAL A 69 14.57 -7.68 -11.72
C VAL A 69 15.82 -7.14 -12.41
N LYS A 70 16.87 -7.95 -12.48
CA LYS A 70 18.12 -7.52 -13.10
C LYS A 70 17.95 -7.09 -14.57
N PRO A 71 17.28 -7.90 -15.43
CA PRO A 71 17.09 -7.56 -16.86
C PRO A 71 16.09 -6.43 -17.12
N ILE A 72 15.66 -5.77 -16.06
CA ILE A 72 14.72 -4.68 -16.18
C ILE A 72 15.40 -3.40 -16.63
N THR A 73 14.96 -2.86 -17.77
CA THR A 73 15.52 -1.63 -18.31
C THR A 73 14.45 -0.52 -18.29
N GLN A 74 14.88 0.72 -18.38
CA GLN A 74 13.97 1.87 -18.35
C GLN A 74 13.17 1.99 -19.65
N LEU A 75 11.98 2.56 -19.55
CA LEU A 75 11.11 2.74 -20.71
C LEU A 75 11.30 4.15 -21.29
N LEU A 76 11.30 5.14 -20.39
CA LEU A 76 11.48 6.56 -20.74
C LEU A 76 10.19 7.16 -21.30
N GLY A 77 9.78 8.28 -20.70
CA GLY A 77 8.58 8.96 -21.11
C GLY A 77 8.02 9.79 -19.96
N ARG A 78 6.71 9.95 -19.92
CA ARG A 78 6.07 10.70 -18.84
C ARG A 78 5.47 9.73 -17.82
N THR A 79 4.51 10.20 -17.02
CA THR A 79 3.91 9.36 -16.00
C THR A 79 2.45 9.03 -16.30
N HIS A 80 2.09 7.75 -16.15
CA HIS A 80 0.73 7.26 -16.36
C HIS A 80 0.38 6.28 -15.26
N THR A 81 0.53 6.72 -14.02
CA THR A 81 0.27 5.87 -12.86
C THR A 81 -1.21 5.54 -12.67
N ALA A 82 -2.11 6.35 -13.25
CA ALA A 82 -3.54 6.07 -13.11
C ALA A 82 -3.93 4.88 -13.97
N THR A 83 -3.62 4.97 -15.26
CA THR A 83 -3.92 3.89 -16.18
C THR A 83 -3.08 2.66 -15.81
N GLY A 84 -1.94 2.91 -15.19
CA GLY A 84 -1.05 1.85 -14.76
C GLY A 84 -1.68 0.96 -13.71
N ILE A 85 -2.12 1.56 -12.61
CA ILE A 85 -2.75 0.78 -11.53
C ILE A 85 -4.03 0.12 -12.00
N ARG A 86 -4.68 0.71 -13.00
CA ARG A 86 -5.90 0.15 -13.55
C ARG A 86 -5.60 -1.20 -14.20
N LYS A 87 -4.46 -1.24 -14.88
CA LYS A 87 -4.03 -2.45 -15.57
C LYS A 87 -3.61 -3.51 -14.57
N VAL A 88 -3.18 -3.06 -13.40
CA VAL A 88 -2.75 -3.97 -12.35
C VAL A 88 -3.93 -4.77 -11.81
N VAL A 89 -5.01 -4.06 -11.51
CA VAL A 89 -6.21 -4.67 -10.96
C VAL A 89 -6.90 -5.58 -12.00
N ARG A 90 -6.73 -5.28 -13.28
CA ARG A 90 -7.39 -6.07 -14.32
C ARG A 90 -6.48 -7.14 -14.93
N GLU A 91 -5.20 -6.86 -15.07
CA GLU A 91 -4.26 -7.80 -15.70
C GLU A 91 -3.35 -8.50 -14.69
N LEU A 92 -2.59 -7.74 -13.92
CA LEU A 92 -1.65 -8.32 -12.96
C LEU A 92 -2.37 -9.20 -11.95
N PHE A 93 -3.49 -8.72 -11.44
CA PHE A 93 -4.26 -9.46 -10.46
C PHE A 93 -5.28 -10.39 -11.11
N ASN A 94 -5.02 -10.78 -12.36
CA ASN A 94 -5.91 -11.68 -13.08
C ASN A 94 -5.54 -13.13 -12.79
N ILE A 95 -6.55 -13.98 -12.65
CA ILE A 95 -6.35 -15.39 -12.34
C ILE A 95 -5.46 -16.09 -13.37
N THR A 96 -5.69 -15.79 -14.64
CA THR A 96 -4.93 -16.39 -15.73
C THR A 96 -3.47 -15.94 -15.74
N ASN A 97 -3.15 -14.93 -14.92
CA ASN A 97 -1.80 -14.42 -14.85
C ASN A 97 -1.09 -14.97 -13.61
N GLY A 98 -1.77 -15.87 -12.90
CA GLY A 98 -1.18 -16.49 -11.73
C GLY A 98 -1.73 -15.94 -10.42
N ALA A 99 -2.56 -14.90 -10.50
CA ALA A 99 -3.14 -14.32 -9.31
C ALA A 99 -4.15 -15.27 -8.69
N ARG A 100 -4.05 -15.46 -7.39
CA ARG A 100 -4.94 -16.36 -6.68
C ARG A 100 -6.16 -15.61 -6.13
N LYS A 101 -7.28 -16.28 -6.04
CA LYS A 101 -8.48 -15.67 -5.50
C LYS A 101 -8.55 -15.93 -4.00
N ASN A 102 -9.15 -14.99 -3.28
CA ASN A 102 -9.31 -15.07 -1.81
C ASN A 102 -8.01 -14.73 -1.11
N ALA A 103 -6.95 -14.50 -1.87
CA ALA A 103 -5.65 -14.16 -1.31
C ALA A 103 -5.53 -12.66 -1.14
N PHE A 104 -4.83 -12.24 -0.10
CA PHE A 104 -4.63 -10.82 0.17
C PHE A 104 -3.82 -10.17 -0.94
N LYS A 105 -4.39 -9.17 -1.57
CA LYS A 105 -3.72 -8.49 -2.66
C LYS A 105 -3.26 -7.11 -2.24
N ILE A 106 -1.95 -6.91 -2.27
CA ILE A 106 -1.34 -5.64 -1.89
C ILE A 106 -0.55 -5.07 -3.06
N LEU A 107 -0.67 -3.76 -3.26
CA LEU A 107 0.00 -3.09 -4.34
C LEU A 107 0.87 -1.95 -3.84
N VAL A 108 2.10 -1.88 -4.32
CA VAL A 108 3.02 -0.83 -3.92
C VAL A 108 3.46 -0.04 -5.16
N VAL A 109 3.34 1.28 -5.07
CA VAL A 109 3.69 2.14 -6.19
C VAL A 109 4.87 3.05 -5.85
N ILE A 110 5.81 3.15 -6.78
CA ILE A 110 6.99 4.00 -6.61
C ILE A 110 7.10 4.96 -7.78
N THR A 111 6.85 6.24 -7.53
CA THR A 111 6.91 7.24 -8.58
C THR A 111 7.76 8.44 -8.14
N ASP A 112 8.24 9.21 -9.11
CA ASP A 112 9.08 10.38 -8.83
C ASP A 112 8.39 11.69 -9.18
N GLY A 113 7.32 11.63 -9.96
CA GLY A 113 6.65 12.86 -10.36
C GLY A 113 5.14 12.75 -10.41
N GLU A 114 4.48 13.90 -10.42
CA GLU A 114 3.03 13.97 -10.48
C GLU A 114 2.53 13.40 -11.81
N LYS A 115 1.36 12.77 -11.79
CA LYS A 115 0.77 12.16 -12.97
C LYS A 115 0.53 13.19 -14.08
N PHE A 116 1.35 13.13 -15.14
CA PHE A 116 1.24 14.07 -16.25
C PHE A 116 1.03 13.37 -17.60
N GLY A 117 -0.03 13.76 -18.30
CA GLY A 117 -0.30 13.20 -19.62
C GLY A 117 -1.16 11.96 -19.59
N ASP A 118 -1.66 11.61 -18.42
CA ASP A 118 -2.49 10.43 -18.26
C ASP A 118 -3.94 10.78 -18.58
N PRO A 119 -4.53 10.15 -19.60
CA PRO A 119 -5.92 10.40 -20.01
C PRO A 119 -6.92 9.97 -18.94
N LEU A 120 -6.47 9.09 -18.05
CA LEU A 120 -7.32 8.60 -16.98
C LEU A 120 -6.96 9.28 -15.65
N GLY A 121 -7.95 9.40 -14.78
CA GLY A 121 -7.73 9.99 -13.49
C GLY A 121 -7.72 8.94 -12.41
N TYR A 122 -7.76 9.36 -11.16
CA TYR A 122 -7.74 8.42 -10.06
C TYR A 122 -9.15 8.00 -9.70
N GLU A 123 -10.07 8.90 -9.96
CA GLU A 123 -11.49 8.71 -9.73
C GLU A 123 -12.03 7.55 -10.57
N ASP A 124 -11.41 7.32 -11.72
CA ASP A 124 -11.83 6.26 -12.64
C ASP A 124 -11.02 4.98 -12.42
N VAL A 125 -10.08 4.99 -11.47
CA VAL A 125 -9.26 3.80 -11.22
C VAL A 125 -9.29 3.35 -9.75
N ILE A 126 -9.02 4.27 -8.84
CA ILE A 126 -8.96 3.96 -7.40
C ILE A 126 -10.23 3.26 -6.87
N PRO A 127 -11.45 3.81 -7.07
CA PRO A 127 -12.69 3.16 -6.61
C PRO A 127 -12.83 1.72 -7.15
N GLU A 128 -12.07 1.40 -8.20
CA GLU A 128 -12.10 0.06 -8.79
C GLU A 128 -11.20 -0.85 -7.95
N ALA A 129 -10.01 -0.36 -7.63
CA ALA A 129 -9.04 -1.10 -6.82
C ALA A 129 -9.60 -1.39 -5.43
N ASP A 130 -10.37 -0.44 -4.91
CA ASP A 130 -11.00 -0.57 -3.60
C ASP A 130 -12.06 -1.66 -3.62
N ARG A 131 -12.67 -1.86 -4.79
CA ARG A 131 -13.72 -2.87 -4.94
C ARG A 131 -13.17 -4.28 -4.74
N GLU A 132 -12.02 -4.57 -5.34
CA GLU A 132 -11.40 -5.89 -5.22
C GLU A 132 -10.69 -6.06 -3.88
N GLY A 133 -10.73 -5.01 -3.07
CA GLY A 133 -10.09 -5.06 -1.76
C GLY A 133 -8.58 -4.98 -1.83
N VAL A 134 -8.07 -4.42 -2.91
CA VAL A 134 -6.63 -4.28 -3.07
C VAL A 134 -6.09 -3.12 -2.25
N ILE A 135 -5.34 -3.43 -1.20
CA ILE A 135 -4.77 -2.39 -0.36
C ILE A 135 -3.48 -1.90 -1.00
N ARG A 136 -3.30 -0.59 -1.05
CA ARG A 136 -2.11 -0.03 -1.69
C ARG A 136 -1.22 0.76 -0.75
N TYR A 137 0.04 0.84 -1.12
CA TYR A 137 1.06 1.59 -0.42
C TYR A 137 1.82 2.40 -1.47
N VAL A 138 2.02 3.68 -1.24
CA VAL A 138 2.71 4.51 -2.22
C VAL A 138 3.97 5.13 -1.65
N ILE A 139 4.98 5.23 -2.49
CA ILE A 139 6.25 5.83 -2.09
C ILE A 139 6.57 7.01 -2.99
N GLY A 140 6.55 8.19 -2.41
CA GLY A 140 6.87 9.39 -3.16
C GLY A 140 8.36 9.66 -3.13
N VAL A 141 8.95 9.86 -4.30
CA VAL A 141 10.39 10.09 -4.39
C VAL A 141 10.72 11.33 -5.21
N GLY A 142 11.26 12.36 -4.58
CA GLY A 142 11.65 13.53 -5.33
C GLY A 142 10.94 14.83 -4.95
N ASP A 143 11.36 15.89 -5.63
CA ASP A 143 10.85 17.24 -5.42
C ASP A 143 9.35 17.33 -5.67
N ALA A 144 8.84 16.46 -6.53
CA ALA A 144 7.44 16.46 -6.89
C ALA A 144 6.51 16.19 -5.70
N PHE A 145 7.03 15.62 -4.62
CA PHE A 145 6.19 15.31 -3.48
C PHE A 145 6.60 16.07 -2.22
N ARG A 146 7.19 17.24 -2.41
CA ARG A 146 7.61 18.07 -1.28
C ARG A 146 6.49 18.99 -0.84
N SER A 147 5.51 19.21 -1.72
CA SER A 147 4.39 20.08 -1.42
C SER A 147 3.19 19.27 -0.96
N GLU A 148 2.46 19.81 0.00
CA GLU A 148 1.29 19.15 0.55
C GLU A 148 0.20 18.98 -0.52
N LYS A 149 0.21 19.84 -1.54
CA LYS A 149 -0.79 19.74 -2.60
C LYS A 149 -0.51 18.50 -3.46
N SER A 150 0.75 18.11 -3.53
CA SER A 150 1.16 16.95 -4.30
C SER A 150 1.00 15.69 -3.45
N ARG A 151 1.16 15.85 -2.15
CA ARG A 151 1.03 14.74 -1.21
C ARG A 151 -0.39 14.18 -1.24
N GLN A 152 -1.35 15.05 -1.59
CA GLN A 152 -2.75 14.66 -1.65
C GLN A 152 -2.98 13.55 -2.68
N GLU A 153 -2.27 13.62 -3.80
CA GLU A 153 -2.41 12.61 -4.84
C GLU A 153 -1.86 11.28 -4.34
N LEU A 154 -0.86 11.33 -3.46
CA LEU A 154 -0.28 10.13 -2.89
C LEU A 154 -1.31 9.46 -2.00
N ASN A 155 -2.08 10.30 -1.30
CA ASN A 155 -3.12 9.84 -0.40
C ASN A 155 -4.30 9.26 -1.19
N THR A 156 -4.33 9.58 -2.48
CA THR A 156 -5.38 9.09 -3.36
C THR A 156 -4.99 7.72 -3.93
N ILE A 157 -3.71 7.55 -4.22
CA ILE A 157 -3.20 6.30 -4.77
C ILE A 157 -3.22 5.21 -3.71
N ALA A 158 -2.73 5.54 -2.52
CA ALA A 158 -2.68 4.59 -1.43
C ALA A 158 -4.03 4.47 -0.74
N SER A 159 -4.14 3.47 0.12
CA SER A 159 -5.39 3.26 0.86
C SER A 159 -5.33 3.99 2.20
N LYS A 160 -6.49 4.20 2.80
CA LYS A 160 -6.57 4.88 4.08
C LYS A 160 -6.15 3.95 5.22
N PRO A 161 -5.51 4.49 6.27
CA PRO A 161 -5.18 5.92 6.36
C PRO A 161 -3.86 6.25 5.67
N PRO A 162 -3.71 7.49 5.17
CA PRO A 162 -2.48 7.93 4.49
C PRO A 162 -1.25 7.79 5.37
N ARG A 163 -1.42 7.99 6.68
CA ARG A 163 -0.32 7.89 7.63
C ARG A 163 0.06 6.43 7.90
N ASP A 164 -0.49 5.53 7.09
CA ASP A 164 -0.21 4.10 7.23
C ASP A 164 0.16 3.48 5.89
N HIS A 165 -0.13 4.19 4.79
CA HIS A 165 0.15 3.65 3.47
C HIS A 165 0.94 4.60 2.57
N VAL A 166 1.26 5.79 3.08
CA VAL A 166 2.00 6.76 2.28
C VAL A 166 3.39 7.00 2.84
N PHE A 167 4.39 6.66 2.03
CA PHE A 167 5.77 6.85 2.41
C PHE A 167 6.40 7.93 1.52
N GLN A 168 7.32 8.70 2.09
CA GLN A 168 7.97 9.75 1.33
C GLN A 168 9.48 9.66 1.51
N VAL A 169 10.19 9.74 0.40
CA VAL A 169 11.63 9.69 0.42
C VAL A 169 12.19 10.81 -0.47
N ASN A 170 13.33 11.37 -0.07
CA ASN A 170 13.91 12.49 -0.83
C ASN A 170 14.74 12.02 -2.01
N ASN A 171 15.31 10.82 -1.93
CA ASN A 171 16.11 10.29 -3.02
C ASN A 171 15.99 8.77 -3.08
N PHE A 172 16.28 8.20 -4.25
CA PHE A 172 16.18 6.76 -4.46
C PHE A 172 17.13 5.95 -3.58
N GLU A 173 18.20 6.56 -3.12
CA GLU A 173 19.16 5.86 -2.28
C GLU A 173 18.58 5.65 -0.89
N ALA A 174 17.84 6.65 -0.42
CA ALA A 174 17.21 6.61 0.89
C ALA A 174 16.06 5.61 0.96
N LEU A 175 15.78 4.94 -0.15
CA LEU A 175 14.71 3.94 -0.18
C LEU A 175 15.05 2.77 0.72
N LYS A 176 16.35 2.56 0.92
CA LYS A 176 16.83 1.46 1.76
C LYS A 176 16.39 1.63 3.23
N THR A 177 16.27 2.88 3.67
CA THR A 177 15.87 3.16 5.04
C THR A 177 14.39 2.90 5.31
N ILE A 178 13.58 2.88 4.26
CA ILE A 178 12.14 2.65 4.42
C ILE A 178 11.78 1.18 4.26
N GLN A 179 12.77 0.37 3.88
CA GLN A 179 12.57 -1.06 3.66
C GLN A 179 12.03 -1.75 4.93
N ASN A 180 12.51 -1.31 6.08
CA ASN A 180 12.11 -1.89 7.36
C ASN A 180 10.63 -1.69 7.64
N GLN A 181 10.20 -0.43 7.64
CA GLN A 181 8.80 -0.10 7.93
C GLN A 181 7.86 -0.72 6.90
N LEU A 182 8.25 -0.70 5.63
CA LEU A 182 7.42 -1.29 4.59
C LEU A 182 7.20 -2.78 4.87
N ARG A 183 8.27 -3.46 5.27
CA ARG A 183 8.21 -4.89 5.58
C ARG A 183 7.27 -5.17 6.76
N GLU A 184 7.38 -4.36 7.81
CA GLU A 184 6.56 -4.54 9.00
C GLU A 184 5.09 -4.25 8.71
N LYS A 185 4.82 -3.17 8.00
CA LYS A 185 3.45 -2.76 7.69
C LYS A 185 2.81 -3.63 6.62
N ILE A 186 3.60 -4.43 5.91
CA ILE A 186 3.04 -5.31 4.90
C ILE A 186 2.76 -6.67 5.50
N PHE A 187 3.37 -6.95 6.66
CA PHE A 187 3.16 -8.21 7.36
C PHE A 187 2.05 -8.06 8.39
N ALA A 188 1.83 -6.83 8.84
CA ALA A 188 0.80 -6.55 9.83
C ALA A 188 -0.59 -6.63 9.21
N ILE A 189 -1.22 -7.79 9.34
CA ILE A 189 -2.55 -8.00 8.81
C ILE A 189 -3.61 -7.69 9.88
N GLU A 190 -3.15 -7.54 11.11
CA GLU A 190 -4.02 -7.24 12.24
C GLU A 190 -3.23 -6.44 13.27
N GLY A 191 -3.93 -5.86 14.23
CA GLY A 191 -3.27 -5.07 15.26
C GLY A 191 -3.29 -5.77 16.60
N THR A 192 -4.32 -5.48 17.39
CA THR A 192 -4.50 -6.06 18.72
C THR A 192 -5.52 -5.24 19.51
N GLN A 193 -6.01 -5.82 20.60
CA GLN A 193 -6.99 -5.14 21.44
C GLN A 193 -6.31 -4.56 22.67
N THR A 194 -5.92 -5.42 23.58
CA THR A 194 -5.25 -4.99 24.81
C THR A 194 -3.75 -5.23 24.73
N GLY B 1 -33.53 -1.65 54.46
CA GLY B 1 -32.46 -1.25 53.55
C GLY B 1 -31.23 -2.10 53.73
N LYS B 2 -30.11 -1.60 53.22
CA LYS B 2 -28.84 -2.31 53.33
C LYS B 2 -27.84 -1.45 54.06
N LYS B 3 -27.46 -0.34 53.42
CA LYS B 3 -26.51 0.59 53.99
C LYS B 3 -26.31 1.75 53.02
N GLU B 4 -26.35 2.97 53.55
CA GLU B 4 -26.13 4.16 52.74
C GLU B 4 -24.72 4.09 52.18
N LYS B 5 -24.61 4.08 50.86
CA LYS B 5 -23.32 3.96 50.21
C LYS B 5 -23.06 5.09 49.21
N PRO B 6 -22.29 6.10 49.61
CA PRO B 6 -21.94 7.21 48.76
C PRO B 6 -20.64 6.91 48.00
N GLU B 7 -19.90 7.96 47.66
CA GLU B 7 -18.63 7.80 46.95
C GLU B 7 -17.55 7.29 47.91
N LYS B 8 -17.41 5.96 47.97
CA LYS B 8 -16.42 5.34 48.83
C LYS B 8 -15.04 5.40 48.19
N LYS B 9 -15.00 5.13 46.89
CA LYS B 9 -13.74 5.14 46.14
C LYS B 9 -14.03 5.05 44.65
N VAL B 10 -13.20 5.71 43.86
CA VAL B 10 -13.35 5.70 42.41
C VAL B 10 -12.78 4.41 41.83
N LYS B 11 -13.32 3.97 40.70
CA LYS B 11 -12.84 2.76 40.05
C LYS B 11 -11.58 3.09 39.25
N LYS B 12 -10.66 2.14 39.18
CA LYS B 12 -9.42 2.35 38.45
C LYS B 12 -9.62 2.01 36.97
N SER B 13 -9.03 0.90 36.53
CA SER B 13 -9.12 0.48 35.13
C SER B 13 -8.39 1.48 34.25
N ASP B 14 -8.73 1.54 32.98
CA ASP B 14 -8.11 2.50 32.07
C ASP B 14 -8.71 3.88 32.30
N CYS B 15 -8.13 4.90 31.68
CA CYS B 15 -8.61 6.26 31.81
C CYS B 15 -9.94 6.43 31.09
N GLY B 16 -10.33 5.42 30.33
CA GLY B 16 -11.57 5.45 29.60
C GLY B 16 -11.71 4.27 28.68
N GLU B 17 -12.88 4.08 28.12
CA GLU B 17 -13.11 2.97 27.21
C GLU B 17 -12.67 3.35 25.80
N TRP B 18 -12.53 2.36 24.94
CA TRP B 18 -12.11 2.59 23.57
C TRP B 18 -13.22 3.24 22.75
N GLN B 19 -12.84 4.15 21.86
CA GLN B 19 -13.80 4.83 21.02
C GLN B 19 -14.19 3.96 19.84
N TRP B 20 -15.49 3.77 19.65
CA TRP B 20 -15.98 2.93 18.56
C TRP B 20 -16.50 3.77 17.40
N SER B 21 -15.75 3.75 16.31
CA SER B 21 -16.14 4.47 15.11
C SER B 21 -16.92 3.55 14.18
N VAL B 22 -17.53 4.12 13.16
CA VAL B 22 -18.31 3.34 12.21
C VAL B 22 -17.49 3.07 10.94
N CYS B 23 -17.79 1.98 10.25
CA CYS B 23 -17.07 1.62 9.03
C CYS B 23 -17.44 2.56 7.89
N VAL B 24 -16.62 3.57 7.66
CA VAL B 24 -16.86 4.51 6.57
C VAL B 24 -16.15 4.05 5.31
N PRO B 25 -16.92 3.61 4.29
CA PRO B 25 -16.36 3.12 3.03
C PRO B 25 -15.63 4.20 2.25
N THR B 26 -14.61 3.81 1.51
CA THR B 26 -13.84 4.74 0.70
C THR B 26 -14.51 4.94 -0.66
N SER B 27 -15.24 3.92 -1.08
CA SER B 27 -15.93 3.96 -2.35
C SER B 27 -17.39 3.56 -2.14
N GLY B 28 -18.30 4.41 -2.61
CA GLY B 28 -19.72 4.13 -2.46
C GLY B 28 -20.13 2.91 -3.25
N ASP B 29 -19.60 2.79 -4.47
CA ASP B 29 -19.90 1.67 -5.34
C ASP B 29 -18.96 0.50 -5.01
N CYS B 30 -19.04 0.06 -3.74
CA CYS B 30 -18.24 -1.03 -3.22
C CYS B 30 -16.77 -0.63 -3.06
N GLY B 31 -16.18 -0.98 -1.91
CA GLY B 31 -14.80 -0.66 -1.66
C GLY B 31 -14.38 -0.98 -0.24
N LEU B 32 -13.20 -0.55 0.15
CA LEU B 32 -12.68 -0.80 1.48
C LEU B 32 -13.14 0.30 2.44
N GLY B 33 -13.03 0.04 3.73
CA GLY B 33 -13.44 1.01 4.74
C GLY B 33 -12.41 1.10 5.85
N THR B 34 -12.57 2.07 6.73
CA THR B 34 -11.62 2.24 7.84
C THR B 34 -12.33 2.63 9.14
N ARG B 35 -11.62 2.43 10.24
CA ARG B 35 -12.11 2.76 11.57
C ARG B 35 -10.96 3.29 12.41
N GLU B 36 -11.24 4.20 13.33
CA GLU B 36 -10.20 4.75 14.19
C GLU B 36 -10.71 4.94 15.61
N GLY B 37 -9.89 4.55 16.56
CA GLY B 37 -10.23 4.68 17.96
C GLY B 37 -9.03 5.14 18.76
N THR B 38 -9.23 6.11 19.63
CA THR B 38 -8.14 6.64 20.43
C THR B 38 -8.43 6.55 21.92
N ARG B 39 -7.39 6.41 22.72
CA ARG B 39 -7.51 6.35 24.16
C ARG B 39 -6.62 7.40 24.79
N THR B 40 -7.19 8.19 25.69
CA THR B 40 -6.46 9.26 26.37
C THR B 40 -6.72 9.22 27.87
N GLY B 41 -5.94 9.97 28.63
CA GLY B 41 -6.11 10.01 30.06
C GLY B 41 -5.00 10.77 30.75
N ALA B 42 -4.94 10.66 32.07
CA ALA B 42 -3.91 11.35 32.84
C ALA B 42 -2.59 10.60 32.72
N GLU B 43 -2.60 9.33 33.09
CA GLU B 43 -1.40 8.51 33.00
C GLU B 43 -1.41 7.70 31.71
N CYS B 44 -2.60 7.52 31.15
CA CYS B 44 -2.76 6.78 29.90
C CYS B 44 -2.27 7.63 28.74
N LYS B 45 -1.45 7.03 27.89
CA LYS B 45 -0.89 7.74 26.74
C LYS B 45 -1.86 7.70 25.57
N GLN B 46 -1.65 8.60 24.61
CA GLN B 46 -2.51 8.67 23.43
C GLN B 46 -2.36 7.42 22.58
N THR B 47 -3.17 6.43 22.87
CA THR B 47 -3.14 5.19 22.14
C THR B 47 -4.06 5.25 20.94
N MET B 48 -3.50 5.13 19.74
CA MET B 48 -4.27 5.19 18.52
C MET B 48 -4.40 3.81 17.89
N LYS B 49 -5.62 3.45 17.52
CA LYS B 49 -5.88 2.18 16.89
C LYS B 49 -6.71 2.38 15.64
N THR B 50 -6.19 1.94 14.50
CA THR B 50 -6.89 2.09 13.24
C THR B 50 -7.19 0.71 12.65
N GLN B 51 -8.44 0.50 12.25
CA GLN B 51 -8.86 -0.77 11.68
C GLN B 51 -9.32 -0.58 10.24
N ARG B 52 -9.53 -1.70 9.56
CA ARG B 52 -9.98 -1.68 8.17
C ARG B 52 -11.28 -2.46 8.05
N CYS B 53 -12.25 -1.91 7.33
CA CYS B 53 -13.54 -2.56 7.15
C CYS B 53 -13.75 -3.01 5.71
N LYS B 54 -14.72 -3.88 5.49
CA LYS B 54 -15.03 -4.40 4.17
C LYS B 54 -16.52 -4.28 3.90
N ILE B 55 -16.86 -3.76 2.74
CA ILE B 55 -18.26 -3.61 2.35
C ILE B 55 -18.83 -4.97 1.89
N PRO B 56 -20.09 -5.27 2.23
CA PRO B 56 -20.72 -6.54 1.84
C PRO B 56 -21.06 -6.64 0.34
N CYS B 57 -21.43 -5.51 -0.25
CA CYS B 57 -21.81 -5.46 -1.67
C CYS B 57 -23.08 -6.27 -1.94
N ASN B 58 -23.95 -6.34 -0.92
CA ASN B 58 -25.19 -7.08 -1.04
C ASN B 58 -26.21 -6.31 -1.86
N GLU A 1 -2.84 -17.71 -2.32
CA GLU A 1 -3.45 -18.19 -1.08
C GLU A 1 -3.10 -17.24 0.06
N ASP A 2 -1.80 -17.10 0.30
CA ASP A 2 -1.30 -16.22 1.34
C ASP A 2 -1.51 -14.77 0.94
N SER A 3 -0.71 -14.30 -0.02
CA SER A 3 -0.80 -12.94 -0.50
C SER A 3 -0.21 -12.81 -1.90
N ASP A 4 -0.70 -11.82 -2.63
CA ASP A 4 -0.23 -11.52 -3.98
C ASP A 4 0.27 -10.08 -3.98
N ILE A 5 1.59 -9.90 -4.01
CA ILE A 5 2.15 -8.56 -3.99
C ILE A 5 2.66 -8.16 -5.36
N ALA A 6 2.23 -7.00 -5.81
CA ALA A 6 2.65 -6.49 -7.11
C ALA A 6 3.42 -5.19 -6.93
N PHE A 7 4.52 -5.07 -7.66
CA PHE A 7 5.36 -3.88 -7.59
C PHE A 7 5.17 -3.02 -8.82
N LEU A 8 4.93 -1.74 -8.61
CA LEU A 8 4.74 -0.80 -9.71
C LEU A 8 5.86 0.24 -9.71
N ILE A 9 6.80 0.07 -10.61
CA ILE A 9 7.94 0.99 -10.72
C ILE A 9 7.74 1.94 -11.89
N ASP A 10 8.15 3.19 -11.71
CA ASP A 10 8.02 4.19 -12.75
C ASP A 10 9.17 4.06 -13.75
N GLY A 11 8.90 4.38 -15.01
CA GLY A 11 9.91 4.27 -16.03
C GLY A 11 10.09 5.58 -16.77
N SER A 12 9.63 6.66 -16.14
CA SER A 12 9.71 8.01 -16.71
C SER A 12 11.13 8.37 -17.17
N GLY A 13 11.22 9.40 -18.00
CA GLY A 13 12.49 9.84 -18.52
C GLY A 13 13.18 10.84 -17.60
N SER A 14 12.59 11.06 -16.43
CA SER A 14 13.16 11.98 -15.46
C SER A 14 14.20 11.25 -14.60
N ILE A 15 13.91 9.99 -14.30
CA ILE A 15 14.80 9.17 -13.50
C ILE A 15 16.02 8.76 -14.33
N ILE A 16 17.20 8.91 -13.76
CA ILE A 16 18.42 8.54 -14.45
C ILE A 16 18.68 7.04 -14.34
N PRO A 17 19.39 6.46 -15.33
CA PRO A 17 19.71 5.03 -15.34
C PRO A 17 20.35 4.56 -14.03
N HIS A 18 21.14 5.44 -13.42
CA HIS A 18 21.82 5.12 -12.17
C HIS A 18 20.83 5.02 -11.01
N ASP A 19 19.84 5.90 -10.99
CA ASP A 19 18.84 5.90 -9.93
C ASP A 19 17.82 4.81 -10.17
N PHE A 20 17.57 4.52 -11.43
CA PHE A 20 16.66 3.45 -11.81
C PHE A 20 17.22 2.13 -11.31
N ARG A 21 18.54 2.07 -11.20
CA ARG A 21 19.22 0.90 -10.69
C ARG A 21 18.91 0.74 -9.21
N ARG A 22 18.97 1.86 -8.49
CA ARG A 22 18.69 1.86 -7.07
C ARG A 22 17.26 1.42 -6.80
N MET A 23 16.40 1.64 -7.79
CA MET A 23 15.01 1.25 -7.70
C MET A 23 14.88 -0.26 -7.82
N LYS A 24 15.60 -0.83 -8.78
CA LYS A 24 15.57 -2.27 -8.98
C LYS A 24 16.27 -2.99 -7.85
N GLU A 25 17.25 -2.32 -7.23
CA GLU A 25 17.95 -2.88 -6.07
C GLU A 25 16.95 -3.02 -4.94
N PHE A 26 16.17 -1.97 -4.78
CA PHE A 26 15.15 -1.88 -3.74
C PHE A 26 14.10 -2.97 -3.89
N VAL A 27 13.44 -3.01 -5.04
CA VAL A 27 12.38 -3.99 -5.27
C VAL A 27 12.87 -5.43 -5.12
N SER A 28 14.11 -5.72 -5.50
CA SER A 28 14.63 -7.07 -5.38
C SER A 28 14.92 -7.40 -3.92
N THR A 29 15.52 -6.45 -3.21
CA THR A 29 15.84 -6.64 -1.80
C THR A 29 14.55 -6.77 -0.99
N VAL A 30 13.54 -6.00 -1.35
CA VAL A 30 12.26 -6.04 -0.68
C VAL A 30 11.52 -7.33 -1.02
N MET A 31 11.72 -7.81 -2.25
CA MET A 31 11.08 -9.04 -2.70
C MET A 31 11.61 -10.25 -1.93
N GLU A 32 12.89 -10.20 -1.59
CA GLU A 32 13.54 -11.28 -0.86
C GLU A 32 12.99 -11.42 0.55
N GLN A 33 12.98 -10.31 1.29
CA GLN A 33 12.51 -10.31 2.67
C GLN A 33 10.99 -10.53 2.77
N LEU A 34 10.31 -10.49 1.63
CA LEU A 34 8.87 -10.69 1.63
C LEU A 34 8.50 -11.94 0.83
N LYS A 35 9.49 -12.80 0.63
CA LYS A 35 9.32 -14.04 -0.12
C LYS A 35 8.84 -15.17 0.79
N LYS A 36 7.54 -15.42 0.81
CA LYS A 36 6.98 -16.48 1.65
C LYS A 36 6.75 -17.75 0.84
N SER A 37 6.09 -18.74 1.45
CA SER A 37 5.83 -20.02 0.80
C SER A 37 4.57 -20.00 -0.06
N LYS A 38 3.73 -19.00 0.13
CA LYS A 38 2.51 -18.88 -0.65
C LYS A 38 2.33 -17.47 -1.17
N THR A 39 3.43 -16.73 -1.18
CA THR A 39 3.43 -15.35 -1.64
C THR A 39 4.13 -15.24 -2.98
N LEU A 40 3.43 -14.71 -3.96
CA LEU A 40 3.99 -14.53 -5.29
C LEU A 40 4.11 -13.05 -5.58
N PHE A 41 4.92 -12.70 -6.57
CA PHE A 41 5.11 -11.30 -6.92
C PHE A 41 4.94 -11.06 -8.40
N SER A 42 4.53 -9.85 -8.73
CA SER A 42 4.35 -9.43 -10.11
C SER A 42 4.83 -7.99 -10.22
N LEU A 43 5.38 -7.63 -11.37
CA LEU A 43 5.89 -6.28 -11.54
C LEU A 43 5.61 -5.76 -12.94
N MET A 44 5.09 -4.54 -12.99
CA MET A 44 4.77 -3.89 -14.26
C MET A 44 5.36 -2.48 -14.27
N GLN A 45 6.12 -2.16 -15.31
CA GLN A 45 6.74 -0.85 -15.43
C GLN A 45 5.81 0.06 -16.23
N TYR A 46 5.85 1.36 -15.98
CA TYR A 46 4.96 2.28 -16.68
C TYR A 46 5.59 3.65 -16.96
N SER A 47 5.17 4.24 -18.07
CA SER A 47 5.58 5.58 -18.48
C SER A 47 4.40 6.20 -19.23
N GLU A 48 4.23 5.80 -20.47
CA GLU A 48 3.07 6.18 -21.27
C GLU A 48 2.48 4.89 -21.75
N GLU A 49 3.37 3.92 -21.85
CA GLU A 49 3.07 2.57 -22.21
C GLU A 49 3.20 1.73 -20.95
N PHE A 50 2.96 0.44 -21.03
CA PHE A 50 3.08 -0.43 -19.87
C PHE A 50 3.73 -1.74 -20.29
N ARG A 51 4.73 -2.16 -19.53
CA ARG A 51 5.44 -3.39 -19.85
C ARG A 51 5.54 -4.29 -18.63
N ILE A 52 4.80 -5.39 -18.67
CA ILE A 52 4.84 -6.36 -17.59
C ILE A 52 6.18 -7.09 -17.65
N HIS A 53 6.81 -7.28 -16.51
CA HIS A 53 8.10 -7.95 -16.49
C HIS A 53 7.97 -9.41 -16.08
N PHE A 54 7.02 -9.67 -15.21
CA PHE A 54 6.77 -11.03 -14.75
C PHE A 54 5.49 -11.06 -13.93
N THR A 55 4.69 -12.09 -14.14
CA THR A 55 3.45 -12.23 -13.40
C THR A 55 3.59 -13.30 -12.33
N PHE A 56 2.57 -13.42 -11.49
CA PHE A 56 2.59 -14.39 -10.40
C PHE A 56 2.80 -15.82 -10.88
N LYS A 57 2.28 -16.16 -12.06
CA LYS A 57 2.38 -17.51 -12.59
C LYS A 57 3.82 -17.94 -12.90
N GLU A 58 4.68 -17.02 -13.31
CA GLU A 58 6.04 -17.39 -13.62
C GLU A 58 6.97 -17.19 -12.43
N PHE A 59 6.56 -16.38 -11.46
CA PHE A 59 7.36 -16.18 -10.27
C PHE A 59 7.31 -17.45 -9.43
N GLN A 60 6.28 -18.25 -9.70
CA GLN A 60 6.08 -19.52 -9.03
C GLN A 60 7.08 -20.52 -9.59
N ASN A 61 7.44 -20.33 -10.85
CA ASN A 61 8.39 -21.20 -11.53
C ASN A 61 9.81 -20.76 -11.23
N ASN A 62 9.99 -19.43 -11.14
CA ASN A 62 11.29 -18.86 -10.84
C ASN A 62 11.14 -17.88 -9.68
N PRO A 63 11.27 -18.37 -8.44
CA PRO A 63 11.13 -17.56 -7.24
C PRO A 63 12.39 -16.76 -6.90
N ASN A 64 13.14 -16.38 -7.92
CA ASN A 64 14.36 -15.60 -7.74
C ASN A 64 14.17 -14.23 -8.37
N PRO A 65 13.88 -13.21 -7.56
CA PRO A 65 13.64 -11.86 -8.04
C PRO A 65 14.85 -11.20 -8.68
N ARG A 66 16.04 -11.60 -8.26
CA ARG A 66 17.25 -10.99 -8.79
C ARG A 66 17.51 -11.39 -10.23
N SER A 67 16.90 -12.48 -10.69
CA SER A 67 17.08 -12.92 -12.07
C SER A 67 15.97 -12.37 -12.96
N LEU A 68 14.92 -11.86 -12.36
CA LEU A 68 13.80 -11.30 -13.11
C LEU A 68 13.82 -9.78 -13.08
N VAL A 69 14.56 -9.24 -12.13
CA VAL A 69 14.66 -7.79 -12.00
C VAL A 69 15.94 -7.25 -12.66
N LYS A 70 16.94 -8.11 -12.79
CA LYS A 70 18.20 -7.70 -13.42
C LYS A 70 17.99 -7.23 -14.88
N PRO A 71 17.33 -8.05 -15.74
CA PRO A 71 17.07 -7.70 -17.15
C PRO A 71 16.04 -6.58 -17.36
N ILE A 72 15.75 -5.82 -16.31
CA ILE A 72 14.78 -4.75 -16.40
C ILE A 72 15.43 -3.44 -16.86
N THR A 73 15.01 -2.98 -18.02
CA THR A 73 15.52 -1.75 -18.62
C THR A 73 14.52 -0.60 -18.44
N GLN A 74 14.92 0.60 -18.81
CA GLN A 74 14.06 1.76 -18.70
C GLN A 74 13.23 1.91 -19.97
N LEU A 75 12.07 2.55 -19.87
CA LEU A 75 11.20 2.73 -21.03
C LEU A 75 11.36 4.12 -21.62
N LEU A 76 11.36 5.13 -20.74
CA LEU A 76 11.55 6.54 -21.13
C LEU A 76 10.28 7.17 -21.71
N GLY A 77 9.80 8.19 -21.02
CA GLY A 77 8.60 8.90 -21.41
C GLY A 77 8.08 9.72 -20.26
N ARG A 78 6.76 9.88 -20.18
CA ARG A 78 6.17 10.65 -19.08
C ARG A 78 5.60 9.70 -18.02
N THR A 79 4.61 10.15 -17.24
CA THR A 79 4.04 9.32 -16.19
C THR A 79 2.59 8.92 -16.51
N HIS A 80 2.26 7.65 -16.23
CA HIS A 80 0.92 7.12 -16.46
C HIS A 80 0.57 6.15 -15.35
N THR A 81 0.67 6.62 -14.11
CA THR A 81 0.40 5.80 -12.94
C THR A 81 -1.09 5.46 -12.80
N ALA A 82 -1.97 6.28 -13.36
CA ALA A 82 -3.41 6.04 -13.24
C ALA A 82 -3.83 4.87 -14.11
N THR A 83 -3.56 4.96 -15.41
CA THR A 83 -3.91 3.88 -16.31
C THR A 83 -3.09 2.63 -15.99
N GLY A 84 -1.95 2.83 -15.32
CA GLY A 84 -1.09 1.72 -14.94
C GLY A 84 -1.70 0.86 -13.85
N ILE A 85 -2.05 1.49 -12.72
CA ILE A 85 -2.64 0.75 -11.59
C ILE A 85 -3.94 0.09 -12.02
N ARG A 86 -4.59 0.68 -13.00
CA ARG A 86 -5.82 0.15 -13.54
C ARG A 86 -5.58 -1.20 -14.22
N LYS A 87 -4.45 -1.29 -14.90
CA LYS A 87 -4.08 -2.51 -15.60
C LYS A 87 -3.67 -3.59 -14.61
N VAL A 88 -3.22 -3.16 -13.44
CA VAL A 88 -2.79 -4.10 -12.42
C VAL A 88 -3.99 -4.85 -11.85
N VAL A 89 -5.07 -4.12 -11.59
CA VAL A 89 -6.27 -4.71 -11.01
C VAL A 89 -7.03 -5.58 -12.03
N ARG A 90 -6.71 -5.42 -13.31
CA ARG A 90 -7.41 -6.18 -14.34
C ARG A 90 -6.52 -7.23 -15.01
N GLU A 91 -5.22 -7.01 -15.05
CA GLU A 91 -4.31 -7.95 -15.72
C GLU A 91 -3.32 -8.60 -14.75
N LEU A 92 -2.57 -7.79 -14.02
CA LEU A 92 -1.58 -8.34 -13.08
C LEU A 92 -2.26 -9.21 -12.04
N PHE A 93 -3.37 -8.73 -11.52
CA PHE A 93 -4.12 -9.46 -10.52
C PHE A 93 -5.18 -10.38 -11.16
N ASN A 94 -4.91 -10.84 -12.37
CA ASN A 94 -5.82 -11.73 -13.07
C ASN A 94 -5.49 -13.19 -12.78
N ILE A 95 -6.51 -13.99 -12.58
CA ILE A 95 -6.34 -15.42 -12.27
C ILE A 95 -5.48 -16.13 -13.30
N THR A 96 -5.75 -15.84 -14.56
CA THR A 96 -5.02 -16.44 -15.67
C THR A 96 -3.57 -15.98 -15.72
N ASN A 97 -3.21 -15.01 -14.89
CA ASN A 97 -1.85 -14.50 -14.88
C ASN A 97 -1.12 -14.98 -13.63
N GLY A 98 -1.72 -15.93 -12.94
CA GLY A 98 -1.10 -16.49 -11.76
C GLY A 98 -1.66 -15.92 -10.47
N ALA A 99 -2.51 -14.92 -10.58
CA ALA A 99 -3.10 -14.30 -9.40
C ALA A 99 -4.13 -15.23 -8.77
N ARG A 100 -4.01 -15.43 -7.47
CA ARG A 100 -4.91 -16.31 -6.75
C ARG A 100 -6.11 -15.54 -6.21
N LYS A 101 -7.19 -16.24 -5.96
CA LYS A 101 -8.39 -15.60 -5.41
C LYS A 101 -8.46 -15.88 -3.92
N ASN A 102 -9.09 -14.95 -3.18
CA ASN A 102 -9.24 -15.06 -1.72
C ASN A 102 -7.92 -14.72 -1.02
N ALA A 103 -6.87 -14.52 -1.81
CA ALA A 103 -5.56 -14.18 -1.28
C ALA A 103 -5.41 -12.68 -1.09
N PHE A 104 -4.63 -12.29 -0.11
CA PHE A 104 -4.40 -10.87 0.20
C PHE A 104 -3.59 -10.19 -0.90
N LYS A 105 -4.21 -9.27 -1.62
CA LYS A 105 -3.52 -8.56 -2.69
C LYS A 105 -3.08 -7.18 -2.22
N ILE A 106 -1.79 -6.93 -2.31
CA ILE A 106 -1.22 -5.65 -1.90
C ILE A 106 -0.46 -5.05 -3.06
N LEU A 107 -0.62 -3.74 -3.26
CA LEU A 107 0.03 -3.05 -4.35
C LEU A 107 0.91 -1.90 -3.85
N VAL A 108 2.13 -1.84 -4.38
CA VAL A 108 3.07 -0.78 -4.01
C VAL A 108 3.46 0.02 -5.26
N VAL A 109 3.45 1.34 -5.16
CA VAL A 109 3.79 2.19 -6.29
C VAL A 109 4.96 3.10 -5.96
N ILE A 110 5.93 3.16 -6.88
CA ILE A 110 7.12 3.98 -6.71
C ILE A 110 7.24 4.95 -7.89
N THR A 111 7.01 6.22 -7.63
CA THR A 111 7.09 7.23 -8.68
C THR A 111 7.95 8.42 -8.25
N ASP A 112 8.32 9.28 -9.20
CA ASP A 112 9.17 10.43 -8.91
C ASP A 112 8.49 11.76 -9.25
N GLY A 113 7.43 11.72 -10.05
CA GLY A 113 6.77 12.95 -10.42
C GLY A 113 5.26 12.83 -10.52
N GLU A 114 4.59 13.96 -10.52
CA GLU A 114 3.13 14.01 -10.61
C GLU A 114 2.65 13.45 -11.95
N LYS A 115 1.47 12.85 -11.94
CA LYS A 115 0.88 12.23 -13.14
C LYS A 115 0.67 13.25 -14.27
N PHE A 116 1.48 13.15 -15.31
CA PHE A 116 1.39 14.07 -16.43
C PHE A 116 1.17 13.35 -17.76
N GLY A 117 0.09 13.72 -18.45
CA GLY A 117 -0.20 13.14 -19.76
C GLY A 117 -1.06 11.89 -19.70
N ASP A 118 -1.57 11.57 -18.53
CA ASP A 118 -2.42 10.40 -18.35
C ASP A 118 -3.87 10.77 -18.64
N PRO A 119 -4.49 10.14 -19.65
CA PRO A 119 -5.88 10.42 -20.02
C PRO A 119 -6.86 9.94 -18.96
N LEU A 120 -6.39 9.08 -18.08
CA LEU A 120 -7.21 8.55 -17.01
C LEU A 120 -6.82 9.20 -15.69
N GLY A 121 -7.78 9.31 -14.78
CA GLY A 121 -7.51 9.89 -13.49
C GLY A 121 -7.45 8.83 -12.41
N TYR A 122 -7.60 9.25 -11.17
CA TYR A 122 -7.58 8.33 -10.05
C TYR A 122 -8.99 7.93 -9.71
N GLU A 123 -9.88 8.86 -9.94
CA GLU A 123 -11.30 8.70 -9.69
C GLU A 123 -11.93 7.60 -10.55
N ASP A 124 -11.27 7.27 -11.65
CA ASP A 124 -11.78 6.24 -12.55
C ASP A 124 -10.95 4.95 -12.40
N VAL A 125 -10.01 4.94 -11.45
CA VAL A 125 -9.15 3.78 -11.21
C VAL A 125 -9.13 3.36 -9.73
N ILE A 126 -8.84 4.30 -8.84
CA ILE A 126 -8.77 4.03 -7.39
C ILE A 126 -10.04 3.34 -6.88
N PRO A 127 -11.26 3.88 -7.17
CA PRO A 127 -12.51 3.25 -6.75
C PRO A 127 -12.62 1.81 -7.24
N GLU A 128 -11.90 1.50 -8.30
CA GLU A 128 -11.89 0.17 -8.89
C GLU A 128 -11.09 -0.79 -8.01
N ALA A 129 -9.90 -0.37 -7.61
CA ALA A 129 -9.04 -1.20 -6.77
C ALA A 129 -9.67 -1.46 -5.40
N ASP A 130 -10.33 -0.44 -4.87
CA ASP A 130 -10.99 -0.55 -3.56
C ASP A 130 -12.11 -1.59 -3.62
N ARG A 131 -12.70 -1.74 -4.81
CA ARG A 131 -13.80 -2.68 -5.01
C ARG A 131 -13.36 -4.12 -4.75
N GLU A 132 -12.22 -4.51 -5.30
CA GLU A 132 -11.70 -5.87 -5.13
C GLU A 132 -11.08 -6.04 -3.75
N GLY A 133 -10.79 -4.92 -3.09
CA GLY A 133 -10.21 -4.98 -1.77
C GLY A 133 -8.69 -4.93 -1.78
N VAL A 134 -8.13 -4.52 -2.91
CA VAL A 134 -6.67 -4.42 -3.04
C VAL A 134 -6.16 -3.22 -2.24
N ILE A 135 -5.36 -3.48 -1.22
CA ILE A 135 -4.81 -2.40 -0.41
C ILE A 135 -3.56 -1.86 -1.08
N ARG A 136 -3.37 -0.54 -1.04
CA ARG A 136 -2.21 0.06 -1.71
C ARG A 136 -1.30 0.81 -0.74
N TYR A 137 -0.05 0.96 -1.18
CA TYR A 137 0.98 1.67 -0.46
C TYR A 137 1.75 2.52 -1.47
N VAL A 138 1.86 3.81 -1.23
CA VAL A 138 2.55 4.67 -2.18
C VAL A 138 3.82 5.27 -1.56
N ILE A 139 4.86 5.36 -2.39
CA ILE A 139 6.13 5.92 -1.98
C ILE A 139 6.41 7.19 -2.79
N GLY A 140 6.53 8.32 -2.10
CA GLY A 140 6.80 9.58 -2.76
C GLY A 140 8.28 9.87 -2.81
N VAL A 141 8.81 10.10 -4.00
CA VAL A 141 10.24 10.36 -4.17
C VAL A 141 10.47 11.58 -5.06
N GLY A 142 10.95 12.68 -4.51
CA GLY A 142 11.24 13.85 -5.32
C GLY A 142 10.53 15.11 -4.86
N ASP A 143 10.95 16.24 -5.45
CA ASP A 143 10.40 17.57 -5.16
C ASP A 143 8.90 17.60 -5.41
N ALA A 144 8.44 16.74 -6.30
CA ALA A 144 7.03 16.64 -6.67
C ALA A 144 6.12 16.43 -5.47
N PHE A 145 6.62 15.78 -4.43
CA PHE A 145 5.79 15.48 -3.27
C PHE A 145 6.25 16.22 -2.02
N ARG A 146 6.74 17.43 -2.18
CA ARG A 146 7.20 18.22 -1.03
C ARG A 146 6.10 19.14 -0.51
N SER A 147 5.01 19.26 -1.24
CA SER A 147 3.91 20.11 -0.83
C SER A 147 2.71 19.27 -0.45
N GLU A 148 2.03 19.66 0.63
CA GLU A 148 0.84 18.95 1.09
C GLU A 148 -0.21 18.87 -0.01
N LYS A 149 -0.20 19.85 -0.91
CA LYS A 149 -1.14 19.87 -2.02
C LYS A 149 -0.90 18.67 -2.94
N SER A 150 0.37 18.27 -3.06
CA SER A 150 0.74 17.14 -3.89
C SER A 150 0.60 15.84 -3.10
N ARG A 151 0.79 15.95 -1.79
CA ARG A 151 0.70 14.79 -0.91
C ARG A 151 -0.71 14.19 -0.92
N GLN A 152 -1.70 15.04 -1.21
CA GLN A 152 -3.08 14.58 -1.25
C GLN A 152 -3.29 13.52 -2.32
N GLU A 153 -2.57 13.64 -3.43
CA GLU A 153 -2.68 12.68 -4.51
C GLU A 153 -2.20 11.31 -4.03
N LEU A 154 -1.19 11.32 -3.17
CA LEU A 154 -0.63 10.09 -2.62
C LEU A 154 -1.66 9.44 -1.71
N ASN A 155 -2.42 10.27 -1.02
CA ASN A 155 -3.45 9.80 -0.11
C ASN A 155 -4.63 9.25 -0.90
N THR A 156 -4.60 9.50 -2.21
CA THR A 156 -5.65 9.03 -3.11
C THR A 156 -5.22 7.70 -3.74
N ILE A 157 -3.92 7.54 -3.94
CA ILE A 157 -3.37 6.32 -4.51
C ILE A 157 -3.31 5.21 -3.47
N ALA A 158 -2.94 5.58 -2.25
CA ALA A 158 -2.86 4.61 -1.17
C ALA A 158 -4.17 4.51 -0.42
N SER A 159 -4.26 3.54 0.47
CA SER A 159 -5.46 3.33 1.26
C SER A 159 -5.34 4.06 2.59
N LYS A 160 -6.48 4.44 3.17
CA LYS A 160 -6.48 5.14 4.45
C LYS A 160 -6.11 4.19 5.58
N PRO A 161 -5.51 4.71 6.66
CA PRO A 161 -5.18 6.13 6.78
C PRO A 161 -3.87 6.49 6.05
N PRO A 162 -3.75 7.75 5.60
CA PRO A 162 -2.54 8.21 4.90
C PRO A 162 -1.29 8.04 5.75
N ARG A 163 -1.46 8.27 7.06
CA ARG A 163 -0.37 8.14 8.03
C ARG A 163 -0.11 6.67 8.35
N ASP A 164 -0.31 5.82 7.36
CA ASP A 164 -0.13 4.39 7.53
C ASP A 164 0.21 3.70 6.22
N HIS A 165 -0.11 4.35 5.10
CA HIS A 165 0.13 3.76 3.77
C HIS A 165 0.83 4.72 2.82
N VAL A 166 1.27 5.87 3.32
CA VAL A 166 1.95 6.85 2.47
C VAL A 166 3.36 7.13 2.98
N PHE A 167 4.34 6.66 2.25
CA PHE A 167 5.74 6.85 2.62
C PHE A 167 6.38 7.89 1.71
N GLN A 168 7.22 8.73 2.29
CA GLN A 168 7.88 9.79 1.53
C GLN A 168 9.39 9.66 1.68
N VAL A 169 10.11 9.86 0.58
CA VAL A 169 11.55 9.77 0.59
C VAL A 169 12.17 10.88 -0.27
N ASN A 170 13.36 11.33 0.11
CA ASN A 170 14.02 12.42 -0.60
C ASN A 170 14.90 11.93 -1.75
N ASN A 171 15.36 10.68 -1.67
CA ASN A 171 16.20 10.12 -2.73
C ASN A 171 16.02 8.61 -2.81
N PHE A 172 16.40 8.03 -3.95
CA PHE A 172 16.26 6.59 -4.18
C PHE A 172 17.18 5.75 -3.28
N GLU A 173 18.18 6.38 -2.67
CA GLU A 173 19.11 5.68 -1.81
C GLU A 173 18.50 5.45 -0.43
N ALA A 174 17.86 6.48 0.11
CA ALA A 174 17.25 6.42 1.44
C ALA A 174 16.04 5.49 1.48
N LEU A 175 15.76 4.83 0.35
CA LEU A 175 14.66 3.88 0.29
C LEU A 175 14.99 2.67 1.14
N LYS A 176 16.29 2.47 1.35
CA LYS A 176 16.79 1.35 2.16
C LYS A 176 16.38 1.50 3.62
N THR A 177 16.23 2.75 4.06
CA THR A 177 15.86 3.05 5.43
C THR A 177 14.37 2.80 5.70
N ILE A 178 13.55 2.87 4.66
CA ILE A 178 12.11 2.70 4.83
C ILE A 178 11.70 1.24 4.65
N GLN A 179 12.66 0.38 4.31
CA GLN A 179 12.38 -1.04 4.11
C GLN A 179 11.87 -1.69 5.39
N ASN A 180 12.39 -1.23 6.52
CA ASN A 180 12.03 -1.77 7.84
C ASN A 180 10.55 -1.57 8.15
N GLN A 181 10.12 -0.31 8.16
CA GLN A 181 8.72 0.01 8.45
C GLN A 181 7.78 -0.64 7.45
N LEU A 182 8.19 -0.66 6.19
CA LEU A 182 7.38 -1.25 5.14
C LEU A 182 7.14 -2.74 5.42
N ARG A 183 8.19 -3.42 5.85
CA ARG A 183 8.11 -4.84 6.16
C ARG A 183 7.16 -5.10 7.33
N GLU A 184 7.27 -4.29 8.36
CA GLU A 184 6.43 -4.43 9.55
C GLU A 184 4.97 -4.14 9.22
N LYS A 185 4.74 -3.07 8.47
CA LYS A 185 3.38 -2.67 8.13
C LYS A 185 2.75 -3.57 7.07
N ILE A 186 3.57 -4.35 6.38
CA ILE A 186 3.04 -5.25 5.36
C ILE A 186 2.72 -6.62 5.97
N PHE A 187 3.16 -6.82 7.22
CA PHE A 187 2.90 -8.06 7.92
C PHE A 187 1.79 -7.86 8.95
N ALA A 188 1.53 -6.61 9.28
CA ALA A 188 0.50 -6.28 10.24
C ALA A 188 -0.88 -6.34 9.60
N ILE A 189 -1.59 -7.44 9.86
CA ILE A 189 -2.92 -7.64 9.32
C ILE A 189 -3.90 -6.64 9.93
N GLU A 190 -3.56 -6.14 11.10
CA GLU A 190 -4.39 -5.18 11.80
C GLU A 190 -3.53 -4.03 12.31
N GLY A 191 -2.58 -4.37 13.17
CA GLY A 191 -1.69 -3.38 13.74
C GLY A 191 -0.50 -4.02 14.43
N THR A 192 0.08 -3.31 15.38
CA THR A 192 1.23 -3.83 16.11
C THR A 192 1.25 -3.27 17.54
N GLN A 193 2.29 -3.62 18.29
CA GLN A 193 2.43 -3.16 19.67
C GLN A 193 3.85 -2.64 19.92
N THR A 194 3.94 -1.42 20.40
CA THR A 194 5.24 -0.82 20.68
C THR A 194 5.82 -1.35 21.98
N GLY B 1 -33.32 -1.64 54.88
CA GLY B 1 -32.29 -1.28 53.93
C GLY B 1 -31.06 -2.15 54.06
N LYS B 2 -29.92 -1.61 53.69
CA LYS B 2 -28.66 -2.33 53.78
C LYS B 2 -27.63 -1.48 54.51
N LYS B 3 -27.24 -0.39 53.87
CA LYS B 3 -26.26 0.53 54.42
C LYS B 3 -26.04 1.69 53.46
N GLU B 4 -26.10 2.90 53.95
CA GLU B 4 -25.86 4.08 53.13
C GLU B 4 -24.46 3.99 52.57
N LYS B 5 -24.35 4.02 51.25
CA LYS B 5 -23.06 3.88 50.59
C LYS B 5 -22.77 5.02 49.61
N PRO B 6 -22.00 6.02 50.03
CA PRO B 6 -21.63 7.13 49.18
C PRO B 6 -20.33 6.83 48.43
N GLU B 7 -19.64 7.88 47.99
CA GLU B 7 -18.38 7.71 47.28
C GLU B 7 -17.29 7.19 48.23
N LYS B 8 -17.15 5.87 48.27
CA LYS B 8 -16.16 5.23 49.14
C LYS B 8 -14.79 5.24 48.46
N LYS B 9 -14.77 5.04 47.15
CA LYS B 9 -13.53 5.03 46.39
C LYS B 9 -13.83 4.93 44.90
N VAL B 10 -13.03 5.63 44.10
CA VAL B 10 -13.20 5.61 42.65
C VAL B 10 -12.66 4.31 42.07
N LYS B 11 -13.23 3.86 40.95
CA LYS B 11 -12.77 2.64 40.30
C LYS B 11 -11.51 2.95 39.50
N LYS B 12 -10.61 1.98 39.41
CA LYS B 12 -9.37 2.16 38.68
C LYS B 12 -9.58 1.85 37.19
N SER B 13 -8.93 0.80 36.70
CA SER B 13 -9.02 0.40 35.30
C SER B 13 -8.31 1.43 34.42
N ASP B 14 -8.69 1.51 33.16
CA ASP B 14 -8.09 2.46 32.24
C ASP B 14 -8.65 3.86 32.50
N CYS B 15 -8.13 4.85 31.79
CA CYS B 15 -8.59 6.21 31.94
C CYS B 15 -9.89 6.43 31.17
N GLY B 16 -10.44 5.34 30.65
CA GLY B 16 -11.67 5.40 29.91
C GLY B 16 -11.79 4.22 28.96
N GLU B 17 -12.98 4.01 28.42
CA GLU B 17 -13.21 2.91 27.50
C GLU B 17 -12.76 3.32 26.09
N TRP B 18 -12.65 2.34 25.21
CA TRP B 18 -12.23 2.60 23.83
C TRP B 18 -13.35 3.26 23.03
N GLN B 19 -12.97 4.16 22.13
CA GLN B 19 -13.93 4.84 21.29
C GLN B 19 -14.33 3.95 20.13
N TRP B 20 -15.62 3.78 19.94
CA TRP B 20 -16.12 2.94 18.86
C TRP B 20 -16.64 3.79 17.71
N SER B 21 -15.93 3.73 16.59
CA SER B 21 -16.30 4.47 15.41
C SER B 21 -17.12 3.59 14.48
N VAL B 22 -17.73 4.18 13.46
CA VAL B 22 -18.54 3.43 12.51
C VAL B 22 -17.72 3.14 11.25
N CYS B 23 -18.08 2.08 10.54
CA CYS B 23 -17.36 1.70 9.32
C CYS B 23 -17.73 2.63 8.17
N VAL B 24 -16.90 3.64 7.95
CA VAL B 24 -17.13 4.59 6.86
C VAL B 24 -16.45 4.09 5.59
N PRO B 25 -17.24 3.70 4.57
CA PRO B 25 -16.71 3.21 3.30
C PRO B 25 -15.98 4.29 2.50
N THR B 26 -14.94 3.88 1.79
CA THR B 26 -14.18 4.82 0.98
C THR B 26 -14.80 4.96 -0.41
N SER B 27 -15.42 3.89 -0.86
CA SER B 27 -16.06 3.87 -2.16
C SER B 27 -17.53 3.46 -2.01
N GLY B 28 -18.41 4.23 -2.64
CA GLY B 28 -19.83 3.92 -2.57
C GLY B 28 -20.15 2.67 -3.37
N ASP B 29 -19.53 2.55 -4.52
CA ASP B 29 -19.73 1.39 -5.39
C ASP B 29 -18.79 0.27 -4.97
N CYS B 30 -18.96 -0.18 -3.73
CA CYS B 30 -18.14 -1.24 -3.13
C CYS B 30 -16.69 -0.78 -2.90
N GLY B 31 -16.15 -1.12 -1.75
CA GLY B 31 -14.79 -0.73 -1.44
C GLY B 31 -14.42 -1.00 0.01
N LEU B 32 -13.22 -0.59 0.38
CA LEU B 32 -12.72 -0.78 1.74
C LEU B 32 -13.17 0.36 2.66
N GLY B 33 -13.15 0.11 3.96
CA GLY B 33 -13.55 1.11 4.92
C GLY B 33 -12.53 1.23 6.04
N THR B 34 -12.68 2.23 6.90
CA THR B 34 -11.74 2.42 7.99
C THR B 34 -12.46 2.73 9.31
N ARG B 35 -11.75 2.50 10.41
CA ARG B 35 -12.26 2.75 11.74
C ARG B 35 -11.12 3.21 12.64
N GLU B 36 -11.39 4.18 13.50
CA GLU B 36 -10.36 4.67 14.40
C GLU B 36 -10.89 4.80 15.82
N GLY B 37 -10.00 4.57 16.77
CA GLY B 37 -10.33 4.67 18.17
C GLY B 37 -9.14 5.13 18.98
N THR B 38 -9.34 6.11 19.85
CA THR B 38 -8.23 6.61 20.64
C THR B 38 -8.52 6.52 22.15
N ARG B 39 -7.46 6.38 22.92
CA ARG B 39 -7.56 6.29 24.36
C ARG B 39 -6.64 7.33 25.00
N THR B 40 -7.20 8.20 25.83
CA THR B 40 -6.45 9.24 26.50
C THR B 40 -6.69 9.21 28.01
N GLY B 41 -5.91 9.97 28.76
CA GLY B 41 -6.09 10.01 30.20
C GLY B 41 -4.96 10.73 30.89
N ALA B 42 -4.87 10.56 32.21
CA ALA B 42 -3.82 11.20 32.99
C ALA B 42 -2.50 10.45 32.82
N GLU B 43 -2.49 9.19 33.24
CA GLU B 43 -1.30 8.36 33.12
C GLU B 43 -1.34 7.58 31.81
N CYS B 44 -2.55 7.32 31.33
CA CYS B 44 -2.74 6.59 30.08
C CYS B 44 -2.26 7.44 28.91
N LYS B 45 -1.45 6.85 28.05
CA LYS B 45 -0.90 7.58 26.91
C LYS B 45 -1.89 7.56 25.74
N GLN B 46 -1.70 8.47 24.80
CA GLN B 46 -2.55 8.57 23.62
C GLN B 46 -2.43 7.33 22.74
N THR B 47 -3.27 6.35 22.99
CA THR B 47 -3.24 5.13 22.21
C THR B 47 -4.19 5.27 21.01
N MET B 48 -3.66 5.05 19.81
CA MET B 48 -4.44 5.18 18.60
C MET B 48 -4.53 3.85 17.86
N LYS B 49 -5.75 3.40 17.61
CA LYS B 49 -5.97 2.16 16.89
C LYS B 49 -6.78 2.44 15.63
N THR B 50 -6.42 1.79 14.53
CA THR B 50 -7.12 1.97 13.28
C THR B 50 -7.39 0.61 12.63
N GLN B 51 -8.65 0.36 12.32
CA GLN B 51 -9.06 -0.90 11.71
C GLN B 51 -9.53 -0.67 10.28
N ARG B 52 -9.72 -1.77 9.55
CA ARG B 52 -10.19 -1.72 8.18
C ARG B 52 -11.49 -2.50 8.04
N CYS B 53 -12.51 -1.83 7.52
CA CYS B 53 -13.82 -2.46 7.35
C CYS B 53 -14.02 -2.93 5.92
N LYS B 54 -14.96 -3.84 5.73
CA LYS B 54 -15.26 -4.37 4.41
C LYS B 54 -16.75 -4.24 4.11
N ILE B 55 -17.05 -3.76 2.91
CA ILE B 55 -18.43 -3.59 2.49
C ILE B 55 -19.03 -4.94 2.06
N PRO B 56 -20.32 -5.20 2.36
CA PRO B 56 -20.96 -6.46 1.99
C PRO B 56 -21.27 -6.57 0.49
N CYS B 57 -21.55 -5.44 -0.15
CA CYS B 57 -21.87 -5.39 -1.58
C CYS B 57 -23.18 -6.11 -1.88
N ASN B 58 -24.09 -6.10 -0.92
CA ASN B 58 -25.39 -6.76 -1.09
C ASN B 58 -26.28 -5.94 -2.02
N GLU A 1 -2.81 -17.85 -2.48
CA GLU A 1 -3.57 -18.29 -1.32
C GLU A 1 -3.30 -17.37 -0.13
N ASP A 2 -2.01 -17.13 0.12
CA ASP A 2 -1.59 -16.26 1.21
C ASP A 2 -1.78 -14.81 0.79
N SER A 3 -0.90 -14.32 -0.06
CA SER A 3 -0.96 -12.96 -0.55
C SER A 3 -0.32 -12.83 -1.92
N ASP A 4 -0.82 -11.88 -2.69
CA ASP A 4 -0.31 -11.58 -4.01
C ASP A 4 0.17 -10.14 -4.00
N ILE A 5 1.48 -9.95 -4.01
CA ILE A 5 2.05 -8.61 -3.95
C ILE A 5 2.58 -8.17 -5.31
N ALA A 6 2.07 -7.04 -5.79
CA ALA A 6 2.50 -6.51 -7.06
C ALA A 6 3.25 -5.20 -6.87
N PHE A 7 4.31 -5.02 -7.62
CA PHE A 7 5.14 -3.83 -7.55
C PHE A 7 4.94 -2.97 -8.79
N LEU A 8 4.71 -1.69 -8.59
CA LEU A 8 4.53 -0.75 -9.69
C LEU A 8 5.64 0.30 -9.66
N ILE A 9 6.61 0.14 -10.55
CA ILE A 9 7.73 1.06 -10.63
C ILE A 9 7.60 2.01 -11.80
N ASP A 10 7.93 3.27 -11.57
CA ASP A 10 7.85 4.29 -12.60
C ASP A 10 9.06 4.19 -13.52
N GLY A 11 8.83 4.37 -14.81
CA GLY A 11 9.89 4.29 -15.78
C GLY A 11 10.06 5.60 -16.53
N SER A 12 9.57 6.67 -15.91
CA SER A 12 9.63 8.01 -16.48
C SER A 12 11.07 8.38 -16.88
N GLY A 13 11.19 9.38 -17.76
CA GLY A 13 12.48 9.81 -18.24
C GLY A 13 13.18 10.78 -17.30
N SER A 14 12.52 11.12 -16.20
CA SER A 14 13.11 12.05 -15.23
C SER A 14 14.11 11.31 -14.34
N ILE A 15 13.85 10.03 -14.11
CA ILE A 15 14.73 9.21 -13.28
C ILE A 15 15.96 8.80 -14.08
N ILE A 16 17.13 9.06 -13.52
CA ILE A 16 18.38 8.70 -14.18
C ILE A 16 18.63 7.20 -14.04
N PRO A 17 19.31 6.58 -15.04
CA PRO A 17 19.60 5.14 -15.03
C PRO A 17 20.27 4.66 -13.73
N HIS A 18 21.08 5.53 -13.11
CA HIS A 18 21.75 5.16 -11.86
C HIS A 18 20.74 5.06 -10.72
N ASP A 19 19.76 5.97 -10.72
CA ASP A 19 18.73 5.98 -9.68
C ASP A 19 17.72 4.88 -9.95
N PHE A 20 17.52 4.58 -11.23
CA PHE A 20 16.62 3.51 -11.63
C PHE A 20 17.17 2.19 -11.09
N ARG A 21 18.49 2.13 -10.98
CA ARG A 21 19.15 0.95 -10.43
C ARG A 21 18.85 0.84 -8.95
N ARG A 22 18.86 1.96 -8.25
CA ARG A 22 18.57 1.98 -6.82
C ARG A 22 17.14 1.48 -6.58
N MET A 23 16.28 1.76 -7.55
CA MET A 23 14.89 1.34 -7.48
C MET A 23 14.78 -0.18 -7.61
N LYS A 24 15.54 -0.75 -8.54
CA LYS A 24 15.51 -2.20 -8.75
C LYS A 24 16.18 -2.93 -7.59
N GLU A 25 17.14 -2.27 -6.93
CA GLU A 25 17.80 -2.84 -5.76
C GLU A 25 16.77 -2.99 -4.65
N PHE A 26 15.99 -1.92 -4.50
CA PHE A 26 14.96 -1.83 -3.50
C PHE A 26 13.92 -2.93 -3.67
N VAL A 27 13.30 -2.99 -4.84
CA VAL A 27 12.25 -3.98 -5.11
C VAL A 27 12.75 -5.42 -4.95
N SER A 28 13.99 -5.70 -5.33
CA SER A 28 14.52 -7.04 -5.21
C SER A 28 14.79 -7.39 -3.75
N THR A 29 15.36 -6.44 -3.01
CA THR A 29 15.66 -6.64 -1.60
C THR A 29 14.36 -6.78 -0.80
N VAL A 30 13.36 -5.97 -1.14
CA VAL A 30 12.07 -6.02 -0.48
C VAL A 30 11.37 -7.34 -0.82
N MET A 31 11.49 -7.76 -2.06
CA MET A 31 10.88 -9.00 -2.52
C MET A 31 11.44 -10.21 -1.78
N GLU A 32 12.73 -10.18 -1.48
CA GLU A 32 13.38 -11.28 -0.77
C GLU A 32 12.87 -11.43 0.66
N GLN A 33 12.86 -10.32 1.41
CA GLN A 33 12.41 -10.36 2.80
C GLN A 33 10.91 -10.59 2.92
N LEU A 34 10.20 -10.58 1.79
CA LEU A 34 8.77 -10.80 1.79
C LEU A 34 8.43 -12.08 1.04
N LYS A 35 9.44 -12.88 0.75
CA LYS A 35 9.25 -14.12 0.01
C LYS A 35 8.77 -15.25 0.92
N LYS A 36 7.46 -15.51 0.90
CA LYS A 36 6.89 -16.57 1.71
C LYS A 36 6.65 -17.83 0.87
N SER A 37 6.01 -18.83 1.46
CA SER A 37 5.74 -20.08 0.76
C SER A 37 4.48 -19.98 -0.12
N LYS A 38 3.59 -19.07 0.23
CA LYS A 38 2.36 -18.91 -0.53
C LYS A 38 2.20 -17.48 -1.06
N THR A 39 3.29 -16.74 -1.07
CA THR A 39 3.27 -15.37 -1.55
C THR A 39 3.98 -15.26 -2.89
N LEU A 40 3.27 -14.73 -3.88
CA LEU A 40 3.84 -14.55 -5.20
C LEU A 40 3.96 -13.07 -5.50
N PHE A 41 4.79 -12.72 -6.47
CA PHE A 41 5.01 -11.33 -6.80
C PHE A 41 4.82 -11.09 -8.29
N SER A 42 4.46 -9.87 -8.62
CA SER A 42 4.28 -9.45 -10.00
C SER A 42 4.78 -8.02 -10.11
N LEU A 43 5.28 -7.64 -11.27
CA LEU A 43 5.80 -6.30 -11.45
C LEU A 43 5.49 -5.75 -12.82
N MET A 44 5.02 -4.52 -12.85
CA MET A 44 4.72 -3.83 -14.09
C MET A 44 5.35 -2.45 -14.07
N GLN A 45 6.04 -2.12 -15.14
CA GLN A 45 6.69 -0.82 -15.26
C GLN A 45 5.82 0.10 -16.10
N TYR A 46 5.81 1.39 -15.80
CA TYR A 46 4.96 2.30 -16.53
C TYR A 46 5.61 3.67 -16.77
N SER A 47 5.20 4.27 -17.87
CA SER A 47 5.61 5.60 -18.28
C SER A 47 4.42 6.16 -19.05
N GLU A 48 4.34 5.89 -20.34
CA GLU A 48 3.16 6.24 -21.11
C GLU A 48 2.59 4.93 -21.61
N GLU A 49 3.47 3.95 -21.71
CA GLU A 49 3.12 2.60 -22.07
C GLU A 49 3.27 1.76 -20.80
N PHE A 50 2.99 0.47 -20.90
CA PHE A 50 3.10 -0.41 -19.74
C PHE A 50 3.74 -1.71 -20.14
N ARG A 51 4.72 -2.15 -19.36
CA ARG A 51 5.43 -3.37 -19.64
C ARG A 51 5.47 -4.29 -18.43
N ILE A 52 4.79 -5.42 -18.53
CA ILE A 52 4.81 -6.39 -17.45
C ILE A 52 6.13 -7.12 -17.50
N HIS A 53 6.82 -7.25 -16.38
CA HIS A 53 8.10 -7.92 -16.36
C HIS A 53 7.95 -9.36 -15.96
N PHE A 54 7.00 -9.63 -15.09
CA PHE A 54 6.73 -10.98 -14.63
C PHE A 54 5.42 -11.01 -13.87
N THR A 55 4.69 -12.09 -14.04
CA THR A 55 3.41 -12.25 -13.36
C THR A 55 3.55 -13.28 -12.24
N PHE A 56 2.50 -13.44 -11.45
CA PHE A 56 2.53 -14.38 -10.33
C PHE A 56 2.76 -15.80 -10.80
N LYS A 57 2.24 -16.15 -11.98
CA LYS A 57 2.38 -17.51 -12.51
C LYS A 57 3.84 -17.90 -12.80
N GLU A 58 4.63 -16.95 -13.31
CA GLU A 58 6.02 -17.24 -13.63
C GLU A 58 6.93 -17.09 -12.40
N PHE A 59 6.50 -16.27 -11.45
CA PHE A 59 7.29 -16.09 -10.23
C PHE A 59 7.22 -17.37 -9.41
N GLN A 60 6.18 -18.14 -9.65
CA GLN A 60 5.99 -19.41 -8.97
C GLN A 60 7.00 -20.42 -9.52
N ASN A 61 7.32 -20.26 -10.80
CA ASN A 61 8.28 -21.12 -11.48
C ASN A 61 9.70 -20.68 -11.14
N ASN A 62 9.90 -19.37 -11.09
CA ASN A 62 11.21 -18.79 -10.76
C ASN A 62 11.05 -17.82 -9.60
N PRO A 63 11.16 -18.31 -8.35
CA PRO A 63 11.00 -17.49 -7.15
C PRO A 63 12.24 -16.68 -6.80
N ASN A 64 13.04 -16.33 -7.80
CA ASN A 64 14.24 -15.54 -7.60
C ASN A 64 14.04 -14.16 -8.19
N PRO A 65 13.77 -13.16 -7.33
CA PRO A 65 13.51 -11.79 -7.75
C PRO A 65 14.72 -11.12 -8.40
N ARG A 66 15.92 -11.50 -7.98
CA ARG A 66 17.12 -10.90 -8.50
C ARG A 66 17.37 -11.25 -9.97
N SER A 67 16.86 -12.39 -10.41
CA SER A 67 17.06 -12.81 -11.80
C SER A 67 15.96 -12.27 -12.71
N LEU A 68 14.85 -11.84 -12.11
CA LEU A 68 13.73 -11.30 -12.88
C LEU A 68 13.75 -9.78 -12.88
N VAL A 69 14.45 -9.20 -11.90
CA VAL A 69 14.54 -7.75 -11.77
C VAL A 69 15.81 -7.21 -12.46
N LYS A 70 16.84 -8.03 -12.54
CA LYS A 70 18.10 -7.60 -13.15
C LYS A 70 17.93 -7.16 -14.62
N PRO A 71 17.26 -7.97 -15.48
CA PRO A 71 17.06 -7.63 -16.92
C PRO A 71 16.06 -6.50 -17.16
N ILE A 72 15.64 -5.84 -16.10
CA ILE A 72 14.69 -4.74 -16.21
C ILE A 72 15.39 -3.46 -16.66
N THR A 73 14.94 -2.91 -17.79
CA THR A 73 15.50 -1.69 -18.34
C THR A 73 14.44 -0.57 -18.30
N GLN A 74 14.88 0.67 -18.42
CA GLN A 74 13.97 1.82 -18.38
C GLN A 74 13.17 1.95 -19.68
N LEU A 75 11.98 2.52 -19.57
CA LEU A 75 11.10 2.71 -20.72
C LEU A 75 11.29 4.11 -21.30
N LEU A 76 11.30 5.12 -20.40
CA LEU A 76 11.48 6.53 -20.75
C LEU A 76 10.20 7.13 -21.30
N GLY A 77 9.79 8.24 -20.69
CA GLY A 77 8.58 8.93 -21.09
C GLY A 77 8.03 9.75 -19.94
N ARG A 78 6.72 9.92 -19.90
CA ARG A 78 6.09 10.68 -18.82
C ARG A 78 5.48 9.71 -17.80
N THR A 79 4.53 10.17 -16.99
CA THR A 79 3.92 9.32 -15.97
C THR A 79 2.45 9.00 -16.28
N HIS A 80 2.11 7.72 -16.13
CA HIS A 80 0.74 7.23 -16.34
C HIS A 80 0.39 6.25 -15.24
N THR A 81 0.54 6.69 -14.00
CA THR A 81 0.28 5.84 -12.84
C THR A 81 -1.20 5.51 -12.67
N ALA A 82 -2.10 6.31 -13.23
CA ALA A 82 -3.52 6.05 -13.10
C ALA A 82 -3.93 4.86 -13.96
N THR A 83 -3.61 4.95 -15.25
CA THR A 83 -3.92 3.87 -16.17
C THR A 83 -3.09 2.64 -15.81
N GLY A 84 -1.95 2.89 -15.18
CA GLY A 84 -1.07 1.82 -14.77
C GLY A 84 -1.69 0.93 -13.72
N ILE A 85 -2.13 1.52 -12.60
CA ILE A 85 -2.74 0.76 -11.53
C ILE A 85 -4.04 0.10 -12.00
N ARG A 86 -4.69 0.70 -12.99
CA ARG A 86 -5.90 0.13 -13.54
C ARG A 86 -5.61 -1.20 -14.20
N LYS A 87 -4.49 -1.26 -14.90
CA LYS A 87 -4.06 -2.46 -15.59
C LYS A 87 -3.63 -3.53 -14.58
N VAL A 88 -3.19 -3.09 -13.41
CA VAL A 88 -2.76 -4.00 -12.37
C VAL A 88 -3.94 -4.80 -11.83
N VAL A 89 -5.01 -4.09 -11.55
CA VAL A 89 -6.22 -4.70 -11.00
C VAL A 89 -6.91 -5.60 -12.02
N ARG A 90 -6.74 -5.30 -13.30
CA ARG A 90 -7.40 -6.08 -14.35
C ARG A 90 -6.50 -7.16 -14.97
N GLU A 91 -5.21 -6.87 -15.10
CA GLU A 91 -4.29 -7.82 -15.73
C GLU A 91 -3.37 -8.53 -14.73
N LEU A 92 -2.61 -7.76 -13.96
CA LEU A 92 -1.67 -8.34 -12.99
C LEU A 92 -2.39 -9.23 -11.99
N PHE A 93 -3.51 -8.74 -11.48
CA PHE A 93 -4.28 -9.49 -10.50
C PHE A 93 -5.31 -10.42 -11.16
N ASN A 94 -5.05 -10.80 -12.39
CA ASN A 94 -5.94 -11.70 -13.12
C ASN A 94 -5.58 -13.15 -12.83
N ILE A 95 -6.59 -14.00 -12.69
CA ILE A 95 -6.39 -15.41 -12.38
C ILE A 95 -5.50 -16.11 -13.41
N THR A 96 -5.74 -15.81 -14.68
CA THR A 96 -4.99 -16.40 -15.78
C THR A 96 -3.52 -15.94 -15.78
N ASN A 97 -3.20 -14.95 -14.97
CA ASN A 97 -1.84 -14.44 -14.90
C ASN A 97 -1.14 -15.00 -13.67
N GLY A 98 -1.82 -15.89 -12.95
CA GLY A 98 -1.23 -16.51 -11.78
C GLY A 98 -1.78 -15.98 -10.49
N ALA A 99 -2.60 -14.94 -10.56
CA ALA A 99 -3.17 -14.35 -9.36
C ALA A 99 -4.19 -15.31 -8.74
N ARG A 100 -4.09 -15.50 -7.43
CA ARG A 100 -4.98 -16.39 -6.74
C ARG A 100 -6.18 -15.63 -6.19
N LYS A 101 -7.31 -16.32 -6.08
CA LYS A 101 -8.52 -15.71 -5.54
C LYS A 101 -8.59 -15.96 -4.04
N ASN A 102 -9.19 -15.02 -3.32
CA ASN A 102 -9.35 -15.12 -1.85
C ASN A 102 -8.04 -14.79 -1.14
N ALA A 103 -6.99 -14.53 -1.90
CA ALA A 103 -5.69 -14.19 -1.34
C ALA A 103 -5.56 -12.69 -1.17
N PHE A 104 -4.85 -12.27 -0.14
CA PHE A 104 -4.64 -10.85 0.14
C PHE A 104 -3.83 -10.21 -0.98
N LYS A 105 -4.39 -9.19 -1.62
CA LYS A 105 -3.72 -8.53 -2.70
C LYS A 105 -3.24 -7.15 -2.28
N ILE A 106 -1.92 -6.98 -2.27
CA ILE A 106 -1.31 -5.72 -1.88
C ILE A 106 -0.52 -5.14 -3.05
N LEU A 107 -0.64 -3.84 -3.24
CA LEU A 107 0.04 -3.15 -4.32
C LEU A 107 0.93 -2.03 -3.80
N VAL A 108 2.13 -1.93 -4.34
CA VAL A 108 3.06 -0.88 -3.94
C VAL A 108 3.49 -0.07 -5.17
N VAL A 109 3.35 1.23 -5.08
CA VAL A 109 3.70 2.12 -6.19
C VAL A 109 4.89 3.03 -5.85
N ILE A 110 5.83 3.12 -6.76
CA ILE A 110 7.02 3.96 -6.59
C ILE A 110 7.13 4.93 -7.76
N THR A 111 6.88 6.21 -7.50
CA THR A 111 6.95 7.23 -8.55
C THR A 111 7.78 8.42 -8.09
N ASP A 112 8.23 9.24 -9.05
CA ASP A 112 9.07 10.39 -8.74
C ASP A 112 8.39 11.71 -9.09
N GLY A 113 7.31 11.66 -9.87
CA GLY A 113 6.65 12.88 -10.24
C GLY A 113 5.15 12.75 -10.34
N GLU A 114 4.49 13.89 -10.36
CA GLU A 114 3.03 13.95 -10.45
C GLU A 114 2.56 13.38 -11.78
N LYS A 115 1.37 12.76 -11.76
CA LYS A 115 0.78 12.15 -12.95
C LYS A 115 0.55 13.18 -14.06
N PHE A 116 1.36 13.10 -15.11
CA PHE A 116 1.26 14.05 -16.22
C PHE A 116 1.07 13.35 -17.57
N GLY A 117 0.00 13.75 -18.26
CA GLY A 117 -0.27 13.20 -19.59
C GLY A 117 -1.13 11.96 -19.56
N ASP A 118 -1.62 11.60 -18.39
CA ASP A 118 -2.47 10.42 -18.24
C ASP A 118 -3.92 10.78 -18.54
N PRO A 119 -4.51 10.15 -19.58
CA PRO A 119 -5.90 10.41 -19.99
C PRO A 119 -6.89 9.98 -18.91
N LEU A 120 -6.45 9.10 -18.02
CA LEU A 120 -7.30 8.61 -16.96
C LEU A 120 -6.94 9.27 -15.63
N GLY A 121 -7.92 9.40 -14.76
CA GLY A 121 -7.70 9.99 -13.46
C GLY A 121 -7.70 8.93 -12.39
N TYR A 122 -7.73 9.34 -11.14
CA TYR A 122 -7.71 8.39 -10.04
C TYR A 122 -9.13 7.99 -9.69
N GLU A 123 -10.03 8.89 -9.94
CA GLU A 123 -11.45 8.69 -9.71
C GLU A 123 -12.01 7.55 -10.56
N ASP A 124 -11.38 7.32 -11.71
CA ASP A 124 -11.82 6.27 -12.63
C ASP A 124 -11.02 4.97 -12.42
N VAL A 125 -10.07 4.98 -11.49
CA VAL A 125 -9.24 3.79 -11.23
C VAL A 125 -9.27 3.34 -9.77
N ILE A 126 -8.98 4.26 -8.85
CA ILE A 126 -8.92 3.94 -7.41
C ILE A 126 -10.19 3.26 -6.87
N PRO A 127 -11.41 3.82 -7.06
CA PRO A 127 -12.64 3.17 -6.58
C PRO A 127 -12.76 1.73 -7.09
N GLU A 128 -12.12 1.42 -8.22
CA GLU A 128 -12.16 0.06 -8.78
C GLU A 128 -11.26 -0.85 -7.95
N ALA A 129 -10.06 -0.36 -7.64
CA ALA A 129 -9.09 -1.11 -6.83
C ALA A 129 -9.65 -1.40 -5.44
N ASP A 130 -10.40 -0.43 -4.91
CA ASP A 130 -11.01 -0.56 -3.58
C ASP A 130 -12.06 -1.66 -3.59
N ARG A 131 -12.74 -1.82 -4.73
CA ARG A 131 -13.79 -2.83 -4.87
C ARG A 131 -13.22 -4.24 -4.76
N GLU A 132 -12.10 -4.48 -5.42
CA GLU A 132 -11.46 -5.81 -5.41
C GLU A 132 -10.72 -6.05 -4.09
N GLY A 133 -10.74 -5.05 -3.21
CA GLY A 133 -10.07 -5.17 -1.92
C GLY A 133 -8.57 -5.06 -2.02
N VAL A 134 -8.08 -4.40 -3.07
CA VAL A 134 -6.65 -4.24 -3.25
C VAL A 134 -6.13 -3.08 -2.42
N ILE A 135 -5.43 -3.39 -1.33
CA ILE A 135 -4.87 -2.36 -0.48
C ILE A 135 -3.51 -1.95 -1.04
N ARG A 136 -3.26 -0.65 -1.15
CA ARG A 136 -2.01 -0.19 -1.73
C ARG A 136 -1.18 0.67 -0.80
N TYR A 137 0.10 0.75 -1.13
CA TYR A 137 1.08 1.56 -0.43
C TYR A 137 1.81 2.39 -1.49
N VAL A 138 2.10 3.64 -1.21
CA VAL A 138 2.76 4.48 -2.19
C VAL A 138 4.02 5.13 -1.61
N ILE A 139 5.04 5.23 -2.45
CA ILE A 139 6.29 5.84 -2.05
C ILE A 139 6.61 7.03 -2.94
N GLY A 140 6.58 8.22 -2.36
CA GLY A 140 6.89 9.42 -3.11
C GLY A 140 8.36 9.71 -3.07
N VAL A 141 8.96 9.92 -4.24
CA VAL A 141 10.40 10.18 -4.32
C VAL A 141 10.71 11.44 -5.13
N GLY A 142 11.23 12.47 -4.48
CA GLY A 142 11.60 13.66 -5.21
C GLY A 142 10.87 14.93 -4.80
N ASP A 143 11.27 16.02 -5.46
CA ASP A 143 10.72 17.36 -5.23
C ASP A 143 9.22 17.41 -5.48
N ALA A 144 8.75 16.52 -6.34
CA ALA A 144 7.35 16.48 -6.72
C ALA A 144 6.41 16.21 -5.53
N PHE A 145 6.93 15.65 -4.46
CA PHE A 145 6.08 15.33 -3.32
C PHE A 145 6.48 16.09 -2.05
N ARG A 146 7.06 17.27 -2.23
CA ARG A 146 7.47 18.09 -1.08
C ARG A 146 6.33 19.00 -0.63
N SER A 147 5.35 19.21 -1.51
CA SER A 147 4.23 20.06 -1.19
C SER A 147 3.03 19.24 -0.76
N GLU A 148 2.29 19.76 0.23
CA GLU A 148 1.12 19.07 0.74
C GLU A 148 0.03 18.91 -0.32
N LYS A 149 0.04 19.78 -1.34
CA LYS A 149 -0.94 19.68 -2.41
C LYS A 149 -0.65 18.45 -3.27
N SER A 150 0.62 18.09 -3.35
CA SER A 150 1.04 16.93 -4.13
C SER A 150 0.89 15.66 -3.30
N ARG A 151 1.05 15.81 -1.99
CA ARG A 151 0.94 14.70 -1.06
C ARG A 151 -0.48 14.12 -1.11
N GLN A 152 -1.44 14.98 -1.44
CA GLN A 152 -2.83 14.56 -1.53
C GLN A 152 -3.04 13.47 -2.57
N GLU A 153 -2.31 13.55 -3.67
CA GLU A 153 -2.44 12.56 -4.73
C GLU A 153 -1.88 11.22 -4.24
N LEU A 154 -0.90 11.28 -3.36
CA LEU A 154 -0.31 10.06 -2.78
C LEU A 154 -1.35 9.39 -1.89
N ASN A 155 -2.12 10.21 -1.21
CA ASN A 155 -3.17 9.75 -0.31
C ASN A 155 -4.33 9.17 -1.11
N THR A 156 -4.36 9.49 -2.41
CA THR A 156 -5.40 8.99 -3.30
C THR A 156 -5.00 7.63 -3.87
N ILE A 157 -3.71 7.50 -4.19
CA ILE A 157 -3.18 6.27 -4.74
C ILE A 157 -3.21 5.15 -3.71
N ALA A 158 -2.68 5.45 -2.53
CA ALA A 158 -2.63 4.48 -1.44
C ALA A 158 -3.98 4.38 -0.74
N SER A 159 -4.14 3.35 0.08
CA SER A 159 -5.37 3.15 0.81
C SER A 159 -5.30 3.86 2.16
N LYS A 160 -6.46 4.10 2.76
CA LYS A 160 -6.52 4.78 4.05
C LYS A 160 -6.11 3.85 5.18
N PRO A 161 -5.48 4.40 6.24
CA PRO A 161 -5.17 5.83 6.32
C PRO A 161 -3.85 6.17 5.63
N PRO A 162 -3.72 7.41 5.12
CA PRO A 162 -2.50 7.87 4.45
C PRO A 162 -1.27 7.77 5.34
N ARG A 163 -1.47 7.98 6.64
CA ARG A 163 -0.37 7.91 7.61
C ARG A 163 0.02 6.45 7.90
N ASP A 164 -0.48 5.54 7.08
CA ASP A 164 -0.20 4.13 7.24
C ASP A 164 0.20 3.48 5.91
N HIS A 165 -0.08 4.17 4.81
CA HIS A 165 0.24 3.61 3.49
C HIS A 165 1.02 4.58 2.60
N VAL A 166 1.29 5.79 3.09
CA VAL A 166 2.02 6.77 2.28
C VAL A 166 3.41 7.03 2.85
N PHE A 167 4.42 6.72 2.06
CA PHE A 167 5.80 6.93 2.45
C PHE A 167 6.40 8.02 1.56
N GLN A 168 7.32 8.79 2.12
CA GLN A 168 7.96 9.86 1.36
C GLN A 168 9.47 9.80 1.55
N VAL A 169 10.19 9.90 0.45
CA VAL A 169 11.63 9.86 0.48
C VAL A 169 12.17 10.99 -0.41
N ASN A 170 13.31 11.56 -0.02
CA ASN A 170 13.88 12.68 -0.77
C ASN A 170 14.74 12.23 -1.94
N ASN A 171 15.30 11.03 -1.86
CA ASN A 171 16.12 10.50 -2.95
C ASN A 171 16.03 8.99 -3.00
N PHE A 172 16.37 8.42 -4.15
CA PHE A 172 16.31 6.97 -4.35
C PHE A 172 17.27 6.20 -3.46
N GLU A 173 18.32 6.85 -3.00
CA GLU A 173 19.28 6.19 -2.12
C GLU A 173 18.68 5.97 -0.75
N ALA A 174 17.91 6.95 -0.29
CA ALA A 174 17.27 6.91 1.02
C ALA A 174 16.14 5.87 1.07
N LEU A 175 15.87 5.20 -0.05
CA LEU A 175 14.84 4.18 -0.09
C LEU A 175 15.20 3.02 0.82
N LYS A 176 16.50 2.84 1.03
CA LYS A 176 17.02 1.76 1.87
C LYS A 176 16.59 1.93 3.33
N THR A 177 16.39 3.17 3.75
CA THR A 177 16.00 3.46 5.12
C THR A 177 14.52 3.17 5.39
N ILE A 178 13.70 3.14 4.33
CA ILE A 178 12.27 2.89 4.50
C ILE A 178 11.94 1.41 4.36
N GLN A 179 12.94 0.61 4.00
CA GLN A 179 12.76 -0.83 3.80
C GLN A 179 12.23 -1.51 5.07
N ASN A 180 12.69 -1.04 6.23
CA ASN A 180 12.29 -1.62 7.52
C ASN A 180 10.80 -1.45 7.78
N GLN A 181 10.34 -0.20 7.77
CA GLN A 181 8.93 0.11 8.03
C GLN A 181 8.02 -0.54 7.01
N LEU A 182 8.42 -0.53 5.74
CA LEU A 182 7.61 -1.14 4.70
C LEU A 182 7.41 -2.63 4.99
N ARG A 183 8.48 -3.30 5.38
CA ARG A 183 8.45 -4.74 5.70
C ARG A 183 7.52 -5.03 6.88
N GLU A 184 7.61 -4.22 7.93
CA GLU A 184 6.79 -4.41 9.12
C GLU A 184 5.30 -4.15 8.82
N LYS A 185 5.02 -3.07 8.12
CA LYS A 185 3.65 -2.70 7.81
C LYS A 185 3.00 -3.62 6.78
N ILE A 186 3.80 -4.31 5.98
CA ILE A 186 3.25 -5.21 4.98
C ILE A 186 3.00 -6.59 5.59
N PHE A 187 3.63 -6.84 6.74
CA PHE A 187 3.46 -8.11 7.44
C PHE A 187 2.34 -8.00 8.46
N ALA A 188 2.10 -6.78 8.94
CA ALA A 188 1.05 -6.53 9.92
C ALA A 188 -0.33 -6.61 9.29
N ILE A 189 -0.88 -7.81 9.25
CA ILE A 189 -2.20 -8.03 8.68
C ILE A 189 -2.89 -9.18 9.40
N GLU A 190 -2.14 -10.22 9.71
CA GLU A 190 -2.66 -11.40 10.40
C GLU A 190 -1.49 -12.25 10.90
N GLY A 191 -1.81 -13.41 11.47
CA GLY A 191 -0.77 -14.29 11.98
C GLY A 191 -1.27 -15.20 13.08
N THR A 192 -2.57 -15.45 13.10
CA THR A 192 -3.16 -16.32 14.10
C THR A 192 -3.36 -17.72 13.55
N GLN A 193 -3.69 -18.66 14.43
CA GLN A 193 -3.91 -20.05 14.03
C GLN A 193 -5.03 -20.67 14.85
N THR A 194 -5.29 -21.94 14.61
CA THR A 194 -6.34 -22.65 15.32
C THR A 194 -5.81 -23.96 15.90
N GLY B 1 -32.50 1.04 55.30
CA GLY B 1 -31.44 1.34 54.36
C GLY B 1 -30.25 0.42 54.54
N LYS B 2 -29.11 0.83 54.01
CA LYS B 2 -27.90 0.04 54.10
C LYS B 2 -26.82 0.85 54.80
N LYS B 3 -26.37 1.91 54.12
CA LYS B 3 -25.35 2.80 54.65
C LYS B 3 -25.09 3.93 53.66
N GLU B 4 -25.06 5.16 54.15
CA GLU B 4 -24.76 6.31 53.31
C GLU B 4 -23.37 6.13 52.72
N LYS B 5 -23.30 6.09 51.40
CA LYS B 5 -22.03 5.86 50.73
C LYS B 5 -21.72 6.95 49.70
N PRO B 6 -20.88 7.92 50.07
CA PRO B 6 -20.47 8.99 49.17
C PRO B 6 -19.20 8.59 48.41
N GLU B 7 -18.40 9.58 48.02
CA GLU B 7 -17.17 9.32 47.29
C GLU B 7 -16.11 8.76 48.23
N LYS B 8 -16.06 7.43 48.33
CA LYS B 8 -15.09 6.76 49.18
C LYS B 8 -13.72 6.71 48.51
N LYS B 9 -13.73 6.42 47.21
CA LYS B 9 -12.49 6.34 46.44
C LYS B 9 -12.82 6.23 44.95
N VAL B 10 -11.97 6.82 44.13
CA VAL B 10 -12.15 6.79 42.69
C VAL B 10 -11.67 5.44 42.11
N LYS B 11 -12.27 5.02 41.01
CA LYS B 11 -11.88 3.77 40.38
C LYS B 11 -10.63 4.00 39.54
N LYS B 12 -9.76 2.99 39.48
CA LYS B 12 -8.53 3.10 38.72
C LYS B 12 -8.79 2.75 37.26
N SER B 13 -8.28 1.58 36.83
CA SER B 13 -8.43 1.15 35.44
C SER B 13 -7.64 2.09 34.52
N ASP B 14 -8.01 2.15 33.26
CA ASP B 14 -7.34 3.04 32.32
C ASP B 14 -7.86 4.46 32.53
N CYS B 15 -7.23 5.43 31.87
CA CYS B 15 -7.62 6.82 31.99
C CYS B 15 -8.95 7.07 31.28
N GLY B 16 -9.43 6.06 30.57
CA GLY B 16 -10.68 6.17 29.87
C GLY B 16 -10.91 4.97 28.97
N GLU B 17 -12.12 4.85 28.45
CA GLU B 17 -12.43 3.74 27.56
C GLU B 17 -11.99 4.06 26.13
N TRP B 18 -11.95 3.06 25.29
CA TRP B 18 -11.54 3.23 23.90
C TRP B 18 -12.63 3.93 23.10
N GLN B 19 -12.21 4.79 22.17
CA GLN B 19 -13.14 5.52 21.33
C GLN B 19 -13.61 4.63 20.18
N TRP B 20 -14.91 4.53 20.00
CA TRP B 20 -15.48 3.71 18.96
C TRP B 20 -15.96 4.54 17.78
N SER B 21 -15.23 4.46 16.69
CA SER B 21 -15.59 5.18 15.47
C SER B 21 -16.45 4.30 14.58
N VAL B 22 -17.06 4.88 13.57
CA VAL B 22 -17.91 4.14 12.65
C VAL B 22 -17.13 3.79 11.37
N CYS B 23 -17.51 2.71 10.72
CA CYS B 23 -16.84 2.28 9.49
C CYS B 23 -17.17 3.20 8.33
N VAL B 24 -16.29 4.15 8.06
CA VAL B 24 -16.49 5.09 6.96
C VAL B 24 -15.82 4.55 5.69
N PRO B 25 -16.63 4.12 4.70
CA PRO B 25 -16.13 3.59 3.44
C PRO B 25 -15.33 4.60 2.64
N THR B 26 -14.41 4.12 1.82
CA THR B 26 -13.58 4.98 0.99
C THR B 26 -14.25 5.20 -0.36
N SER B 27 -14.91 4.18 -0.86
CA SER B 27 -15.59 4.24 -2.14
C SER B 27 -17.08 3.95 -1.96
N GLY B 28 -17.91 4.77 -2.60
CA GLY B 28 -19.34 4.59 -2.49
C GLY B 28 -19.79 3.33 -3.22
N ASP B 29 -19.18 3.08 -4.38
CA ASP B 29 -19.49 1.90 -5.18
C ASP B 29 -18.68 0.72 -4.67
N CYS B 30 -18.82 0.44 -3.37
CA CYS B 30 -18.12 -0.64 -2.69
C CYS B 30 -16.62 -0.36 -2.59
N GLY B 31 -16.01 -0.82 -1.50
CA GLY B 31 -14.59 -0.62 -1.30
C GLY B 31 -14.18 -0.90 0.13
N LEU B 32 -13.02 -0.38 0.52
CA LEU B 32 -12.50 -0.60 1.86
C LEU B 32 -12.93 0.53 2.79
N GLY B 33 -12.91 0.27 4.09
CA GLY B 33 -13.30 1.27 5.08
C GLY B 33 -12.26 1.38 6.17
N THR B 34 -12.39 2.38 7.03
CA THR B 34 -11.42 2.59 8.11
C THR B 34 -12.09 2.97 9.42
N ARG B 35 -11.34 2.80 10.51
CA ARG B 35 -11.78 3.14 11.86
C ARG B 35 -10.58 3.58 12.66
N GLU B 36 -10.77 4.48 13.61
CA GLU B 36 -9.68 4.94 14.45
C GLU B 36 -10.15 5.26 15.85
N GLY B 37 -9.35 4.84 16.82
CA GLY B 37 -9.67 5.08 18.22
C GLY B 37 -8.43 5.47 18.98
N THR B 38 -8.54 6.47 19.84
CA THR B 38 -7.40 6.94 20.60
C THR B 38 -7.66 6.90 22.10
N ARG B 39 -6.60 6.71 22.86
CA ARG B 39 -6.70 6.68 24.31
C ARG B 39 -5.72 7.68 24.91
N THR B 40 -6.21 8.53 25.79
CA THR B 40 -5.40 9.55 26.43
C THR B 40 -5.61 9.56 27.94
N GLY B 41 -4.78 10.29 28.65
CA GLY B 41 -4.91 10.35 30.10
C GLY B 41 -3.74 11.05 30.75
N ALA B 42 -3.66 10.98 32.06
CA ALA B 42 -2.56 11.60 32.80
C ALA B 42 -1.30 10.77 32.68
N GLU B 43 -1.38 9.50 33.07
CA GLU B 43 -0.24 8.60 32.97
C GLU B 43 -0.34 7.78 31.70
N CYS B 44 -1.55 7.65 31.18
CA CYS B 44 -1.79 6.91 29.95
C CYS B 44 -1.27 7.70 28.75
N LYS B 45 -0.50 7.03 27.91
CA LYS B 45 0.08 7.67 26.73
C LYS B 45 -0.93 7.70 25.59
N GLN B 46 -0.67 8.55 24.60
CA GLN B 46 -1.55 8.67 23.44
C GLN B 46 -1.52 7.39 22.60
N THR B 47 -2.40 6.46 22.93
CA THR B 47 -2.47 5.20 22.22
C THR B 47 -3.42 5.33 21.03
N MET B 48 -2.89 5.17 19.83
CA MET B 48 -3.69 5.28 18.63
C MET B 48 -3.89 3.91 17.98
N LYS B 49 -5.15 3.55 17.75
CA LYS B 49 -5.47 2.29 17.12
C LYS B 49 -6.28 2.53 15.87
N THR B 50 -5.82 2.00 14.74
CA THR B 50 -6.51 2.15 13.48
C THR B 50 -6.94 0.78 12.95
N GLN B 51 -8.17 0.69 12.49
CA GLN B 51 -8.71 -0.55 11.96
C GLN B 51 -9.20 -0.35 10.53
N ARG B 52 -9.52 -1.45 9.86
CA ARG B 52 -10.00 -1.41 8.49
C ARG B 52 -11.32 -2.16 8.40
N CYS B 53 -12.30 -1.57 7.74
CA CYS B 53 -13.62 -2.18 7.60
C CYS B 53 -13.87 -2.65 6.17
N LYS B 54 -14.93 -3.44 6.00
CA LYS B 54 -15.29 -3.97 4.70
C LYS B 54 -16.78 -3.79 4.45
N ILE B 55 -17.14 -3.41 3.23
CA ILE B 55 -18.53 -3.20 2.86
C ILE B 55 -19.15 -4.54 2.43
N PRO B 56 -20.41 -4.82 2.82
CA PRO B 56 -21.10 -6.06 2.44
C PRO B 56 -21.48 -6.10 0.95
N CYS B 57 -21.78 -4.93 0.38
CA CYS B 57 -22.17 -4.82 -1.03
C CYS B 57 -23.48 -5.54 -1.29
N ASN B 58 -24.38 -5.50 -0.30
CA ASN B 58 -25.68 -6.15 -0.42
C ASN B 58 -26.61 -5.32 -1.32
N GLU A 1 -2.84 -17.86 -2.48
CA GLU A 1 -3.55 -18.35 -1.32
C GLU A 1 -3.29 -17.43 -0.12
N ASP A 2 -2.00 -17.17 0.11
CA ASP A 2 -1.57 -16.29 1.20
C ASP A 2 -1.74 -14.84 0.77
N SER A 3 -0.83 -14.35 -0.07
CA SER A 3 -0.89 -12.98 -0.54
C SER A 3 -0.28 -12.84 -1.92
N ASP A 4 -0.80 -11.89 -2.68
CA ASP A 4 -0.32 -11.58 -4.01
C ASP A 4 0.15 -10.14 -3.99
N ILE A 5 1.46 -9.93 -4.03
CA ILE A 5 2.01 -8.58 -3.99
C ILE A 5 2.53 -8.16 -5.34
N ALA A 6 2.04 -7.02 -5.81
CA ALA A 6 2.47 -6.49 -7.10
C ALA A 6 3.21 -5.17 -6.90
N PHE A 7 4.30 -5.02 -7.64
CA PHE A 7 5.11 -3.82 -7.57
C PHE A 7 4.92 -2.97 -8.81
N LEU A 8 4.66 -1.69 -8.62
CA LEU A 8 4.48 -0.76 -9.73
C LEU A 8 5.57 0.30 -9.71
N ILE A 9 6.54 0.14 -10.61
CA ILE A 9 7.64 1.08 -10.68
C ILE A 9 7.48 2.03 -11.87
N ASP A 10 7.82 3.28 -11.65
CA ASP A 10 7.74 4.29 -12.70
C ASP A 10 8.94 4.19 -13.64
N GLY A 11 8.69 4.39 -14.92
CA GLY A 11 9.76 4.32 -15.89
C GLY A 11 9.92 5.61 -16.64
N SER A 12 9.41 6.70 -16.04
CA SER A 12 9.47 8.03 -16.62
C SER A 12 10.90 8.42 -17.02
N GLY A 13 11.01 9.44 -17.87
CA GLY A 13 12.30 9.89 -18.35
C GLY A 13 12.97 10.87 -17.42
N SER A 14 12.33 11.18 -16.30
CA SER A 14 12.90 12.10 -15.33
C SER A 14 13.92 11.40 -14.45
N ILE A 15 13.66 10.12 -14.17
CA ILE A 15 14.55 9.32 -13.35
C ILE A 15 15.79 8.90 -14.16
N ILE A 16 16.96 9.14 -13.59
CA ILE A 16 18.20 8.79 -14.26
C ILE A 16 18.49 7.29 -14.12
N PRO A 17 19.17 6.69 -15.10
CA PRO A 17 19.51 5.26 -15.09
C PRO A 17 20.19 4.80 -13.79
N HIS A 18 20.98 5.68 -13.18
CA HIS A 18 21.66 5.35 -11.95
C HIS A 18 20.67 5.23 -10.79
N ASP A 19 19.67 6.10 -10.78
CA ASP A 19 18.66 6.09 -9.73
C ASP A 19 17.66 4.98 -9.99
N PHE A 20 17.43 4.70 -11.27
CA PHE A 20 16.52 3.62 -11.66
C PHE A 20 17.08 2.31 -11.14
N ARG A 21 18.41 2.25 -11.02
CA ARG A 21 19.09 1.08 -10.51
C ARG A 21 18.78 0.93 -9.03
N ARG A 22 18.79 2.04 -8.32
CA ARG A 22 18.50 2.04 -6.88
C ARG A 22 17.07 1.54 -6.65
N MET A 23 16.19 1.86 -7.60
CA MET A 23 14.80 1.45 -7.53
C MET A 23 14.68 -0.06 -7.65
N LYS A 24 15.43 -0.64 -8.58
CA LYS A 24 15.39 -2.09 -8.78
C LYS A 24 16.08 -2.80 -7.61
N GLU A 25 17.02 -2.12 -6.97
CA GLU A 25 17.71 -2.67 -5.81
C GLU A 25 16.71 -2.79 -4.68
N PHE A 26 15.88 -1.76 -4.56
CA PHE A 26 14.86 -1.69 -3.53
C PHE A 26 13.83 -2.80 -3.69
N VAL A 27 13.20 -2.86 -4.86
CA VAL A 27 12.17 -3.86 -5.12
C VAL A 27 12.67 -5.29 -4.95
N SER A 28 13.92 -5.56 -5.34
CA SER A 28 14.47 -6.90 -5.22
C SER A 28 14.74 -7.26 -3.76
N THR A 29 15.32 -6.31 -3.02
CA THR A 29 15.61 -6.53 -1.61
C THR A 29 14.31 -6.66 -0.80
N VAL A 30 13.31 -5.86 -1.16
CA VAL A 30 12.02 -5.91 -0.50
C VAL A 30 11.32 -7.22 -0.84
N MET A 31 11.48 -7.67 -2.07
CA MET A 31 10.86 -8.91 -2.53
C MET A 31 11.42 -10.11 -1.76
N GLU A 32 12.71 -10.05 -1.43
CA GLU A 32 13.37 -11.13 -0.71
C GLU A 32 12.83 -11.28 0.71
N GLN A 33 12.80 -10.17 1.46
CA GLN A 33 12.33 -10.19 2.83
C GLN A 33 10.83 -10.45 2.93
N LEU A 34 10.14 -10.43 1.79
CA LEU A 34 8.71 -10.67 1.76
C LEU A 34 8.39 -11.95 0.99
N LYS A 35 9.42 -12.77 0.76
CA LYS A 35 9.25 -14.01 0.02
C LYS A 35 8.78 -15.15 0.93
N LYS A 36 7.48 -15.40 0.95
CA LYS A 36 6.93 -16.46 1.77
C LYS A 36 6.73 -17.74 0.95
N SER A 37 6.06 -18.72 1.53
CA SER A 37 5.82 -20.00 0.86
C SER A 37 4.58 -19.94 -0.04
N LYS A 38 3.68 -19.01 0.24
CA LYS A 38 2.46 -18.88 -0.55
C LYS A 38 2.31 -17.47 -1.09
N THR A 39 3.38 -16.70 -1.08
CA THR A 39 3.35 -15.34 -1.56
C THR A 39 4.04 -15.24 -2.92
N LEU A 40 3.34 -14.69 -3.88
CA LEU A 40 3.89 -14.53 -5.22
C LEU A 40 3.99 -13.04 -5.53
N PHE A 41 4.82 -12.69 -6.49
CA PHE A 41 5.02 -11.29 -6.83
C PHE A 41 4.86 -11.07 -8.32
N SER A 42 4.46 -9.85 -8.66
CA SER A 42 4.29 -9.45 -10.04
C SER A 42 4.77 -8.00 -10.15
N LEU A 43 5.29 -7.64 -11.31
CA LEU A 43 5.79 -6.28 -11.47
C LEU A 43 5.50 -5.75 -12.86
N MET A 44 5.01 -4.52 -12.91
CA MET A 44 4.69 -3.85 -14.16
C MET A 44 5.30 -2.47 -14.15
N GLN A 45 6.00 -2.13 -15.22
CA GLN A 45 6.63 -0.82 -15.34
C GLN A 45 5.73 0.08 -16.18
N TYR A 46 5.72 1.37 -15.90
CA TYR A 46 4.85 2.28 -16.63
C TYR A 46 5.47 3.65 -16.88
N SER A 47 5.07 4.25 -18.00
CA SER A 47 5.47 5.59 -18.41
C SER A 47 4.29 6.14 -19.18
N GLU A 48 4.20 5.81 -20.46
CA GLU A 48 3.03 6.15 -21.24
C GLU A 48 2.48 4.83 -21.74
N GLU A 49 3.38 3.86 -21.82
CA GLU A 49 3.05 2.51 -22.18
C GLU A 49 3.19 1.67 -20.92
N PHE A 50 2.93 0.37 -21.01
CA PHE A 50 3.04 -0.49 -19.85
C PHE A 50 3.71 -1.79 -20.24
N ARG A 51 4.70 -2.20 -19.46
CA ARG A 51 5.43 -3.42 -19.74
C ARG A 51 5.48 -4.31 -18.51
N ILE A 52 4.82 -5.44 -18.60
CA ILE A 52 4.84 -6.41 -17.52
C ILE A 52 6.18 -7.13 -17.56
N HIS A 53 6.83 -7.27 -16.42
CA HIS A 53 8.13 -7.93 -16.39
C HIS A 53 8.00 -9.37 -15.97
N PHE A 54 7.04 -9.64 -15.11
CA PHE A 54 6.78 -10.98 -14.64
C PHE A 54 5.47 -11.00 -13.88
N THR A 55 4.74 -12.09 -14.02
CA THR A 55 3.48 -12.26 -13.35
C THR A 55 3.61 -13.29 -12.23
N PHE A 56 2.56 -13.47 -11.46
CA PHE A 56 2.60 -14.41 -10.34
C PHE A 56 2.86 -15.85 -10.81
N LYS A 57 2.34 -16.20 -11.98
CA LYS A 57 2.50 -17.57 -12.51
C LYS A 57 3.96 -17.93 -12.77
N GLU A 58 4.75 -16.99 -13.26
CA GLU A 58 6.15 -17.29 -13.56
C GLU A 58 7.05 -17.10 -12.34
N PHE A 59 6.60 -16.30 -11.39
CA PHE A 59 7.38 -16.09 -10.17
C PHE A 59 7.33 -17.35 -9.34
N GLN A 60 6.31 -18.16 -9.60
CA GLN A 60 6.13 -19.42 -8.91
C GLN A 60 7.16 -20.41 -9.46
N ASN A 61 7.49 -20.25 -10.73
CA ASN A 61 8.47 -21.11 -11.40
C ASN A 61 9.88 -20.64 -11.05
N ASN A 62 10.06 -19.32 -11.00
CA ASN A 62 11.34 -18.73 -10.66
C ASN A 62 11.16 -17.75 -9.51
N PRO A 63 11.28 -18.24 -8.27
CA PRO A 63 11.11 -17.41 -7.08
C PRO A 63 12.35 -16.58 -6.73
N ASN A 64 13.12 -16.22 -7.74
CA ASN A 64 14.32 -15.41 -7.52
C ASN A 64 14.12 -14.04 -8.15
N PRO A 65 13.82 -13.04 -7.30
CA PRO A 65 13.55 -11.68 -7.77
C PRO A 65 14.76 -11.00 -8.40
N ARG A 66 15.95 -11.38 -7.97
CA ARG A 66 17.16 -10.75 -8.48
C ARG A 66 17.43 -11.13 -9.94
N SER A 67 16.91 -12.26 -10.39
CA SER A 67 17.11 -12.69 -11.77
C SER A 67 16.01 -12.17 -12.68
N LEU A 68 14.90 -11.73 -12.10
CA LEU A 68 13.79 -11.20 -12.88
C LEU A 68 13.79 -9.68 -12.88
N VAL A 69 14.47 -9.10 -11.89
CA VAL A 69 14.56 -7.65 -11.78
C VAL A 69 15.82 -7.10 -12.45
N LYS A 70 16.86 -7.92 -12.52
CA LYS A 70 18.13 -7.48 -13.14
C LYS A 70 17.95 -7.05 -14.61
N PRO A 71 17.29 -7.87 -15.47
CA PRO A 71 17.11 -7.52 -16.90
C PRO A 71 16.07 -6.42 -17.14
N ILE A 72 15.68 -5.73 -16.08
CA ILE A 72 14.70 -4.65 -16.21
C ILE A 72 15.36 -3.36 -16.68
N THR A 73 14.92 -2.86 -17.82
CA THR A 73 15.45 -1.62 -18.39
C THR A 73 14.38 -0.51 -18.34
N GLN A 74 14.81 0.73 -18.52
CA GLN A 74 13.91 1.87 -18.47
C GLN A 74 13.11 2.01 -19.77
N LEU A 75 11.91 2.58 -19.67
CA LEU A 75 11.06 2.76 -20.84
C LEU A 75 11.22 4.15 -21.42
N LEU A 76 11.23 5.16 -20.53
CA LEU A 76 11.39 6.58 -20.90
C LEU A 76 10.10 7.15 -21.47
N GLY A 77 9.64 8.22 -20.84
CA GLY A 77 8.43 8.90 -21.25
C GLY A 77 7.86 9.72 -20.11
N ARG A 78 6.55 9.88 -20.07
CA ARG A 78 5.92 10.64 -18.99
C ARG A 78 5.33 9.68 -17.95
N THR A 79 4.35 10.13 -17.17
CA THR A 79 3.76 9.29 -16.14
C THR A 79 2.30 8.91 -16.46
N HIS A 80 1.98 7.64 -16.24
CA HIS A 80 0.63 7.13 -16.48
C HIS A 80 0.28 6.15 -15.36
N THR A 81 0.39 6.63 -14.12
CA THR A 81 0.12 5.79 -12.96
C THR A 81 -1.36 5.43 -12.82
N ALA A 82 -2.25 6.23 -13.41
CA ALA A 82 -3.68 5.94 -13.30
C ALA A 82 -4.06 4.75 -14.16
N THR A 83 -3.75 4.84 -15.44
CA THR A 83 -4.04 3.75 -16.36
C THR A 83 -3.20 2.52 -15.99
N GLY A 84 -2.06 2.77 -15.36
CA GLY A 84 -1.18 1.70 -14.94
C GLY A 84 -1.80 0.81 -13.87
N ILE A 85 -2.23 1.41 -12.76
CA ILE A 85 -2.84 0.65 -11.67
C ILE A 85 -4.12 -0.03 -12.14
N ARG A 86 -4.77 0.56 -13.14
CA ARG A 86 -5.99 -0.02 -13.70
C ARG A 86 -5.68 -1.35 -14.34
N LYS A 87 -4.54 -1.41 -15.02
CA LYS A 87 -4.12 -2.62 -15.70
C LYS A 87 -3.69 -3.67 -14.69
N VAL A 88 -3.24 -3.22 -13.53
CA VAL A 88 -2.81 -4.13 -12.49
C VAL A 88 -3.99 -4.92 -11.94
N VAL A 89 -5.08 -4.22 -11.67
CA VAL A 89 -6.28 -4.83 -11.12
C VAL A 89 -6.98 -5.73 -12.14
N ARG A 90 -6.78 -5.48 -13.43
CA ARG A 90 -7.43 -6.27 -14.46
C ARG A 90 -6.52 -7.34 -15.08
N GLU A 91 -5.24 -7.07 -15.17
CA GLU A 91 -4.30 -8.00 -15.80
C GLU A 91 -3.36 -8.67 -14.81
N LEU A 92 -2.60 -7.87 -14.04
CA LEU A 92 -1.65 -8.43 -13.08
C LEU A 92 -2.34 -9.32 -12.07
N PHE A 93 -3.48 -8.85 -11.56
CA PHE A 93 -4.22 -9.60 -10.57
C PHE A 93 -5.24 -10.54 -11.22
N ASN A 94 -4.97 -10.95 -12.46
CA ASN A 94 -5.85 -11.86 -13.17
C ASN A 94 -5.48 -13.31 -12.87
N ILE A 95 -6.49 -14.15 -12.72
CA ILE A 95 -6.29 -15.57 -12.40
C ILE A 95 -5.39 -16.26 -13.41
N THR A 96 -5.63 -15.97 -14.69
CA THR A 96 -4.87 -16.57 -15.77
C THR A 96 -3.41 -16.10 -15.79
N ASN A 97 -3.11 -15.08 -14.99
CA ASN A 97 -1.74 -14.56 -14.92
C ASN A 97 -1.03 -15.08 -13.68
N GLY A 98 -1.69 -15.98 -12.97
CA GLY A 98 -1.10 -16.59 -11.79
C GLY A 98 -1.67 -16.05 -10.50
N ALA A 99 -2.50 -15.02 -10.59
CA ALA A 99 -3.10 -14.42 -9.40
C ALA A 99 -4.11 -15.39 -8.79
N ARG A 100 -4.03 -15.57 -7.49
CA ARG A 100 -4.93 -16.47 -6.79
C ARG A 100 -6.14 -15.72 -6.27
N LYS A 101 -7.25 -16.42 -6.13
CA LYS A 101 -8.46 -15.83 -5.61
C LYS A 101 -8.53 -16.08 -4.10
N ASN A 102 -9.17 -15.17 -3.39
CA ASN A 102 -9.34 -15.25 -1.93
C ASN A 102 -8.04 -14.87 -1.21
N ALA A 103 -6.98 -14.67 -2.00
CA ALA A 103 -5.68 -14.30 -1.44
C ALA A 103 -5.59 -12.79 -1.28
N PHE A 104 -4.91 -12.36 -0.23
CA PHE A 104 -4.74 -10.93 0.04
C PHE A 104 -3.88 -10.29 -1.03
N LYS A 105 -4.40 -9.24 -1.65
CA LYS A 105 -3.68 -8.56 -2.71
C LYS A 105 -3.24 -7.17 -2.27
N ILE A 106 -1.94 -6.94 -2.34
CA ILE A 106 -1.38 -5.66 -1.95
C ILE A 106 -0.59 -5.08 -3.11
N LEU A 107 -0.78 -3.79 -3.34
CA LEU A 107 -0.12 -3.10 -4.44
C LEU A 107 0.75 -1.96 -3.92
N VAL A 108 1.97 -1.87 -4.42
CA VAL A 108 2.88 -0.81 -4.03
C VAL A 108 3.31 -0.01 -5.25
N VAL A 109 3.20 1.30 -5.16
CA VAL A 109 3.55 2.18 -6.28
C VAL A 109 4.72 3.09 -5.93
N ILE A 110 5.68 3.17 -6.84
CA ILE A 110 6.86 4.01 -6.66
C ILE A 110 6.96 4.98 -7.84
N THR A 111 6.74 6.26 -7.57
CA THR A 111 6.81 7.28 -8.62
C THR A 111 7.64 8.47 -8.17
N ASP A 112 8.05 9.31 -9.12
CA ASP A 112 8.88 10.48 -8.82
C ASP A 112 8.20 11.79 -9.18
N GLY A 113 7.14 11.73 -9.99
CA GLY A 113 6.48 12.95 -10.38
C GLY A 113 4.97 12.81 -10.47
N GLU A 114 4.28 13.95 -10.49
CA GLU A 114 2.83 13.97 -10.57
C GLU A 114 2.37 13.41 -11.92
N LYS A 115 1.21 12.76 -11.90
CA LYS A 115 0.62 12.17 -13.11
C LYS A 115 0.42 13.20 -14.22
N PHE A 116 1.16 13.06 -15.32
CA PHE A 116 1.06 14.00 -16.42
C PHE A 116 0.88 13.28 -17.77
N GLY A 117 -0.19 13.65 -18.47
CA GLY A 117 -0.45 13.07 -19.79
C GLY A 117 -1.29 11.81 -19.75
N ASP A 118 -1.80 11.47 -18.58
CA ASP A 118 -2.64 10.30 -18.42
C ASP A 118 -4.09 10.64 -18.74
N PRO A 119 -4.68 9.98 -19.77
CA PRO A 119 -6.06 10.23 -20.18
C PRO A 119 -7.07 9.79 -19.10
N LEU A 120 -6.62 8.91 -18.22
CA LEU A 120 -7.47 8.41 -17.15
C LEU A 120 -7.11 9.08 -15.83
N GLY A 121 -8.08 9.19 -14.94
CA GLY A 121 -7.85 9.80 -13.65
C GLY A 121 -7.83 8.75 -12.57
N TYR A 122 -7.87 9.17 -11.32
CA TYR A 122 -7.85 8.22 -10.21
C TYR A 122 -9.27 7.79 -9.89
N GLU A 123 -10.19 8.71 -10.13
CA GLU A 123 -11.60 8.52 -9.89
C GLU A 123 -12.15 7.36 -10.73
N ASP A 124 -11.54 7.10 -11.87
CA ASP A 124 -11.98 6.03 -12.77
C ASP A 124 -11.17 4.75 -12.56
N VAL A 125 -10.19 4.80 -11.65
CA VAL A 125 -9.36 3.62 -11.37
C VAL A 125 -9.38 3.19 -9.90
N ILE A 126 -9.12 4.14 -9.00
CA ILE A 126 -9.06 3.86 -7.55
C ILE A 126 -10.31 3.13 -7.03
N PRO A 127 -11.54 3.66 -7.25
CA PRO A 127 -12.77 2.98 -6.79
C PRO A 127 -12.87 1.54 -7.30
N GLU A 128 -12.17 1.24 -8.39
CA GLU A 128 -12.17 -0.11 -8.97
C GLU A 128 -11.28 -1.02 -8.11
N ALA A 129 -10.09 -0.53 -7.80
CA ALA A 129 -9.14 -1.28 -6.97
C ALA A 129 -9.71 -1.58 -5.60
N ASP A 130 -10.48 -0.63 -5.08
CA ASP A 130 -11.11 -0.78 -3.77
C ASP A 130 -12.19 -1.85 -3.81
N ARG A 131 -12.78 -2.05 -4.99
CA ARG A 131 -13.83 -3.04 -5.16
C ARG A 131 -13.29 -4.46 -4.98
N GLU A 132 -12.12 -4.72 -5.56
CA GLU A 132 -11.49 -6.04 -5.47
C GLU A 132 -10.80 -6.24 -4.13
N GLY A 133 -10.78 -5.18 -3.31
CA GLY A 133 -10.17 -5.25 -2.01
C GLY A 133 -8.65 -5.16 -2.05
N VAL A 134 -8.13 -4.57 -3.11
CA VAL A 134 -6.68 -4.42 -3.24
C VAL A 134 -6.19 -3.22 -2.45
N ILE A 135 -5.42 -3.47 -1.42
CA ILE A 135 -4.88 -2.38 -0.59
C ILE A 135 -3.64 -1.81 -1.27
N ARG A 136 -3.42 -0.51 -1.13
CA ARG A 136 -2.28 0.12 -1.80
C ARG A 136 -1.36 0.87 -0.84
N TYR A 137 -0.11 0.99 -1.26
CA TYR A 137 0.93 1.72 -0.54
C TYR A 137 1.65 2.57 -1.57
N VAL A 138 2.00 3.80 -1.23
CA VAL A 138 2.68 4.65 -2.18
C VAL A 138 3.97 5.22 -1.58
N ILE A 139 4.98 5.37 -2.44
CA ILE A 139 6.26 5.90 -2.04
C ILE A 139 6.58 7.14 -2.86
N GLY A 140 6.74 8.26 -2.17
CA GLY A 140 7.06 9.51 -2.84
C GLY A 140 8.55 9.77 -2.85
N VAL A 141 9.11 9.94 -4.04
CA VAL A 141 10.54 10.19 -4.18
C VAL A 141 10.80 11.39 -5.08
N GLY A 142 11.35 12.46 -4.50
CA GLY A 142 11.67 13.62 -5.31
C GLY A 142 11.04 14.91 -4.84
N ASP A 143 11.45 16.00 -5.50
CA ASP A 143 10.96 17.35 -5.20
C ASP A 143 9.46 17.47 -5.44
N ALA A 144 8.94 16.61 -6.30
CA ALA A 144 7.53 16.62 -6.66
C ALA A 144 6.61 16.39 -5.46
N PHE A 145 7.12 15.74 -4.43
CA PHE A 145 6.29 15.44 -3.27
C PHE A 145 6.76 16.16 -2.01
N ARG A 146 7.39 17.32 -2.17
CA ARG A 146 7.87 18.09 -1.02
C ARG A 146 6.80 19.04 -0.50
N SER A 147 5.76 19.25 -1.28
CA SER A 147 4.69 20.15 -0.88
C SER A 147 3.45 19.37 -0.47
N GLU A 148 2.76 19.84 0.57
CA GLU A 148 1.57 19.17 1.07
C GLU A 148 0.46 19.12 0.01
N LYS A 149 0.51 20.03 -0.96
CA LYS A 149 -0.49 20.03 -2.03
C LYS A 149 -0.30 18.81 -2.93
N SER A 150 0.94 18.38 -3.08
CA SER A 150 1.26 17.23 -3.92
C SER A 150 1.14 15.95 -3.10
N ARG A 151 1.31 16.07 -1.80
CA ARG A 151 1.22 14.94 -0.90
C ARG A 151 -0.19 14.38 -0.91
N GLN A 152 -1.16 15.24 -1.21
CA GLN A 152 -2.56 14.85 -1.25
C GLN A 152 -2.81 13.81 -2.33
N GLU A 153 -2.06 13.89 -3.42
CA GLU A 153 -2.22 12.93 -4.51
C GLU A 153 -1.77 11.54 -4.03
N LEU A 154 -0.77 11.53 -3.16
CA LEU A 154 -0.24 10.29 -2.60
C LEU A 154 -1.29 9.66 -1.70
N ASN A 155 -2.07 10.51 -1.04
CA ASN A 155 -3.13 10.08 -0.14
C ASN A 155 -4.33 9.59 -0.94
N THR A 156 -4.29 9.82 -2.26
CA THR A 156 -5.36 9.39 -3.14
C THR A 156 -5.00 8.05 -3.78
N ILE A 157 -3.71 7.85 -4.02
CA ILE A 157 -3.20 6.63 -4.62
C ILE A 157 -3.17 5.50 -3.59
N ALA A 158 -2.69 5.82 -2.40
CA ALA A 158 -2.59 4.85 -1.33
C ALA A 158 -3.90 4.73 -0.57
N SER A 159 -4.02 3.69 0.22
CA SER A 159 -5.24 3.46 1.00
C SER A 159 -5.14 4.19 2.34
N LYS A 160 -6.29 4.54 2.89
CA LYS A 160 -6.33 5.24 4.17
C LYS A 160 -5.95 4.29 5.30
N PRO A 161 -5.32 4.80 6.37
CA PRO A 161 -4.96 6.22 6.48
C PRO A 161 -3.62 6.53 5.80
N PRO A 162 -3.44 7.77 5.33
CA PRO A 162 -2.21 8.20 4.67
C PRO A 162 -0.98 8.02 5.57
N ARG A 163 -1.19 8.21 6.87
CA ARG A 163 -0.11 8.08 7.86
C ARG A 163 0.21 6.60 8.14
N ASP A 164 -0.20 5.73 7.23
CA ASP A 164 0.03 4.30 7.39
C ASP A 164 0.39 3.66 6.04
N HIS A 165 0.05 4.32 4.94
CA HIS A 165 0.32 3.76 3.62
C HIS A 165 1.08 4.72 2.70
N VAL A 166 1.54 5.84 3.25
CA VAL A 166 2.27 6.80 2.43
C VAL A 166 3.67 7.03 2.96
N PHE A 167 4.66 6.66 2.16
CA PHE A 167 6.05 6.81 2.54
C PHE A 167 6.70 7.88 1.65
N GLN A 168 7.57 8.68 2.23
CA GLN A 168 8.25 9.72 1.50
C GLN A 168 9.75 9.59 1.67
N VAL A 169 10.49 9.76 0.59
CA VAL A 169 11.93 9.65 0.62
C VAL A 169 12.55 10.78 -0.19
N ASN A 170 13.68 11.30 0.26
CA ASN A 170 14.33 12.42 -0.42
C ASN A 170 15.19 11.95 -1.59
N ASN A 171 15.78 10.77 -1.49
CA ASN A 171 16.61 10.23 -2.55
C ASN A 171 16.42 8.73 -2.65
N PHE A 172 16.72 8.17 -3.82
CA PHE A 172 16.55 6.74 -4.07
C PHE A 172 17.45 5.87 -3.20
N GLU A 173 18.52 6.43 -2.67
CA GLU A 173 19.42 5.66 -1.82
C GLU A 173 18.82 5.45 -0.44
N ALA A 174 18.14 6.47 0.06
CA ALA A 174 17.51 6.43 1.38
C ALA A 174 16.34 5.45 1.43
N LEU A 175 16.06 4.79 0.32
CA LEU A 175 14.98 3.81 0.26
C LEU A 175 15.30 2.60 1.13
N LYS A 176 16.60 2.39 1.36
CA LYS A 176 17.06 1.26 2.16
C LYS A 176 16.61 1.42 3.62
N THR A 177 16.52 2.65 4.06
CA THR A 177 16.12 2.96 5.43
C THR A 177 14.62 2.71 5.68
N ILE A 178 13.81 2.80 4.62
CA ILE A 178 12.36 2.60 4.78
C ILE A 178 11.96 1.14 4.58
N GLN A 179 12.93 0.30 4.21
CA GLN A 179 12.69 -1.12 3.97
C GLN A 179 12.16 -1.81 5.23
N ASN A 180 12.64 -1.36 6.39
CA ASN A 180 12.24 -1.94 7.66
C ASN A 180 10.76 -1.72 7.94
N GLN A 181 10.33 -0.46 7.97
CA GLN A 181 8.95 -0.12 8.26
C GLN A 181 8.00 -0.73 7.24
N LEU A 182 8.41 -0.72 5.97
CA LEU A 182 7.60 -1.29 4.92
C LEU A 182 7.36 -2.78 5.17
N ARG A 183 8.40 -3.49 5.58
CA ARG A 183 8.29 -4.91 5.88
C ARG A 183 7.33 -5.17 7.04
N GLU A 184 7.47 -4.40 8.09
CA GLU A 184 6.64 -4.56 9.28
C GLU A 184 5.18 -4.24 8.99
N LYS A 185 4.94 -3.13 8.30
CA LYS A 185 3.59 -2.70 7.99
C LYS A 185 2.92 -3.58 6.94
N ILE A 186 3.70 -4.19 6.06
CA ILE A 186 3.13 -5.04 5.04
C ILE A 186 2.80 -6.42 5.62
N PHE A 187 3.41 -6.75 6.76
CA PHE A 187 3.15 -8.02 7.42
C PHE A 187 2.00 -7.87 8.41
N ALA A 188 1.82 -6.66 8.91
CA ALA A 188 0.75 -6.38 9.86
C ALA A 188 -0.60 -6.50 9.17
N ILE A 189 -1.34 -7.54 9.53
CA ILE A 189 -2.66 -7.80 8.95
C ILE A 189 -2.50 -8.14 7.47
N GLU A 190 -1.50 -8.97 7.17
CA GLU A 190 -1.23 -9.38 5.81
C GLU A 190 -2.02 -10.64 5.46
N GLY A 191 -2.10 -11.55 6.42
CA GLY A 191 -2.83 -12.79 6.22
C GLY A 191 -2.81 -13.64 7.47
N THR A 192 -1.79 -13.45 8.29
CA THR A 192 -1.68 -14.20 9.54
C THR A 192 -2.82 -13.82 10.48
N GLN A 193 -3.47 -14.83 11.06
CA GLN A 193 -4.59 -14.62 11.96
C GLN A 193 -4.15 -13.87 13.21
N THR A 194 -2.98 -14.21 13.72
CA THR A 194 -2.45 -13.55 14.91
C THR A 194 -1.28 -12.65 14.56
N GLY B 1 -32.65 1.39 54.85
CA GLY B 1 -31.62 1.67 53.89
C GLY B 1 -30.41 0.78 54.07
N LYS B 2 -29.27 1.23 53.60
CA LYS B 2 -28.03 0.47 53.71
C LYS B 2 -26.96 1.32 54.40
N LYS B 3 -26.54 2.36 53.69
CA LYS B 3 -25.52 3.28 54.19
C LYS B 3 -25.28 4.39 53.17
N GLU B 4 -25.27 5.62 53.63
CA GLU B 4 -25.00 6.76 52.76
C GLU B 4 -23.62 6.59 52.17
N LYS B 5 -23.52 6.53 50.85
CA LYS B 5 -22.26 6.31 50.19
C LYS B 5 -21.96 7.37 49.14
N PRO B 6 -21.14 8.37 49.50
CA PRO B 6 -20.74 9.43 48.58
C PRO B 6 -19.47 9.04 47.82
N GLU B 7 -18.71 10.04 47.40
CA GLU B 7 -17.47 9.79 46.67
C GLU B 7 -16.38 9.27 47.63
N LYS B 8 -16.30 7.96 47.76
CA LYS B 8 -15.32 7.32 48.63
C LYS B 8 -13.96 7.27 47.95
N LYS B 9 -13.96 6.97 46.66
CA LYS B 9 -12.73 6.88 45.89
C LYS B 9 -13.05 6.73 44.41
N VAL B 10 -12.22 7.32 43.57
CA VAL B 10 -12.40 7.25 42.13
C VAL B 10 -11.90 5.90 41.60
N LYS B 11 -12.48 5.45 40.49
CA LYS B 11 -12.07 4.18 39.90
C LYS B 11 -10.82 4.40 39.07
N LYS B 12 -9.94 3.41 39.03
CA LYS B 12 -8.71 3.52 38.27
C LYS B 12 -8.95 3.13 36.81
N SER B 13 -8.38 1.99 36.39
CA SER B 13 -8.53 1.52 35.01
C SER B 13 -7.77 2.47 34.08
N ASP B 14 -8.15 2.50 32.81
CA ASP B 14 -7.50 3.38 31.85
C ASP B 14 -8.04 4.79 32.03
N CYS B 15 -7.45 5.74 31.32
CA CYS B 15 -7.87 7.13 31.41
C CYS B 15 -9.21 7.35 30.69
N GLY B 16 -9.70 6.29 30.07
CA GLY B 16 -10.95 6.35 29.35
C GLY B 16 -11.13 5.15 28.47
N GLU B 17 -12.33 4.97 27.95
CA GLU B 17 -12.61 3.83 27.09
C GLU B 17 -12.18 4.15 25.66
N TRP B 18 -12.10 3.12 24.84
CA TRP B 18 -11.69 3.27 23.46
C TRP B 18 -12.80 3.93 22.62
N GLN B 19 -12.40 4.76 21.67
CA GLN B 19 -13.34 5.44 20.82
C GLN B 19 -13.79 4.52 19.70
N TRP B 20 -15.09 4.40 19.52
CA TRP B 20 -15.63 3.52 18.49
C TRP B 20 -16.13 4.32 17.29
N SER B 21 -15.42 4.22 16.19
CA SER B 21 -15.78 4.92 14.98
C SER B 21 -16.63 4.00 14.11
N VAL B 22 -17.23 4.55 13.07
CA VAL B 22 -18.07 3.78 12.16
C VAL B 22 -17.27 3.40 10.91
N CYS B 23 -17.65 2.31 10.27
CA CYS B 23 -16.97 1.85 9.06
C CYS B 23 -17.32 2.74 7.87
N VAL B 24 -16.46 3.70 7.58
CA VAL B 24 -16.67 4.60 6.46
C VAL B 24 -16.01 4.04 5.21
N PRO B 25 -16.81 3.60 4.23
CA PRO B 25 -16.31 3.02 2.97
C PRO B 25 -15.58 4.04 2.12
N THR B 26 -14.58 3.58 1.37
CA THR B 26 -13.82 4.46 0.50
C THR B 26 -14.51 4.59 -0.86
N SER B 27 -15.28 3.58 -1.22
CA SER B 27 -15.98 3.58 -2.48
C SER B 27 -17.45 3.23 -2.25
N GLY B 28 -18.34 4.02 -2.85
CA GLY B 28 -19.76 3.77 -2.71
C GLY B 28 -20.18 2.50 -3.41
N ASP B 29 -19.58 2.27 -4.57
CA ASP B 29 -19.87 1.07 -5.37
C ASP B 29 -18.99 -0.08 -4.88
N CYS B 30 -19.11 -0.36 -3.57
CA CYS B 30 -18.34 -1.41 -2.91
C CYS B 30 -16.85 -1.06 -2.82
N GLY B 31 -16.26 -1.33 -1.67
CA GLY B 31 -14.86 -1.05 -1.48
C GLY B 31 -14.41 -1.29 -0.05
N LEU B 32 -13.18 -0.88 0.26
CA LEU B 32 -12.62 -1.05 1.59
C LEU B 32 -13.05 0.10 2.50
N GLY B 33 -13.01 -0.14 3.80
CA GLY B 33 -13.38 0.88 4.76
C GLY B 33 -12.34 1.02 5.85
N THR B 34 -12.42 2.08 6.64
CA THR B 34 -11.44 2.31 7.70
C THR B 34 -12.12 2.72 9.01
N ARG B 35 -11.39 2.51 10.10
CA ARG B 35 -11.86 2.85 11.44
C ARG B 35 -10.68 3.32 12.27
N GLU B 36 -10.87 4.31 13.13
CA GLU B 36 -9.79 4.80 13.97
C GLU B 36 -10.29 5.15 15.36
N GLY B 37 -9.52 4.77 16.36
CA GLY B 37 -9.85 5.05 17.73
C GLY B 37 -8.62 5.48 18.50
N THR B 38 -8.75 6.51 19.32
CA THR B 38 -7.62 6.99 20.08
C THR B 38 -7.88 6.98 21.57
N ARG B 39 -6.83 6.82 22.35
CA ARG B 39 -6.91 6.80 23.79
C ARG B 39 -5.95 7.84 24.36
N THR B 40 -6.47 8.73 25.20
CA THR B 40 -5.67 9.78 25.81
C THR B 40 -5.90 9.83 27.31
N GLY B 41 -5.08 10.59 28.01
CA GLY B 41 -5.23 10.71 29.45
C GLY B 41 -4.06 11.43 30.08
N ALA B 42 -3.98 11.37 31.41
CA ALA B 42 -2.90 12.01 32.14
C ALA B 42 -1.62 11.21 32.02
N GLU B 43 -1.66 9.96 32.47
CA GLU B 43 -0.51 9.09 32.38
C GLU B 43 -0.59 8.22 31.12
N CYS B 44 -1.80 8.05 30.63
CA CYS B 44 -2.04 7.27 29.41
C CYS B 44 -1.54 8.04 28.20
N LYS B 45 -0.74 7.39 27.37
CA LYS B 45 -0.19 8.03 26.18
C LYS B 45 -1.18 7.98 25.04
N GLN B 46 -0.96 8.81 24.03
CA GLN B 46 -1.83 8.88 22.86
C GLN B 46 -1.75 7.58 22.07
N THR B 47 -2.59 6.63 22.43
CA THR B 47 -2.62 5.35 21.75
C THR B 47 -3.59 5.38 20.59
N MET B 48 -3.05 5.28 19.39
CA MET B 48 -3.86 5.29 18.18
C MET B 48 -4.07 3.88 17.66
N LYS B 49 -5.32 3.56 17.33
CA LYS B 49 -5.65 2.25 16.80
C LYS B 49 -6.45 2.42 15.52
N THR B 50 -5.97 1.83 14.44
CA THR B 50 -6.63 1.93 13.15
C THR B 50 -7.04 0.54 12.66
N GLN B 51 -8.27 0.41 12.22
CA GLN B 51 -8.80 -0.86 11.73
C GLN B 51 -9.29 -0.71 10.29
N ARG B 52 -9.57 -1.83 9.66
CA ARG B 52 -10.05 -1.85 8.29
C ARG B 52 -11.40 -2.54 8.22
N CYS B 53 -12.33 -1.97 7.49
CA CYS B 53 -13.67 -2.54 7.38
C CYS B 53 -13.93 -3.08 5.97
N LYS B 54 -14.90 -3.97 5.86
CA LYS B 54 -15.27 -4.55 4.58
C LYS B 54 -16.75 -4.33 4.30
N ILE B 55 -17.05 -3.85 3.10
CA ILE B 55 -18.42 -3.60 2.69
C ILE B 55 -19.14 -4.93 2.40
N PRO B 56 -20.42 -5.06 2.78
CA PRO B 56 -21.19 -6.29 2.53
C PRO B 56 -21.57 -6.49 1.07
N CYS B 57 -21.80 -5.38 0.35
CA CYS B 57 -22.20 -5.43 -1.06
C CYS B 57 -23.56 -6.10 -1.23
N ASN B 58 -24.41 -5.97 -0.23
CA ASN B 58 -25.74 -6.57 -0.27
C ASN B 58 -26.67 -5.74 -1.16
N GLU A 1 -2.75 -17.80 -2.43
CA GLU A 1 -3.47 -18.26 -1.25
C GLU A 1 -3.16 -17.33 -0.08
N ASP A 2 -1.87 -17.12 0.16
CA ASP A 2 -1.42 -16.24 1.22
C ASP A 2 -1.61 -14.79 0.81
N SER A 3 -0.75 -14.32 -0.08
CA SER A 3 -0.82 -12.95 -0.56
C SER A 3 -0.21 -12.81 -1.95
N ASP A 4 -0.71 -11.85 -2.68
CA ASP A 4 -0.23 -11.54 -4.02
C ASP A 4 0.27 -10.10 -4.00
N ILE A 5 1.58 -9.92 -4.02
CA ILE A 5 2.15 -8.58 -3.97
C ILE A 5 2.67 -8.15 -5.33
N ALA A 6 2.17 -7.01 -5.80
CA ALA A 6 2.58 -6.48 -7.08
C ALA A 6 3.34 -5.18 -6.89
N PHE A 7 4.42 -5.01 -7.64
CA PHE A 7 5.25 -3.82 -7.56
C PHE A 7 5.06 -2.96 -8.80
N LEU A 8 4.80 -1.68 -8.59
CA LEU A 8 4.61 -0.74 -9.71
C LEU A 8 5.72 0.29 -9.69
N ILE A 9 6.68 0.14 -10.59
CA ILE A 9 7.80 1.06 -10.68
C ILE A 9 7.65 2.00 -11.87
N ASP A 10 8.00 3.25 -11.64
CA ASP A 10 7.91 4.27 -12.68
C ASP A 10 9.11 4.17 -13.62
N GLY A 11 8.87 4.36 -14.90
CA GLY A 11 9.92 4.29 -15.88
C GLY A 11 10.08 5.59 -16.62
N SER A 12 9.60 6.67 -16.01
CA SER A 12 9.68 8.02 -16.57
C SER A 12 11.10 8.39 -17.00
N GLY A 13 11.22 9.41 -17.84
CA GLY A 13 12.51 9.84 -18.33
C GLY A 13 13.21 10.81 -17.40
N SER A 14 12.57 11.14 -16.29
CA SER A 14 13.16 12.05 -15.32
C SER A 14 14.17 11.32 -14.44
N ILE A 15 13.90 10.04 -14.20
CA ILE A 15 14.78 9.21 -13.38
C ILE A 15 16.00 8.78 -14.19
N ILE A 16 17.18 9.03 -13.64
CA ILE A 16 18.43 8.68 -14.31
C ILE A 16 18.69 7.17 -14.18
N PRO A 17 19.36 6.56 -15.18
CA PRO A 17 19.67 5.13 -15.17
C PRO A 17 20.35 4.65 -13.87
N HIS A 18 21.14 5.53 -13.24
CA HIS A 18 21.81 5.17 -11.99
C HIS A 18 20.80 5.07 -10.86
N ASP A 19 19.82 5.96 -10.86
CA ASP A 19 18.79 5.95 -9.82
C ASP A 19 17.79 4.85 -10.10
N PHE A 20 17.57 4.56 -11.38
CA PHE A 20 16.67 3.48 -11.76
C PHE A 20 17.22 2.16 -11.23
N ARG A 21 18.54 2.12 -11.09
CA ARG A 21 19.21 0.94 -10.56
C ARG A 21 18.91 0.81 -9.08
N ARG A 22 18.96 1.94 -8.37
CA ARG A 22 18.68 1.95 -6.94
C ARG A 22 17.27 1.47 -6.69
N MET A 23 16.38 1.74 -7.65
CA MET A 23 15.00 1.32 -7.58
C MET A 23 14.88 -0.19 -7.71
N LYS A 24 15.61 -0.75 -8.66
CA LYS A 24 15.57 -2.20 -8.88
C LYS A 24 16.24 -2.94 -7.73
N GLU A 25 17.21 -2.30 -7.07
CA GLU A 25 17.87 -2.90 -5.91
C GLU A 25 16.85 -3.03 -4.80
N PHE A 26 16.10 -1.96 -4.64
CA PHE A 26 15.07 -1.86 -3.62
C PHE A 26 14.01 -2.95 -3.79
N VAL A 27 13.38 -3.00 -4.96
CA VAL A 27 12.33 -3.98 -5.21
C VAL A 27 12.82 -5.43 -5.06
N SER A 28 14.07 -5.70 -5.43
CA SER A 28 14.60 -7.06 -5.32
C SER A 28 14.88 -7.40 -3.86
N THR A 29 15.46 -6.45 -3.13
CA THR A 29 15.76 -6.66 -1.71
C THR A 29 14.46 -6.81 -0.92
N VAL A 30 13.47 -6.00 -1.25
CA VAL A 30 12.18 -6.05 -0.58
C VAL A 30 11.47 -7.35 -0.92
N MET A 31 11.62 -7.79 -2.16
CA MET A 31 11.00 -9.03 -2.63
C MET A 31 11.55 -10.24 -1.88
N GLU A 32 12.83 -10.19 -1.54
CA GLU A 32 13.48 -11.29 -0.82
C GLU A 32 12.95 -11.42 0.60
N GLN A 33 12.95 -10.31 1.35
CA GLN A 33 12.49 -10.33 2.74
C GLN A 33 10.99 -10.58 2.85
N LEU A 34 10.29 -10.51 1.72
CA LEU A 34 8.85 -10.74 1.71
C LEU A 34 8.51 -12.01 0.94
N LYS A 35 9.53 -12.83 0.68
CA LYS A 35 9.33 -14.06 -0.08
C LYS A 35 8.87 -15.20 0.84
N LYS A 36 7.58 -15.48 0.82
CA LYS A 36 7.01 -16.54 1.65
C LYS A 36 6.78 -17.81 0.81
N SER A 37 6.13 -18.81 1.41
CA SER A 37 5.86 -20.06 0.73
C SER A 37 4.61 -19.97 -0.14
N LYS A 38 3.71 -19.06 0.19
CA LYS A 38 2.48 -18.90 -0.57
C LYS A 38 2.32 -17.49 -1.10
N THR A 39 3.41 -16.73 -1.11
CA THR A 39 3.39 -15.36 -1.59
C THR A 39 4.08 -15.26 -2.94
N LEU A 40 3.38 -14.71 -3.92
CA LEU A 40 3.93 -14.54 -5.25
C LEU A 40 4.06 -13.06 -5.54
N PHE A 41 4.87 -12.72 -6.52
CA PHE A 41 5.08 -11.32 -6.86
C PHE A 41 4.90 -11.07 -8.35
N SER A 42 4.52 -9.85 -8.67
CA SER A 42 4.36 -9.43 -10.04
C SER A 42 4.85 -8.01 -10.16
N LEU A 43 5.34 -7.63 -11.32
CA LEU A 43 5.86 -6.29 -11.50
C LEU A 43 5.55 -5.73 -12.87
N MET A 44 5.07 -4.50 -12.89
CA MET A 44 4.75 -3.82 -14.13
C MET A 44 5.40 -2.44 -14.12
N GLN A 45 6.07 -2.10 -15.21
CA GLN A 45 6.72 -0.80 -15.32
C GLN A 45 5.83 0.11 -16.15
N TYR A 46 5.86 1.41 -15.86
CA TYR A 46 5.00 2.33 -16.59
C TYR A 46 5.64 3.70 -16.82
N SER A 47 5.24 4.30 -17.93
CA SER A 47 5.64 5.64 -18.33
C SER A 47 4.46 6.22 -19.08
N GLU A 48 4.34 5.91 -20.36
CA GLU A 48 3.16 6.26 -21.13
C GLU A 48 2.58 4.95 -21.63
N GLU A 49 3.46 3.97 -21.74
CA GLU A 49 3.10 2.62 -22.10
C GLU A 49 3.25 1.77 -20.84
N PHE A 50 2.97 0.48 -20.94
CA PHE A 50 3.09 -0.38 -19.78
C PHE A 50 3.74 -1.70 -20.19
N ARG A 51 4.72 -2.12 -19.42
CA ARG A 51 5.43 -3.35 -19.72
C ARG A 51 5.50 -4.26 -18.50
N ILE A 52 4.81 -5.39 -18.59
CA ILE A 52 4.83 -6.37 -17.52
C ILE A 52 6.16 -7.10 -17.58
N HIS A 53 6.83 -7.25 -16.46
CA HIS A 53 8.12 -7.92 -16.44
C HIS A 53 7.97 -9.37 -16.03
N PHE A 54 7.01 -9.61 -15.16
CA PHE A 54 6.74 -10.95 -14.71
C PHE A 54 5.43 -10.97 -13.94
N THR A 55 4.71 -12.06 -14.07
CA THR A 55 3.44 -12.22 -13.38
C THR A 55 3.59 -13.26 -12.27
N PHE A 56 2.53 -13.44 -11.49
CA PHE A 56 2.58 -14.38 -10.37
C PHE A 56 2.81 -15.81 -10.85
N LYS A 57 2.28 -16.16 -12.02
CA LYS A 57 2.40 -17.50 -12.55
C LYS A 57 3.86 -17.90 -12.84
N GLU A 58 4.65 -16.96 -13.34
CA GLU A 58 6.04 -17.25 -13.68
C GLU A 58 6.95 -17.10 -12.46
N PHE A 59 6.53 -16.29 -11.49
CA PHE A 59 7.32 -16.11 -10.29
C PHE A 59 7.27 -17.39 -9.46
N GLN A 60 6.24 -18.17 -9.70
CA GLN A 60 6.06 -19.44 -9.02
C GLN A 60 7.07 -20.43 -9.59
N ASN A 61 7.37 -20.28 -10.87
CA ASN A 61 8.33 -21.13 -11.55
C ASN A 61 9.76 -20.69 -11.23
N ASN A 62 9.95 -19.37 -11.18
CA ASN A 62 11.25 -18.80 -10.85
C ASN A 62 11.09 -17.82 -9.69
N PRO A 63 11.22 -18.32 -8.45
CA PRO A 63 11.08 -17.50 -7.25
C PRO A 63 12.33 -16.69 -6.90
N ASN A 64 13.11 -16.34 -7.91
CA ASN A 64 14.31 -15.55 -7.72
C ASN A 64 14.11 -14.16 -8.32
N PRO A 65 13.84 -13.17 -7.47
CA PRO A 65 13.58 -11.79 -7.90
C PRO A 65 14.80 -11.13 -8.54
N ARG A 66 15.99 -11.53 -8.14
CA ARG A 66 17.21 -10.92 -8.67
C ARG A 66 17.45 -11.29 -10.13
N SER A 67 16.91 -12.42 -10.58
CA SER A 67 17.09 -12.83 -11.97
C SER A 67 15.98 -12.29 -12.87
N LEU A 68 14.89 -11.85 -12.26
CA LEU A 68 13.76 -11.30 -13.03
C LEU A 68 13.79 -9.78 -13.02
N VAL A 69 14.49 -9.21 -12.04
CA VAL A 69 14.60 -7.76 -11.91
C VAL A 69 15.86 -7.22 -12.60
N LYS A 70 16.89 -8.05 -12.69
CA LYS A 70 18.15 -7.63 -13.32
C LYS A 70 17.97 -7.19 -14.77
N PRO A 71 17.29 -7.99 -15.64
CA PRO A 71 17.09 -7.63 -17.06
C PRO A 71 16.08 -6.52 -17.29
N ILE A 72 15.69 -5.84 -16.22
CA ILE A 72 14.73 -4.75 -16.32
C ILE A 72 15.41 -3.47 -16.80
N THR A 73 14.94 -2.94 -17.92
CA THR A 73 15.48 -1.71 -18.48
C THR A 73 14.43 -0.58 -18.42
N GLN A 74 14.88 0.65 -18.58
CA GLN A 74 13.99 1.82 -18.51
C GLN A 74 13.18 1.96 -19.80
N LEU A 75 11.99 2.54 -19.69
CA LEU A 75 11.10 2.74 -20.84
C LEU A 75 11.29 4.14 -21.42
N LEU A 76 11.33 5.14 -20.51
CA LEU A 76 11.51 6.55 -20.87
C LEU A 76 10.22 7.16 -21.41
N GLY A 77 9.79 8.24 -20.78
CA GLY A 77 8.59 8.94 -21.17
C GLY A 77 8.04 9.76 -20.01
N ARG A 78 6.73 9.93 -19.95
CA ARG A 78 6.12 10.69 -18.86
C ARG A 78 5.52 9.73 -17.82
N THR A 79 4.57 10.20 -17.03
CA THR A 79 3.97 9.36 -16.01
C THR A 79 2.51 9.01 -16.31
N HIS A 80 2.16 7.74 -16.13
CA HIS A 80 0.80 7.24 -16.35
C HIS A 80 0.46 6.25 -15.24
N THR A 81 0.60 6.70 -14.01
CA THR A 81 0.35 5.86 -12.84
C THR A 81 -1.13 5.51 -12.66
N ALA A 82 -2.03 6.33 -13.22
CA ALA A 82 -3.46 6.06 -13.08
C ALA A 82 -3.86 4.88 -13.95
N THR A 83 -3.57 4.97 -15.23
CA THR A 83 -3.89 3.90 -16.16
C THR A 83 -3.06 2.66 -15.81
N GLY A 84 -1.91 2.89 -15.19
CA GLY A 84 -1.03 1.81 -14.78
C GLY A 84 -1.66 0.93 -13.72
N ILE A 85 -2.08 1.53 -12.60
CA ILE A 85 -2.69 0.77 -11.52
C ILE A 85 -4.00 0.12 -11.98
N ARG A 86 -4.64 0.72 -12.97
CA ARG A 86 -5.87 0.17 -13.51
C ARG A 86 -5.60 -1.17 -14.17
N LYS A 87 -4.47 -1.23 -14.86
CA LYS A 87 -4.07 -2.45 -15.54
C LYS A 87 -3.63 -3.51 -14.54
N VAL A 88 -3.17 -3.08 -13.40
CA VAL A 88 -2.74 -4.00 -12.36
C VAL A 88 -3.92 -4.78 -11.82
N VAL A 89 -4.99 -4.07 -11.51
CA VAL A 89 -6.19 -4.68 -10.96
C VAL A 89 -6.91 -5.56 -11.98
N ARG A 90 -6.71 -5.30 -13.26
CA ARG A 90 -7.38 -6.08 -14.30
C ARG A 90 -6.49 -7.15 -14.93
N GLU A 91 -5.20 -6.88 -15.08
CA GLU A 91 -4.28 -7.83 -15.71
C GLU A 91 -3.34 -8.51 -14.72
N LEU A 92 -2.59 -7.73 -13.95
CA LEU A 92 -1.64 -8.32 -13.01
C LEU A 92 -2.33 -9.20 -11.98
N PHE A 93 -3.46 -8.72 -11.46
CA PHE A 93 -4.20 -9.47 -10.46
C PHE A 93 -5.24 -10.40 -11.11
N ASN A 94 -4.99 -10.78 -12.35
CA ASN A 94 -5.89 -11.68 -13.07
C ASN A 94 -5.53 -13.12 -12.77
N ILE A 95 -6.55 -13.97 -12.63
CA ILE A 95 -6.36 -15.38 -12.33
C ILE A 95 -5.48 -16.07 -13.37
N THR A 96 -5.73 -15.77 -14.64
CA THR A 96 -4.98 -16.37 -15.74
C THR A 96 -3.52 -15.93 -15.77
N ASN A 97 -3.19 -14.91 -14.97
CA ASN A 97 -1.82 -14.41 -14.89
C ASN A 97 -1.10 -14.97 -13.66
N GLY A 98 -1.78 -15.86 -12.95
CA GLY A 98 -1.21 -16.49 -11.78
C GLY A 98 -1.74 -15.96 -10.48
N ALA A 99 -2.55 -14.92 -10.55
CA ALA A 99 -3.11 -14.33 -9.34
C ALA A 99 -4.14 -15.28 -8.72
N ARG A 100 -4.04 -15.47 -7.42
CA ARG A 100 -4.92 -16.36 -6.72
C ARG A 100 -6.11 -15.60 -6.15
N LYS A 101 -7.25 -16.27 -6.04
CA LYS A 101 -8.43 -15.64 -5.48
C LYS A 101 -8.48 -15.92 -3.98
N ASN A 102 -9.08 -14.99 -3.25
CA ASN A 102 -9.23 -15.09 -1.78
C ASN A 102 -7.92 -14.76 -1.07
N ALA A 103 -6.88 -14.51 -1.86
CA ALA A 103 -5.56 -14.17 -1.30
C ALA A 103 -5.43 -12.67 -1.13
N PHE A 104 -4.70 -12.26 -0.09
CA PHE A 104 -4.49 -10.85 0.19
C PHE A 104 -3.69 -10.19 -0.93
N LYS A 105 -4.27 -9.19 -1.57
CA LYS A 105 -3.59 -8.51 -2.64
C LYS A 105 -3.14 -7.13 -2.21
N ILE A 106 -1.83 -6.92 -2.28
CA ILE A 106 -1.24 -5.65 -1.89
C ILE A 106 -0.45 -5.07 -3.06
N LEU A 107 -0.59 -3.77 -3.26
CA LEU A 107 0.08 -3.10 -4.35
C LEU A 107 0.96 -1.97 -3.85
N VAL A 108 2.18 -1.90 -4.34
CA VAL A 108 3.11 -0.84 -3.96
C VAL A 108 3.53 -0.04 -5.19
N VAL A 109 3.46 1.27 -5.08
CA VAL A 109 3.79 2.15 -6.20
C VAL A 109 4.98 3.05 -5.86
N ILE A 110 5.92 3.14 -6.79
CA ILE A 110 7.09 3.99 -6.62
C ILE A 110 7.19 4.95 -7.80
N THR A 111 6.95 6.22 -7.55
CA THR A 111 7.00 7.24 -8.60
C THR A 111 7.83 8.44 -8.15
N ASP A 112 8.28 9.25 -9.11
CA ASP A 112 9.11 10.40 -8.83
C ASP A 112 8.42 11.72 -9.19
N GLY A 113 7.36 11.66 -9.96
CA GLY A 113 6.70 12.89 -10.34
C GLY A 113 5.19 12.77 -10.43
N GLU A 114 4.54 13.92 -10.44
CA GLU A 114 3.09 13.99 -10.51
C GLU A 114 2.59 13.41 -11.83
N LYS A 115 1.41 12.81 -11.80
CA LYS A 115 0.81 12.18 -12.97
C LYS A 115 0.59 13.20 -14.09
N PHE A 116 1.41 13.15 -15.12
CA PHE A 116 1.32 14.08 -16.23
C PHE A 116 1.12 13.39 -17.58
N GLY A 117 0.05 13.77 -18.27
CA GLY A 117 -0.23 13.20 -19.58
C GLY A 117 -1.11 11.97 -19.55
N ASP A 118 -1.58 11.62 -18.37
CA ASP A 118 -2.44 10.45 -18.21
C ASP A 118 -3.89 10.81 -18.52
N PRO A 119 -4.48 10.19 -19.55
CA PRO A 119 -5.87 10.46 -19.95
C PRO A 119 -6.86 10.02 -18.87
N LEU A 120 -6.42 9.13 -18.00
CA LEU A 120 -7.26 8.64 -16.92
C LEU A 120 -6.88 9.31 -15.59
N GLY A 121 -7.87 9.43 -14.70
CA GLY A 121 -7.62 10.03 -13.40
C GLY A 121 -7.62 8.97 -12.33
N TYR A 122 -7.62 9.38 -11.08
CA TYR A 122 -7.61 8.43 -9.98
C TYR A 122 -9.02 8.00 -9.64
N GLU A 123 -9.93 8.92 -9.84
CA GLU A 123 -11.35 8.73 -9.60
C GLU A 123 -11.92 7.59 -10.47
N ASP A 124 -11.30 7.35 -11.62
CA ASP A 124 -11.78 6.30 -12.52
C ASP A 124 -10.98 5.00 -12.32
N VAL A 125 -9.97 5.03 -11.45
CA VAL A 125 -9.15 3.84 -11.21
C VAL A 125 -9.22 3.36 -9.75
N ILE A 126 -8.87 4.25 -8.83
CA ILE A 126 -8.82 3.94 -7.40
C ILE A 126 -10.09 3.27 -6.86
N PRO A 127 -11.30 3.85 -7.02
CA PRO A 127 -12.53 3.20 -6.54
C PRO A 127 -12.67 1.76 -7.05
N GLU A 128 -12.04 1.43 -8.19
CA GLU A 128 -12.10 0.07 -8.73
C GLU A 128 -11.21 -0.85 -7.89
N ALA A 129 -10.00 -0.37 -7.59
CA ALA A 129 -9.04 -1.13 -6.78
C ALA A 129 -9.59 -1.44 -5.39
N ASP A 130 -10.37 -0.50 -4.86
CA ASP A 130 -10.97 -0.64 -3.54
C ASP A 130 -12.05 -1.73 -3.55
N ARG A 131 -12.64 -1.96 -4.72
CA ARG A 131 -13.69 -2.97 -4.86
C ARG A 131 -13.14 -4.38 -4.64
N GLU A 132 -12.02 -4.68 -5.29
CA GLU A 132 -11.40 -6.00 -5.17
C GLU A 132 -10.67 -6.18 -3.84
N GLY A 133 -10.68 -5.13 -3.02
CA GLY A 133 -10.04 -5.19 -1.73
C GLY A 133 -8.53 -5.10 -1.81
N VAL A 134 -8.03 -4.51 -2.88
CA VAL A 134 -6.59 -4.36 -3.06
C VAL A 134 -6.07 -3.19 -2.25
N ILE A 135 -5.31 -3.48 -1.20
CA ILE A 135 -4.75 -2.42 -0.36
C ILE A 135 -3.49 -1.89 -1.03
N ARG A 136 -3.23 -0.61 -0.91
CA ARG A 136 -2.07 -0.02 -1.56
C ARG A 136 -1.16 0.75 -0.61
N TYR A 137 0.09 0.87 -1.02
CA TYR A 137 1.12 1.61 -0.31
C TYR A 137 1.87 2.42 -1.37
N VAL A 138 2.02 3.71 -1.16
CA VAL A 138 2.69 4.54 -2.14
C VAL A 138 3.96 5.17 -1.56
N ILE A 139 4.97 5.30 -2.41
CA ILE A 139 6.22 5.90 -2.02
C ILE A 139 6.53 7.11 -2.90
N GLY A 140 6.55 8.28 -2.30
CA GLY A 140 6.86 9.49 -3.02
C GLY A 140 8.35 9.76 -3.04
N VAL A 141 8.91 9.95 -4.22
CA VAL A 141 10.35 10.20 -4.34
C VAL A 141 10.64 11.45 -5.18
N GLY A 142 11.16 12.49 -4.57
CA GLY A 142 11.51 13.67 -5.34
C GLY A 142 10.80 14.94 -4.94
N ASP A 143 11.18 16.02 -5.63
CA ASP A 143 10.63 17.36 -5.41
C ASP A 143 9.13 17.41 -5.67
N ALA A 144 8.66 16.52 -6.53
CA ALA A 144 7.25 16.47 -6.92
C ALA A 144 6.32 16.23 -5.74
N PHE A 145 6.83 15.64 -4.66
CA PHE A 145 5.97 15.34 -3.51
C PHE A 145 6.39 16.12 -2.27
N ARG A 146 6.96 17.31 -2.47
CA ARG A 146 7.37 18.14 -1.35
C ARG A 146 6.23 19.06 -0.88
N SER A 147 5.23 19.25 -1.74
CA SER A 147 4.11 20.11 -1.41
C SER A 147 2.91 19.27 -0.95
N GLU A 148 2.17 19.81 0.02
CA GLU A 148 1.00 19.12 0.55
C GLU A 148 -0.08 18.95 -0.51
N LYS A 149 -0.04 19.78 -1.56
CA LYS A 149 -1.02 19.66 -2.63
C LYS A 149 -0.73 18.42 -3.47
N SER A 150 0.55 18.05 -3.56
CA SER A 150 0.96 16.88 -4.31
C SER A 150 0.80 15.63 -3.45
N ARG A 151 0.99 15.81 -2.15
CA ARG A 151 0.88 14.72 -1.20
C ARG A 151 -0.52 14.13 -1.23
N GLN A 152 -1.50 14.96 -1.58
CA GLN A 152 -2.90 14.54 -1.64
C GLN A 152 -3.11 13.43 -2.65
N GLU A 153 -2.41 13.49 -3.78
CA GLU A 153 -2.55 12.49 -4.81
C GLU A 153 -1.98 11.16 -4.30
N LEU A 154 -0.97 11.24 -3.43
CA LEU A 154 -0.37 10.06 -2.85
C LEU A 154 -1.38 9.39 -1.93
N ASN A 155 -2.15 10.22 -1.25
CA ASN A 155 -3.18 9.76 -0.33
C ASN A 155 -4.33 9.13 -1.11
N THR A 156 -4.43 9.48 -2.39
CA THR A 156 -5.48 8.94 -3.25
C THR A 156 -5.05 7.59 -3.80
N ILE A 157 -3.76 7.46 -4.11
CA ILE A 157 -3.22 6.22 -4.64
C ILE A 157 -3.24 5.13 -3.57
N ALA A 158 -2.83 5.51 -2.37
CA ALA A 158 -2.78 4.57 -1.25
C ALA A 158 -4.15 4.39 -0.62
N SER A 159 -4.18 3.73 0.52
CA SER A 159 -5.41 3.49 1.23
C SER A 159 -5.40 4.21 2.58
N LYS A 160 -6.57 4.51 3.12
CA LYS A 160 -6.67 5.20 4.40
C LYS A 160 -6.20 4.29 5.52
N PRO A 161 -5.53 4.84 6.55
CA PRO A 161 -5.21 6.26 6.62
C PRO A 161 -3.88 6.60 5.91
N PRO A 162 -3.73 7.85 5.43
CA PRO A 162 -2.52 8.29 4.75
C PRO A 162 -1.28 8.17 5.63
N ARG A 163 -1.47 8.37 6.93
CA ARG A 163 -0.37 8.28 7.89
C ARG A 163 -0.02 6.81 8.21
N ASP A 164 -0.40 5.91 7.31
CA ASP A 164 -0.14 4.49 7.49
C ASP A 164 0.24 3.82 6.17
N HIS A 165 -0.18 4.41 5.05
CA HIS A 165 0.10 3.82 3.75
C HIS A 165 0.84 4.76 2.79
N VAL A 166 1.25 5.92 3.28
CA VAL A 166 1.96 6.87 2.43
C VAL A 166 3.37 7.14 2.95
N PHE A 167 4.35 6.75 2.16
CA PHE A 167 5.74 6.96 2.51
C PHE A 167 6.37 8.00 1.60
N GLN A 168 7.27 8.80 2.17
CA GLN A 168 7.94 9.84 1.39
C GLN A 168 9.44 9.74 1.57
N VAL A 169 10.16 9.84 0.48
CA VAL A 169 11.61 9.76 0.50
C VAL A 169 12.18 10.87 -0.40
N ASN A 170 13.37 11.35 -0.07
CA ASN A 170 13.96 12.45 -0.84
C ASN A 170 14.78 11.95 -2.03
N ASN A 171 15.31 10.74 -1.95
CA ASN A 171 16.11 10.17 -3.04
C ASN A 171 15.95 8.65 -3.06
N PHE A 172 16.25 8.04 -4.20
CA PHE A 172 16.12 6.60 -4.38
C PHE A 172 17.06 5.80 -3.47
N GLU A 173 18.13 6.42 -3.00
CA GLU A 173 19.08 5.74 -2.13
C GLU A 173 18.48 5.55 -0.74
N ALA A 174 17.79 6.60 -0.26
CA ALA A 174 17.16 6.58 1.06
C ALA A 174 15.99 5.59 1.13
N LEU A 175 15.68 4.92 0.03
CA LEU A 175 14.60 3.94 0.01
C LEU A 175 14.94 2.77 0.92
N LYS A 176 16.24 2.53 1.05
CA LYS A 176 16.75 1.44 1.87
C LYS A 176 16.37 1.61 3.34
N THR A 177 16.21 2.87 3.76
CA THR A 177 15.86 3.18 5.14
C THR A 177 14.38 2.93 5.45
N ILE A 178 13.52 2.98 4.43
CA ILE A 178 12.08 2.79 4.64
C ILE A 178 11.69 1.30 4.54
N GLN A 179 12.64 0.47 4.15
CA GLN A 179 12.41 -0.97 4.00
C GLN A 179 11.89 -1.61 5.29
N ASN A 180 12.43 -1.16 6.42
CA ASN A 180 12.04 -1.68 7.72
C ASN A 180 10.56 -1.45 8.01
N GLN A 181 10.14 -0.18 7.98
CA GLN A 181 8.76 0.17 8.29
C GLN A 181 7.79 -0.48 7.30
N LEU A 182 8.18 -0.52 6.04
CA LEU A 182 7.36 -1.12 5.00
C LEU A 182 7.13 -2.60 5.29
N ARG A 183 8.19 -3.28 5.71
CA ARG A 183 8.11 -4.71 6.03
C ARG A 183 7.17 -4.96 7.21
N GLU A 184 7.28 -4.12 8.23
CA GLU A 184 6.47 -4.26 9.43
C GLU A 184 4.99 -3.97 9.13
N LYS A 185 4.73 -2.90 8.40
CA LYS A 185 3.37 -2.50 8.08
C LYS A 185 2.73 -3.40 7.02
N ILE A 186 3.54 -4.18 6.31
CA ILE A 186 2.99 -5.07 5.30
C ILE A 186 2.66 -6.43 5.93
N PHE A 187 3.23 -6.68 7.11
CA PHE A 187 2.99 -7.93 7.82
C PHE A 187 1.86 -7.75 8.81
N ALA A 188 1.72 -6.54 9.33
CA ALA A 188 0.67 -6.23 10.30
C ALA A 188 -0.71 -6.33 9.66
N ILE A 189 -1.37 -7.45 9.91
CA ILE A 189 -2.70 -7.68 9.35
C ILE A 189 -3.67 -8.05 10.47
N GLU A 190 -3.13 -8.37 11.64
CA GLU A 190 -3.93 -8.74 12.79
C GLU A 190 -4.34 -7.49 13.57
N GLY A 191 -3.47 -6.48 13.55
CA GLY A 191 -3.76 -5.24 14.24
C GLY A 191 -3.65 -5.35 15.75
N THR A 192 -2.83 -6.28 16.22
CA THR A 192 -2.64 -6.47 17.66
C THR A 192 -1.71 -5.41 18.24
N GLN A 193 -2.10 -4.16 18.07
CA GLN A 193 -1.32 -3.04 18.58
C GLN A 193 -1.57 -2.87 20.07
N THR A 194 -0.71 -3.46 20.88
CA THR A 194 -0.84 -3.38 22.33
C THR A 194 0.06 -2.30 22.91
N GLY B 1 -33.80 -0.84 54.54
CA GLY B 1 -32.72 -0.53 53.64
C GLY B 1 -31.54 -1.47 53.79
N LYS B 2 -30.37 -1.04 53.36
CA LYS B 2 -29.16 -1.84 53.45
C LYS B 2 -28.09 -1.07 54.20
N LYS B 3 -27.62 0.01 53.57
CA LYS B 3 -26.59 0.85 54.16
C LYS B 3 -26.29 2.01 53.22
N GLU B 4 -26.25 3.22 53.75
CA GLU B 4 -25.93 4.39 52.96
C GLU B 4 -24.53 4.21 52.39
N LYS B 5 -24.41 4.24 51.08
CA LYS B 5 -23.13 4.02 50.43
C LYS B 5 -22.78 5.13 49.45
N PRO B 6 -21.94 6.08 49.89
CA PRO B 6 -21.48 7.18 49.05
C PRO B 6 -20.20 6.80 48.31
N GLU B 7 -19.39 7.79 47.98
CA GLU B 7 -18.15 7.54 47.26
C GLU B 7 -17.10 6.94 48.21
N LYS B 8 -17.07 5.61 48.25
CA LYS B 8 -16.14 4.89 49.10
C LYS B 8 -14.76 4.85 48.46
N LYS B 9 -14.74 4.60 47.15
CA LYS B 9 -13.48 4.54 46.40
C LYS B 9 -13.77 4.48 44.91
N VAL B 10 -12.89 5.09 44.14
CA VAL B 10 -13.04 5.11 42.68
C VAL B 10 -12.57 3.80 42.08
N LYS B 11 -13.14 3.42 40.94
CA LYS B 11 -12.76 2.19 40.27
C LYS B 11 -11.47 2.42 39.49
N LYS B 12 -10.63 1.40 39.40
CA LYS B 12 -9.37 1.52 38.69
C LYS B 12 -9.59 1.22 37.20
N SER B 13 -9.07 0.08 36.73
CA SER B 13 -9.19 -0.30 35.32
C SER B 13 -8.38 0.68 34.47
N ASP B 14 -8.72 0.79 33.19
CA ASP B 14 -8.02 1.71 32.31
C ASP B 14 -8.52 3.13 32.55
N CYS B 15 -7.87 4.10 31.93
CA CYS B 15 -8.25 5.50 32.09
C CYS B 15 -9.56 5.79 31.37
N GLY B 16 -10.04 4.81 30.62
CA GLY B 16 -11.28 4.96 29.90
C GLY B 16 -11.49 3.81 28.94
N GLU B 17 -12.67 3.70 28.38
CA GLU B 17 -12.97 2.63 27.45
C GLU B 17 -12.49 3.01 26.04
N TRP B 18 -12.41 2.02 25.17
CA TRP B 18 -11.97 2.27 23.81
C TRP B 18 -13.03 2.99 23.00
N GLN B 19 -12.58 3.87 22.12
CA GLN B 19 -13.49 4.64 21.27
C GLN B 19 -13.93 3.81 20.09
N TRP B 20 -15.23 3.74 19.87
CA TRP B 20 -15.79 2.96 18.79
C TRP B 20 -16.24 3.84 17.63
N SER B 21 -15.47 3.82 16.55
CA SER B 21 -15.79 4.59 15.37
C SER B 21 -16.63 3.74 14.42
N VAL B 22 -17.22 4.38 13.42
CA VAL B 22 -18.04 3.67 12.44
C VAL B 22 -17.22 3.36 11.19
N CYS B 23 -17.62 2.31 10.48
CA CYS B 23 -16.92 1.91 9.26
C CYS B 23 -17.20 2.88 8.13
N VAL B 24 -16.30 3.83 7.93
CA VAL B 24 -16.45 4.79 6.86
C VAL B 24 -15.74 4.29 5.60
N PRO B 25 -16.52 3.92 4.57
CA PRO B 25 -15.98 3.41 3.30
C PRO B 25 -15.16 4.45 2.55
N THR B 26 -14.34 3.98 1.61
CA THR B 26 -13.52 4.86 0.80
C THR B 26 -14.26 5.25 -0.48
N SER B 27 -15.24 4.44 -0.85
CA SER B 27 -16.02 4.70 -2.05
C SER B 27 -17.41 4.11 -1.90
N GLY B 28 -18.40 4.73 -2.55
CA GLY B 28 -19.76 4.23 -2.49
C GLY B 28 -19.97 3.10 -3.47
N ASP B 29 -19.03 2.96 -4.40
CA ASP B 29 -19.09 1.91 -5.42
C ASP B 29 -18.46 0.62 -4.88
N CYS B 30 -18.75 0.33 -3.60
CA CYS B 30 -18.25 -0.85 -2.93
C CYS B 30 -16.72 -0.84 -2.79
N GLY B 31 -16.23 -0.45 -1.63
CA GLY B 31 -14.81 -0.42 -1.40
C GLY B 31 -14.43 -0.72 0.03
N LEU B 32 -13.17 -0.49 0.37
CA LEU B 32 -12.66 -0.75 1.71
C LEU B 32 -13.11 0.34 2.68
N GLY B 33 -13.00 0.06 3.97
CA GLY B 33 -13.38 1.02 4.98
C GLY B 33 -12.35 1.09 6.08
N THR B 34 -12.44 2.09 6.95
CA THR B 34 -11.49 2.23 8.04
C THR B 34 -12.16 2.59 9.36
N ARG B 35 -11.43 2.33 10.44
CA ARG B 35 -11.89 2.62 11.80
C ARG B 35 -10.68 3.01 12.65
N GLU B 36 -10.85 3.95 13.56
CA GLU B 36 -9.75 4.34 14.43
C GLU B 36 -10.26 4.65 15.83
N GLY B 37 -9.55 4.13 16.82
CA GLY B 37 -9.91 4.33 18.21
C GLY B 37 -8.70 4.68 19.03
N THR B 38 -8.83 5.63 19.93
CA THR B 38 -7.70 6.05 20.75
C THR B 38 -8.00 5.94 22.23
N ARG B 39 -6.97 5.73 23.02
CA ARG B 39 -7.09 5.64 24.46
C ARG B 39 -6.13 6.61 25.12
N THR B 40 -6.63 7.42 26.02
CA THR B 40 -5.83 8.42 26.72
C THR B 40 -6.10 8.37 28.22
N GLY B 41 -5.27 9.06 28.99
CA GLY B 41 -5.44 9.08 30.42
C GLY B 41 -4.28 9.73 31.12
N ALA B 42 -4.22 9.58 32.44
CA ALA B 42 -3.15 10.17 33.23
C ALA B 42 -1.88 9.32 33.10
N GLU B 43 -1.99 8.05 33.45
CA GLU B 43 -0.86 7.14 33.35
C GLU B 43 -0.93 6.37 32.04
N CYS B 44 -2.13 6.27 31.49
CA CYS B 44 -2.35 5.57 30.23
C CYS B 44 -1.79 6.40 29.08
N LYS B 45 -1.01 5.74 28.23
CA LYS B 45 -0.40 6.43 27.09
C LYS B 45 -1.38 6.51 25.93
N GLN B 46 -1.09 7.38 24.97
CA GLN B 46 -1.93 7.56 23.80
C GLN B 46 -1.89 6.32 22.92
N THR B 47 -2.81 5.41 23.17
CA THR B 47 -2.88 4.18 22.39
C THR B 47 -3.78 4.38 21.18
N MET B 48 -3.21 4.16 20.00
CA MET B 48 -3.96 4.34 18.76
C MET B 48 -4.20 3.00 18.08
N LYS B 49 -5.44 2.78 17.67
CA LYS B 49 -5.81 1.55 16.98
C LYS B 49 -6.52 1.89 15.67
N THR B 50 -6.10 1.25 14.59
CA THR B 50 -6.70 1.47 13.28
C THR B 50 -7.12 0.15 12.66
N GLN B 51 -8.40 0.03 12.34
CA GLN B 51 -8.94 -1.19 11.76
C GLN B 51 -9.42 -0.94 10.34
N ARG B 52 -9.67 -2.02 9.61
CA ARG B 52 -10.15 -1.93 8.24
C ARG B 52 -11.49 -2.64 8.12
N CYS B 53 -12.45 -1.99 7.49
CA CYS B 53 -13.78 -2.55 7.32
C CYS B 53 -14.03 -2.97 5.88
N LYS B 54 -15.05 -3.78 5.67
CA LYS B 54 -15.41 -4.25 4.34
C LYS B 54 -16.89 -3.98 4.07
N ILE B 55 -17.17 -3.37 2.94
CA ILE B 55 -18.55 -3.07 2.56
C ILE B 55 -19.29 -4.36 2.21
N PRO B 56 -20.55 -4.52 2.66
CA PRO B 56 -21.36 -5.71 2.39
C PRO B 56 -21.77 -5.85 0.91
N CYS B 57 -22.02 -4.72 0.25
CA CYS B 57 -22.45 -4.69 -1.15
C CYS B 57 -23.82 -5.35 -1.31
N ASN B 58 -24.65 -5.22 -0.29
CA ASN B 58 -26.00 -5.80 -0.32
C ASN B 58 -26.93 -4.95 -1.18
N GLU A 1 -2.80 -17.88 -2.51
CA GLU A 1 -3.52 -18.35 -1.32
C GLU A 1 -3.22 -17.42 -0.15
N ASP A 2 -1.93 -17.21 0.09
CA ASP A 2 -1.48 -16.34 1.17
C ASP A 2 -1.68 -14.89 0.76
N SER A 3 -0.82 -14.41 -0.12
CA SER A 3 -0.89 -13.04 -0.59
C SER A 3 -0.27 -12.90 -1.97
N ASP A 4 -0.78 -11.93 -2.72
CA ASP A 4 -0.29 -11.62 -4.04
C ASP A 4 0.21 -10.18 -4.02
N ILE A 5 1.52 -10.00 -4.03
CA ILE A 5 2.09 -8.66 -3.97
C ILE A 5 2.62 -8.21 -5.34
N ALA A 6 2.11 -7.08 -5.80
CA ALA A 6 2.53 -6.53 -7.08
C ALA A 6 3.28 -5.22 -6.87
N PHE A 7 4.36 -5.07 -7.62
CA PHE A 7 5.19 -3.88 -7.54
C PHE A 7 4.99 -3.00 -8.78
N LEU A 8 4.75 -1.73 -8.56
CA LEU A 8 4.57 -0.78 -9.66
C LEU A 8 5.68 0.26 -9.64
N ILE A 9 6.63 0.11 -10.55
CA ILE A 9 7.77 1.03 -10.62
C ILE A 9 7.62 1.98 -11.79
N ASP A 10 7.95 3.24 -11.56
CA ASP A 10 7.88 4.25 -12.60
C ASP A 10 9.08 4.15 -13.52
N GLY A 11 8.83 4.36 -14.80
CA GLY A 11 9.89 4.30 -15.79
C GLY A 11 10.06 5.61 -16.53
N SER A 12 9.57 6.68 -15.91
CA SER A 12 9.64 8.03 -16.46
C SER A 12 11.06 8.40 -16.88
N GLY A 13 11.17 9.42 -17.72
CA GLY A 13 12.47 9.86 -18.21
C GLY A 13 13.18 10.81 -17.27
N SER A 14 12.53 11.14 -16.15
CA SER A 14 13.11 12.05 -15.19
C SER A 14 14.13 11.31 -14.31
N ILE A 15 13.87 10.03 -14.08
CA ILE A 15 14.74 9.20 -13.27
C ILE A 15 15.97 8.79 -14.07
N ILE A 16 17.14 9.04 -13.51
CA ILE A 16 18.39 8.68 -14.18
C ILE A 16 18.65 7.18 -14.06
N PRO A 17 19.32 6.57 -15.05
CA PRO A 17 19.62 5.13 -15.06
C PRO A 17 20.29 4.65 -13.77
N HIS A 18 21.09 5.51 -13.14
CA HIS A 18 21.77 5.14 -11.90
C HIS A 18 20.76 5.04 -10.75
N ASP A 19 19.78 5.94 -10.74
CA ASP A 19 18.76 5.94 -9.70
C ASP A 19 17.75 4.84 -9.98
N PHE A 20 17.54 4.55 -11.25
CA PHE A 20 16.63 3.49 -11.65
C PHE A 20 17.16 2.16 -11.13
N ARG A 21 18.49 2.10 -11.01
CA ARG A 21 19.15 0.91 -10.49
C ARG A 21 18.84 0.77 -9.00
N ARG A 22 18.88 1.90 -8.29
CA ARG A 22 18.59 1.91 -6.86
C ARG A 22 17.16 1.43 -6.61
N MET A 23 16.30 1.69 -7.59
CA MET A 23 14.91 1.28 -7.52
C MET A 23 14.79 -0.23 -7.65
N LYS A 24 15.54 -0.81 -8.59
CA LYS A 24 15.51 -2.24 -8.81
C LYS A 24 16.20 -2.97 -7.66
N GLU A 25 17.18 -2.31 -7.02
CA GLU A 25 17.86 -2.89 -5.86
C GLU A 25 16.84 -3.03 -4.75
N PHE A 26 16.07 -1.98 -4.59
CA PHE A 26 15.04 -1.88 -3.58
C PHE A 26 13.99 -2.98 -3.73
N VAL A 27 13.36 -3.03 -4.89
CA VAL A 27 12.30 -4.02 -5.14
C VAL A 27 12.79 -5.46 -4.99
N SER A 28 14.03 -5.74 -5.39
CA SER A 28 14.57 -7.09 -5.28
C SER A 28 14.83 -7.45 -3.82
N THR A 29 15.41 -6.51 -3.08
CA THR A 29 15.70 -6.71 -1.67
C THR A 29 14.41 -6.87 -0.87
N VAL A 30 13.42 -6.05 -1.22
CA VAL A 30 12.13 -6.10 -0.55
C VAL A 30 11.42 -7.41 -0.89
N MET A 31 11.56 -7.84 -2.13
CA MET A 31 10.94 -9.08 -2.60
C MET A 31 11.48 -10.29 -1.85
N GLU A 32 12.77 -10.26 -1.54
CA GLU A 32 13.42 -11.36 -0.82
C GLU A 32 12.90 -11.50 0.61
N GLN A 33 12.89 -10.39 1.35
CA GLN A 33 12.44 -10.42 2.74
C GLN A 33 10.94 -10.64 2.85
N LEU A 34 10.24 -10.66 1.72
CA LEU A 34 8.80 -10.86 1.71
C LEU A 34 8.46 -12.13 0.93
N LYS A 35 9.47 -12.94 0.67
CA LYS A 35 9.27 -14.18 -0.09
C LYS A 35 8.80 -15.32 0.82
N LYS A 36 7.50 -15.58 0.81
CA LYS A 36 6.93 -16.64 1.63
C LYS A 36 6.70 -17.91 0.78
N SER A 37 6.06 -18.91 1.37
CA SER A 37 5.80 -20.17 0.66
C SER A 37 4.54 -20.07 -0.21
N LYS A 38 3.64 -19.15 0.12
CA LYS A 38 2.42 -19.00 -0.64
C LYS A 38 2.26 -17.58 -1.17
N THR A 39 3.35 -16.83 -1.15
CA THR A 39 3.33 -15.46 -1.63
C THR A 39 4.03 -15.33 -2.97
N LEU A 40 3.33 -14.79 -3.95
CA LEU A 40 3.88 -14.60 -5.28
C LEU A 40 4.00 -13.12 -5.56
N PHE A 41 4.82 -12.77 -6.54
CA PHE A 41 5.03 -11.38 -6.88
C PHE A 41 4.84 -11.12 -8.36
N SER A 42 4.47 -9.90 -8.67
CA SER A 42 4.31 -9.47 -10.04
C SER A 42 4.80 -8.04 -10.14
N LEU A 43 5.30 -7.66 -11.30
CA LEU A 43 5.82 -6.32 -11.47
C LEU A 43 5.50 -5.75 -12.85
N MET A 44 5.03 -4.52 -12.87
CA MET A 44 4.71 -3.83 -14.10
C MET A 44 5.35 -2.45 -14.09
N GLN A 45 6.04 -2.10 -15.17
CA GLN A 45 6.69 -0.81 -15.27
C GLN A 45 5.80 0.11 -16.10
N TYR A 46 5.81 1.40 -15.80
CA TYR A 46 4.96 2.33 -16.52
C TYR A 46 5.60 3.69 -16.75
N SER A 47 5.19 4.32 -17.85
CA SER A 47 5.60 5.65 -18.25
C SER A 47 4.41 6.22 -19.00
N GLU A 48 4.31 5.93 -20.29
CA GLU A 48 3.13 6.29 -21.05
C GLU A 48 2.54 4.99 -21.55
N GLU A 49 3.42 4.00 -21.67
CA GLU A 49 3.07 2.65 -22.04
C GLU A 49 3.22 1.81 -20.79
N PHE A 50 2.94 0.52 -20.89
CA PHE A 50 3.07 -0.36 -19.73
C PHE A 50 3.72 -1.66 -20.14
N ARG A 51 4.69 -2.10 -19.37
CA ARG A 51 5.40 -3.33 -19.68
C ARG A 51 5.46 -4.25 -18.47
N ILE A 52 4.77 -5.37 -18.56
CA ILE A 52 4.79 -6.35 -17.49
C ILE A 52 6.13 -7.09 -17.57
N HIS A 53 6.80 -7.24 -16.44
CA HIS A 53 8.09 -7.91 -16.43
C HIS A 53 7.94 -9.36 -16.04
N PHE A 54 6.99 -9.61 -15.15
CA PHE A 54 6.71 -10.97 -14.71
C PHE A 54 5.40 -10.99 -13.95
N THR A 55 4.68 -12.09 -14.10
CA THR A 55 3.41 -12.26 -13.42
C THR A 55 3.55 -13.30 -12.31
N PHE A 56 2.51 -13.47 -11.52
CA PHE A 56 2.54 -14.41 -10.41
C PHE A 56 2.77 -15.85 -10.89
N LYS A 57 2.23 -16.17 -12.06
CA LYS A 57 2.37 -17.52 -12.60
C LYS A 57 3.82 -17.90 -12.90
N GLU A 58 4.61 -16.96 -13.39
CA GLU A 58 6.00 -17.26 -13.72
C GLU A 58 6.90 -17.12 -12.50
N PHE A 59 6.49 -16.30 -11.53
CA PHE A 59 7.28 -16.14 -10.32
C PHE A 59 7.23 -17.42 -9.50
N GLN A 60 6.19 -18.20 -9.75
CA GLN A 60 6.01 -19.47 -9.08
C GLN A 60 7.02 -20.47 -9.64
N ASN A 61 7.33 -20.29 -10.92
CA ASN A 61 8.29 -21.15 -11.62
C ASN A 61 9.71 -20.71 -11.29
N ASN A 62 9.91 -19.40 -11.23
CA ASN A 62 11.21 -18.82 -10.89
C ASN A 62 11.05 -17.85 -9.73
N PRO A 63 11.17 -18.36 -8.49
CA PRO A 63 11.02 -17.55 -7.28
C PRO A 63 12.27 -16.74 -6.93
N ASN A 64 13.06 -16.38 -7.95
CA ASN A 64 14.27 -15.59 -7.74
C ASN A 64 14.06 -14.20 -8.33
N PRO A 65 13.79 -13.21 -7.47
CA PRO A 65 13.54 -11.84 -7.89
C PRO A 65 14.74 -11.17 -8.53
N ARG A 66 15.94 -11.56 -8.13
CA ARG A 66 17.15 -10.95 -8.65
C ARG A 66 17.39 -11.30 -10.11
N SER A 67 16.86 -12.43 -10.57
CA SER A 67 17.05 -12.85 -11.96
C SER A 67 15.94 -12.29 -12.85
N LEU A 68 14.85 -11.85 -12.24
CA LEU A 68 13.73 -11.31 -13.01
C LEU A 68 13.75 -9.78 -12.99
N VAL A 69 14.46 -9.22 -12.01
CA VAL A 69 14.55 -7.77 -11.87
C VAL A 69 15.81 -7.22 -12.55
N LYS A 70 16.84 -8.05 -12.66
CA LYS A 70 18.11 -7.63 -13.27
C LYS A 70 17.93 -7.18 -14.73
N PRO A 71 17.25 -7.97 -15.60
CA PRO A 71 17.06 -7.62 -17.02
C PRO A 71 16.04 -6.49 -17.24
N ILE A 72 15.64 -5.83 -16.17
CA ILE A 72 14.69 -4.73 -16.28
C ILE A 72 15.37 -3.45 -16.74
N THR A 73 14.91 -2.91 -17.85
CA THR A 73 15.47 -1.68 -18.41
C THR A 73 14.42 -0.55 -18.34
N GLN A 74 14.86 0.70 -18.50
CA GLN A 74 13.97 1.84 -18.43
C GLN A 74 13.15 1.99 -19.72
N LEU A 75 11.96 2.56 -19.59
CA LEU A 75 11.08 2.77 -20.75
C LEU A 75 11.27 4.17 -21.32
N LEU A 76 11.29 5.16 -20.41
CA LEU A 76 11.47 6.57 -20.76
C LEU A 76 10.19 7.19 -21.30
N GLY A 77 9.77 8.28 -20.66
CA GLY A 77 8.56 8.97 -21.05
C GLY A 77 8.02 9.80 -19.90
N ARG A 78 6.70 9.96 -19.84
CA ARG A 78 6.08 10.71 -18.75
C ARG A 78 5.48 9.74 -17.72
N THR A 79 4.53 10.21 -16.92
CA THR A 79 3.93 9.36 -15.89
C THR A 79 2.46 9.02 -16.21
N HIS A 80 2.12 7.75 -16.04
CA HIS A 80 0.76 7.24 -16.26
C HIS A 80 0.42 6.25 -15.16
N THR A 81 0.56 6.68 -13.92
CA THR A 81 0.31 5.82 -12.77
C THR A 81 -1.18 5.48 -12.59
N ALA A 82 -2.07 6.32 -13.14
CA ALA A 82 -3.51 6.05 -13.02
C ALA A 82 -3.93 4.88 -13.88
N THR A 83 -3.62 4.97 -15.16
CA THR A 83 -3.93 3.90 -16.10
C THR A 83 -3.10 2.66 -15.76
N GLY A 84 -1.96 2.89 -15.13
CA GLY A 84 -1.08 1.81 -14.73
C GLY A 84 -1.71 0.92 -13.67
N ILE A 85 -2.13 1.52 -12.56
CA ILE A 85 -2.74 0.75 -11.48
C ILE A 85 -4.04 0.09 -11.94
N ARG A 86 -4.68 0.70 -12.93
CA ARG A 86 -5.91 0.16 -13.47
C ARG A 86 -5.63 -1.19 -14.14
N LYS A 87 -4.50 -1.24 -14.84
CA LYS A 87 -4.09 -2.45 -15.53
C LYS A 87 -3.66 -3.52 -14.54
N VAL A 88 -3.20 -3.09 -13.39
CA VAL A 88 -2.76 -4.02 -12.35
C VAL A 88 -3.94 -4.81 -11.81
N VAL A 89 -5.02 -4.10 -11.51
CA VAL A 89 -6.22 -4.71 -10.97
C VAL A 89 -6.93 -5.60 -11.99
N ARG A 90 -6.74 -5.31 -13.28
CA ARG A 90 -7.41 -6.08 -14.32
C ARG A 90 -6.52 -7.14 -14.96
N GLU A 91 -5.23 -6.87 -15.08
CA GLU A 91 -4.31 -7.81 -15.72
C GLU A 91 -3.38 -8.51 -14.74
N LEU A 92 -2.63 -7.74 -13.96
CA LEU A 92 -1.67 -8.34 -13.01
C LEU A 92 -2.38 -9.23 -12.01
N PHE A 93 -3.50 -8.75 -11.48
CA PHE A 93 -4.26 -9.50 -10.50
C PHE A 93 -5.28 -10.42 -11.14
N ASN A 94 -5.03 -10.80 -12.40
CA ASN A 94 -5.93 -11.69 -13.12
C ASN A 94 -5.57 -13.15 -12.83
N ILE A 95 -6.59 -13.99 -12.69
CA ILE A 95 -6.39 -15.41 -12.39
C ILE A 95 -5.52 -16.09 -13.44
N THR A 96 -5.76 -15.78 -14.71
CA THR A 96 -5.02 -16.37 -15.81
C THR A 96 -3.54 -15.93 -15.83
N ASN A 97 -3.22 -14.93 -15.01
CA ASN A 97 -1.86 -14.42 -14.94
C ASN A 97 -1.13 -14.99 -13.72
N GLY A 98 -1.82 -15.89 -13.01
CA GLY A 98 -1.23 -16.52 -11.85
C GLY A 98 -1.77 -15.98 -10.54
N ALA A 99 -2.59 -14.95 -10.61
CA ALA A 99 -3.16 -14.36 -9.40
C ALA A 99 -4.18 -15.31 -8.80
N ARG A 100 -4.07 -15.51 -7.49
CA ARG A 100 -4.96 -16.42 -6.79
C ARG A 100 -6.16 -15.66 -6.23
N LYS A 101 -7.28 -16.34 -6.11
CA LYS A 101 -8.49 -15.73 -5.56
C LYS A 101 -8.54 -16.00 -4.06
N ASN A 102 -9.14 -15.06 -3.31
CA ASN A 102 -9.30 -15.17 -1.85
C ASN A 102 -7.98 -14.86 -1.14
N ALA A 103 -6.94 -14.59 -1.92
CA ALA A 103 -5.63 -14.27 -1.36
C ALA A 103 -5.50 -12.76 -1.17
N PHE A 104 -4.78 -12.37 -0.13
CA PHE A 104 -4.57 -10.95 0.16
C PHE A 104 -3.77 -10.29 -0.96
N LYS A 105 -4.33 -9.26 -1.56
CA LYS A 105 -3.64 -8.57 -2.64
C LYS A 105 -3.18 -7.20 -2.20
N ILE A 106 -1.87 -7.01 -2.24
CA ILE A 106 -1.26 -5.74 -1.85
C ILE A 106 -0.50 -5.16 -3.02
N LEU A 107 -0.63 -3.85 -3.21
CA LEU A 107 0.04 -3.17 -4.31
C LEU A 107 0.92 -2.05 -3.79
N VAL A 108 2.15 -1.98 -4.31
CA VAL A 108 3.08 -0.94 -3.92
C VAL A 108 3.49 -0.13 -5.14
N VAL A 109 3.40 1.18 -5.05
CA VAL A 109 3.75 2.07 -6.15
C VAL A 109 4.94 2.96 -5.80
N ILE A 110 5.87 3.06 -6.73
CA ILE A 110 7.06 3.89 -6.56
C ILE A 110 7.17 4.86 -7.73
N THR A 111 6.91 6.13 -7.48
CA THR A 111 6.98 7.14 -8.52
C THR A 111 7.82 8.33 -8.07
N ASP A 112 8.32 9.11 -9.04
CA ASP A 112 9.16 10.26 -8.75
C ASP A 112 8.47 11.58 -9.10
N GLY A 113 7.42 11.53 -9.89
CA GLY A 113 6.74 12.75 -10.29
C GLY A 113 5.24 12.65 -10.31
N GLU A 114 4.58 13.81 -10.30
CA GLU A 114 3.11 13.89 -10.33
C GLU A 114 2.61 13.34 -11.67
N LYS A 115 1.42 12.73 -11.64
CA LYS A 115 0.82 12.15 -12.85
C LYS A 115 0.58 13.20 -13.95
N PHE A 116 1.40 13.14 -15.01
CA PHE A 116 1.29 14.10 -16.11
C PHE A 116 1.09 13.41 -17.46
N GLY A 117 0.00 13.78 -18.16
CA GLY A 117 -0.27 13.23 -19.47
C GLY A 117 -1.14 12.00 -19.45
N ASP A 118 -1.63 11.63 -18.27
CA ASP A 118 -2.47 10.47 -18.12
C ASP A 118 -3.92 10.83 -18.43
N PRO A 119 -4.51 10.20 -19.47
CA PRO A 119 -5.91 10.47 -19.86
C PRO A 119 -6.90 10.03 -18.79
N LEU A 120 -6.46 9.13 -17.92
CA LEU A 120 -7.31 8.63 -16.85
C LEU A 120 -6.94 9.29 -15.52
N GLY A 121 -7.92 9.40 -14.64
CA GLY A 121 -7.69 9.98 -13.33
C GLY A 121 -7.67 8.92 -12.26
N TYR A 122 -7.71 9.34 -11.02
CA TYR A 122 -7.69 8.38 -9.92
C TYR A 122 -9.09 7.96 -9.56
N GLU A 123 -10.01 8.87 -9.80
CA GLU A 123 -11.42 8.67 -9.56
C GLU A 123 -11.99 7.54 -10.43
N ASP A 124 -11.37 7.31 -11.58
CA ASP A 124 -11.81 6.26 -12.50
C ASP A 124 -11.02 4.97 -12.29
N VAL A 125 -10.04 4.98 -11.38
CA VAL A 125 -9.22 3.79 -11.14
C VAL A 125 -9.26 3.33 -9.67
N ILE A 126 -8.97 4.23 -8.75
CA ILE A 126 -8.90 3.93 -7.32
C ILE A 126 -10.17 3.25 -6.79
N PRO A 127 -11.39 3.81 -6.98
CA PRO A 127 -12.62 3.16 -6.52
C PRO A 127 -12.75 1.72 -7.02
N GLU A 128 -12.11 1.41 -8.15
CA GLU A 128 -12.14 0.06 -8.71
C GLU A 128 -11.24 -0.86 -7.87
N ALA A 129 -10.03 -0.39 -7.58
CA ALA A 129 -9.08 -1.14 -6.77
C ALA A 129 -9.63 -1.42 -5.37
N ASP A 130 -10.38 -0.45 -4.86
CA ASP A 130 -10.99 -0.56 -3.53
C ASP A 130 -12.04 -1.67 -3.53
N ARG A 131 -12.72 -1.83 -4.67
CA ARG A 131 -13.77 -2.85 -4.81
C ARG A 131 -13.21 -4.26 -4.66
N GLU A 132 -12.06 -4.52 -5.28
CA GLU A 132 -11.45 -5.85 -5.21
C GLU A 132 -10.75 -6.08 -3.87
N GLY A 133 -10.75 -5.06 -3.02
CA GLY A 133 -10.14 -5.16 -1.71
C GLY A 133 -8.63 -5.08 -1.75
N VAL A 134 -8.10 -4.50 -2.81
CA VAL A 134 -6.66 -4.37 -2.96
C VAL A 134 -6.13 -3.22 -2.12
N ILE A 135 -5.31 -3.54 -1.12
CA ILE A 135 -4.73 -2.52 -0.27
C ILE A 135 -3.43 -2.03 -0.90
N ARG A 136 -3.27 -0.72 -1.01
CA ARG A 136 -2.08 -0.16 -1.65
C ARG A 136 -1.21 0.64 -0.69
N TYR A 137 0.06 0.73 -1.06
CA TYR A 137 1.07 1.50 -0.34
C TYR A 137 1.83 2.30 -1.40
N VAL A 138 2.06 3.58 -1.17
CA VAL A 138 2.75 4.40 -2.14
C VAL A 138 3.99 5.04 -1.55
N ILE A 139 5.03 5.14 -2.37
CA ILE A 139 6.28 5.75 -1.96
C ILE A 139 6.63 6.92 -2.87
N GLY A 140 6.58 8.12 -2.32
CA GLY A 140 6.92 9.30 -3.09
C GLY A 140 8.41 9.56 -3.06
N VAL A 141 9.02 9.73 -4.23
CA VAL A 141 10.45 9.96 -4.31
C VAL A 141 10.80 11.19 -5.15
N GLY A 142 11.26 12.26 -4.52
CA GLY A 142 11.67 13.42 -5.30
C GLY A 142 11.01 14.72 -4.89
N ASP A 143 11.42 15.79 -5.58
CA ASP A 143 10.93 17.15 -5.35
C ASP A 143 9.43 17.26 -5.59
N ALA A 144 8.92 16.37 -6.45
CA ALA A 144 7.51 16.38 -6.82
C ALA A 144 6.57 16.10 -5.65
N PHE A 145 7.09 15.55 -4.56
CA PHE A 145 6.23 15.24 -3.43
C PHE A 145 6.61 16.00 -2.17
N ARG A 146 7.24 17.16 -2.34
CA ARG A 146 7.63 17.98 -1.21
C ARG A 146 6.49 18.91 -0.79
N SER A 147 5.52 19.10 -1.68
CA SER A 147 4.40 19.97 -1.40
C SER A 147 3.19 19.16 -0.95
N GLU A 148 2.44 19.71 0.00
CA GLU A 148 1.25 19.03 0.52
C GLU A 148 0.19 18.87 -0.56
N LYS A 149 0.23 19.71 -1.60
CA LYS A 149 -0.74 19.60 -2.69
C LYS A 149 -0.44 18.37 -3.52
N SER A 150 0.83 17.98 -3.57
CA SER A 150 1.25 16.80 -4.32
C SER A 150 1.06 15.56 -3.46
N ARG A 151 1.21 15.74 -2.16
CA ARG A 151 1.06 14.65 -1.22
C ARG A 151 -0.36 14.08 -1.28
N GLN A 152 -1.31 14.95 -1.62
CA GLN A 152 -2.71 14.56 -1.71
C GLN A 152 -2.92 13.45 -2.73
N GLU A 153 -2.22 13.51 -3.85
CA GLU A 153 -2.36 12.50 -4.89
C GLU A 153 -1.82 11.17 -4.39
N LEU A 154 -0.83 11.24 -3.50
CA LEU A 154 -0.25 10.03 -2.92
C LEU A 154 -1.28 9.37 -2.00
N ASN A 155 -2.03 10.23 -1.33
CA ASN A 155 -3.07 9.79 -0.40
C ASN A 155 -4.24 9.18 -1.16
N THR A 156 -4.28 9.44 -2.46
CA THR A 156 -5.32 8.92 -3.33
C THR A 156 -4.93 7.55 -3.88
N ILE A 157 -3.64 7.42 -4.22
CA ILE A 157 -3.12 6.18 -4.76
C ILE A 157 -3.15 5.08 -3.70
N ALA A 158 -2.72 5.41 -2.51
CA ALA A 158 -2.69 4.45 -1.41
C ALA A 158 -4.05 4.35 -0.73
N SER A 159 -4.23 3.32 0.08
CA SER A 159 -5.48 3.12 0.80
C SER A 159 -5.46 3.87 2.13
N LYS A 160 -6.63 4.09 2.70
CA LYS A 160 -6.72 4.79 3.97
C LYS A 160 -6.26 3.91 5.12
N PRO A 161 -5.64 4.50 6.15
CA PRO A 161 -5.37 5.93 6.20
C PRO A 161 -4.03 6.29 5.55
N PRO A 162 -3.91 7.51 5.01
CA PRO A 162 -2.69 7.98 4.36
C PRO A 162 -1.48 7.91 5.28
N ARG A 163 -1.71 8.12 6.58
CA ARG A 163 -0.64 8.06 7.57
C ARG A 163 -0.24 6.61 7.89
N ASP A 164 -0.68 5.68 7.05
CA ASP A 164 -0.38 4.27 7.24
C ASP A 164 0.05 3.62 5.91
N HIS A 165 -0.22 4.29 4.79
CA HIS A 165 0.11 3.73 3.49
C HIS A 165 0.89 4.69 2.59
N VAL A 166 1.15 5.89 3.07
CA VAL A 166 1.87 6.88 2.25
C VAL A 166 3.25 7.18 2.82
N PHE A 167 4.27 6.80 2.07
CA PHE A 167 5.65 7.03 2.46
C PHE A 167 6.26 8.12 1.56
N GLN A 168 7.17 8.90 2.11
CA GLN A 168 7.81 9.95 1.34
C GLN A 168 9.31 9.92 1.57
N VAL A 169 10.06 9.99 0.48
CA VAL A 169 11.50 9.98 0.55
C VAL A 169 12.05 11.09 -0.34
N ASN A 170 13.18 11.67 0.05
CA ASN A 170 13.76 12.79 -0.69
C ASN A 170 14.62 12.33 -1.87
N ASN A 171 15.18 11.13 -1.80
CA ASN A 171 16.02 10.61 -2.87
C ASN A 171 15.96 9.08 -2.91
N PHE A 172 16.33 8.50 -4.04
CA PHE A 172 16.30 7.05 -4.24
C PHE A 172 17.25 6.30 -3.30
N GLU A 173 18.26 6.97 -2.80
CA GLU A 173 19.22 6.34 -1.89
C GLU A 173 18.57 6.13 -0.52
N ALA A 174 17.82 7.13 -0.07
CA ALA A 174 17.14 7.08 1.22
C ALA A 174 16.01 6.04 1.25
N LEU A 175 15.79 5.35 0.14
CA LEU A 175 14.75 4.33 0.07
C LEU A 175 15.11 3.17 0.99
N LYS A 176 16.39 3.02 1.25
CA LYS A 176 16.91 1.97 2.10
C LYS A 176 16.45 2.15 3.55
N THR A 177 16.24 3.40 3.95
CA THR A 177 15.81 3.70 5.31
C THR A 177 14.33 3.39 5.55
N ILE A 178 13.53 3.37 4.49
CA ILE A 178 12.10 3.12 4.63
C ILE A 178 11.78 1.62 4.51
N GLN A 179 12.78 0.82 4.17
CA GLN A 179 12.62 -0.62 4.00
C GLN A 179 12.09 -1.28 5.26
N ASN A 180 12.54 -0.79 6.41
CA ASN A 180 12.12 -1.35 7.70
C ASN A 180 10.64 -1.18 7.94
N GLN A 181 10.15 0.07 7.92
CA GLN A 181 8.75 0.35 8.16
C GLN A 181 7.85 -0.32 7.14
N LEU A 182 8.28 -0.33 5.88
CA LEU A 182 7.51 -0.98 4.82
C LEU A 182 7.32 -2.46 5.12
N ARG A 183 8.39 -3.11 5.56
CA ARG A 183 8.35 -4.53 5.88
C ARG A 183 7.40 -4.81 7.03
N GLU A 184 7.47 -3.99 8.07
CA GLU A 184 6.63 -4.15 9.24
C GLU A 184 5.15 -3.92 8.92
N LYS A 185 4.87 -2.87 8.15
CA LYS A 185 3.50 -2.52 7.82
C LYS A 185 2.90 -3.44 6.75
N ILE A 186 3.73 -4.18 6.04
CA ILE A 186 3.21 -5.11 5.03
C ILE A 186 2.94 -6.46 5.68
N PHE A 187 3.52 -6.69 6.85
CA PHE A 187 3.32 -7.93 7.57
C PHE A 187 2.19 -7.77 8.58
N ALA A 188 1.95 -6.53 8.98
CA ALA A 188 0.90 -6.22 9.94
C ALA A 188 -0.49 -6.36 9.31
N ILE A 189 -0.98 -7.59 9.29
CA ILE A 189 -2.30 -7.88 8.73
C ILE A 189 -2.99 -8.97 9.54
N GLU A 190 -2.20 -9.86 10.12
CA GLU A 190 -2.74 -10.95 10.93
C GLU A 190 -1.76 -11.28 12.06
N GLY A 191 -0.83 -12.19 11.81
CA GLY A 191 0.14 -12.56 12.82
C GLY A 191 0.92 -13.79 12.44
N THR A 192 0.25 -14.76 11.84
CA THR A 192 0.86 -15.99 11.40
C THR A 192 1.93 -15.73 10.33
N GLN A 193 3.17 -16.05 10.64
CA GLN A 193 4.28 -15.85 9.73
C GLN A 193 5.16 -17.09 9.69
N THR A 194 6.21 -17.04 8.87
CA THR A 194 7.12 -18.16 8.74
C THR A 194 8.51 -17.66 8.34
N GLY B 1 -33.06 0.36 54.97
CA GLY B 1 -31.99 0.67 54.04
C GLY B 1 -30.80 -0.26 54.21
N LYS B 2 -29.65 0.17 53.73
CA LYS B 2 -28.43 -0.62 53.84
C LYS B 2 -27.36 0.18 54.55
N LYS B 3 -26.91 1.24 53.90
CA LYS B 3 -25.89 2.13 54.44
C LYS B 3 -25.61 3.25 53.46
N GLU B 4 -25.58 4.48 53.97
CA GLU B 4 -25.28 5.64 53.14
C GLU B 4 -23.88 5.47 52.56
N LYS B 5 -23.78 5.44 51.25
CA LYS B 5 -22.51 5.22 50.59
C LYS B 5 -22.17 6.32 49.57
N PRO B 6 -21.34 7.28 49.98
CA PRO B 6 -20.91 8.36 49.10
C PRO B 6 -19.64 7.97 48.35
N GLU B 7 -18.84 8.96 47.97
CA GLU B 7 -17.60 8.70 47.25
C GLU B 7 -16.54 8.14 48.20
N LYS B 8 -16.49 6.81 48.29
CA LYS B 8 -15.54 6.13 49.15
C LYS B 8 -14.16 6.07 48.49
N LYS B 9 -14.15 5.80 47.19
CA LYS B 9 -12.91 5.72 46.43
C LYS B 9 -13.21 5.63 44.94
N VAL B 10 -12.35 6.23 44.14
CA VAL B 10 -12.52 6.21 42.69
C VAL B 10 -12.03 4.88 42.12
N LYS B 11 -12.62 4.46 41.00
CA LYS B 11 -12.23 3.22 40.35
C LYS B 11 -10.95 3.44 39.55
N LYS B 12 -10.11 2.43 39.50
CA LYS B 12 -8.86 2.55 38.74
C LYS B 12 -9.09 2.21 37.28
N SER B 13 -8.56 1.06 36.83
CA SER B 13 -8.69 0.64 35.43
C SER B 13 -7.90 1.60 34.55
N ASP B 14 -8.26 1.67 33.28
CA ASP B 14 -7.58 2.58 32.35
C ASP B 14 -8.10 4.00 32.57
N CYS B 15 -7.46 4.96 31.92
CA CYS B 15 -7.85 6.36 32.04
C CYS B 15 -9.17 6.61 31.32
N GLY B 16 -9.65 5.61 30.61
CA GLY B 16 -10.90 5.72 29.90
C GLY B 16 -11.11 4.53 28.98
N GLU B 17 -12.31 4.41 28.44
CA GLU B 17 -12.60 3.30 27.54
C GLU B 17 -12.15 3.65 26.12
N TRP B 18 -12.08 2.64 25.27
CA TRP B 18 -11.65 2.84 23.89
C TRP B 18 -12.73 3.54 23.08
N GLN B 19 -12.29 4.40 22.16
CA GLN B 19 -13.21 5.14 21.31
C GLN B 19 -13.67 4.26 20.14
N TRP B 20 -14.97 4.18 19.95
CA TRP B 20 -15.53 3.36 18.88
C TRP B 20 -16.00 4.20 17.70
N SER B 21 -15.23 4.16 16.63
CA SER B 21 -15.57 4.90 15.42
C SER B 21 -16.40 4.01 14.49
N VAL B 22 -17.03 4.62 13.50
CA VAL B 22 -17.85 3.87 12.55
C VAL B 22 -17.04 3.55 11.30
N CYS B 23 -17.43 2.48 10.61
CA CYS B 23 -16.73 2.06 9.40
C CYS B 23 -17.05 2.99 8.24
N VAL B 24 -16.16 3.95 7.99
CA VAL B 24 -16.35 4.89 6.89
C VAL B 24 -15.65 4.37 5.64
N PRO B 25 -16.43 3.92 4.64
CA PRO B 25 -15.89 3.38 3.38
C PRO B 25 -15.08 4.41 2.59
N THR B 26 -14.16 3.92 1.77
CA THR B 26 -13.34 4.78 0.94
C THR B 26 -14.02 5.00 -0.41
N SER B 27 -14.77 4.01 -0.85
CA SER B 27 -15.47 4.08 -2.12
C SER B 27 -16.96 3.84 -1.91
N GLY B 28 -17.79 4.66 -2.56
CA GLY B 28 -19.23 4.50 -2.44
C GLY B 28 -19.71 3.26 -3.16
N ASP B 29 -19.11 3.00 -4.32
CA ASP B 29 -19.46 1.83 -5.12
C ASP B 29 -18.67 0.62 -4.61
N CYS B 30 -18.81 0.36 -3.32
CA CYS B 30 -18.12 -0.74 -2.64
C CYS B 30 -16.61 -0.48 -2.54
N GLY B 31 -16.03 -0.88 -1.41
CA GLY B 31 -14.61 -0.69 -1.21
C GLY B 31 -14.20 -1.02 0.21
N LEU B 32 -13.03 -0.55 0.60
CA LEU B 32 -12.49 -0.78 1.92
C LEU B 32 -12.90 0.35 2.86
N GLY B 33 -12.95 0.06 4.14
CA GLY B 33 -13.32 1.07 5.11
C GLY B 33 -12.28 1.21 6.20
N THR B 34 -12.37 2.23 7.02
CA THR B 34 -11.40 2.44 8.07
C THR B 34 -12.06 2.80 9.41
N ARG B 35 -11.30 2.61 10.47
CA ARG B 35 -11.72 2.91 11.84
C ARG B 35 -10.50 3.34 12.64
N GLU B 36 -10.68 4.21 13.61
CA GLU B 36 -9.57 4.66 14.44
C GLU B 36 -10.05 5.02 15.84
N GLY B 37 -9.36 4.47 16.84
CA GLY B 37 -9.70 4.73 18.22
C GLY B 37 -8.47 5.14 19.00
N THR B 38 -8.61 6.10 19.89
CA THR B 38 -7.46 6.56 20.67
C THR B 38 -7.76 6.51 22.17
N ARG B 39 -6.70 6.32 22.95
CA ARG B 39 -6.81 6.27 24.39
C ARG B 39 -5.84 7.27 25.01
N THR B 40 -6.34 8.12 25.88
CA THR B 40 -5.54 9.13 26.55
C THR B 40 -5.77 9.13 28.05
N GLY B 41 -4.96 9.85 28.79
CA GLY B 41 -5.11 9.92 30.23
C GLY B 41 -3.94 10.60 30.89
N ALA B 42 -3.87 10.50 32.22
CA ALA B 42 -2.80 11.11 32.98
C ALA B 42 -1.52 10.28 32.85
N GLU B 43 -1.61 9.02 33.25
CA GLU B 43 -0.48 8.12 33.15
C GLU B 43 -0.55 7.30 31.87
N CYS B 44 -1.76 7.18 31.34
CA CYS B 44 -1.99 6.44 30.10
C CYS B 44 -1.45 7.23 28.92
N LYS B 45 -0.67 6.58 28.07
CA LYS B 45 -0.07 7.24 26.92
C LYS B 45 -1.05 7.27 25.76
N GLN B 46 -0.79 8.13 24.79
CA GLN B 46 -1.66 8.26 23.61
C GLN B 46 -1.61 7.00 22.77
N THR B 47 -2.50 6.07 23.06
CA THR B 47 -2.55 4.82 22.32
C THR B 47 -3.50 4.95 21.13
N MET B 48 -2.96 4.81 19.94
CA MET B 48 -3.76 4.92 18.73
C MET B 48 -3.92 3.56 18.05
N LYS B 49 -5.16 3.24 17.71
CA LYS B 49 -5.44 1.98 17.04
C LYS B 49 -6.29 2.21 15.81
N THR B 50 -5.77 1.82 14.65
CA THR B 50 -6.47 1.97 13.39
C THR B 50 -6.88 0.61 12.86
N GLN B 51 -8.13 0.50 12.43
CA GLN B 51 -8.65 -0.76 11.90
C GLN B 51 -9.15 -0.56 10.47
N ARG B 52 -9.45 -1.67 9.80
CA ARG B 52 -9.94 -1.63 8.42
C ARG B 52 -11.25 -2.40 8.34
N CYS B 53 -12.25 -1.80 7.70
CA CYS B 53 -13.56 -2.42 7.56
C CYS B 53 -13.82 -2.87 6.13
N LYS B 54 -14.87 -3.65 5.95
CA LYS B 54 -15.24 -4.15 4.62
C LYS B 54 -16.74 -3.95 4.41
N ILE B 55 -17.09 -3.42 3.25
CA ILE B 55 -18.49 -3.19 2.89
C ILE B 55 -19.16 -4.51 2.49
N PRO B 56 -20.42 -4.74 2.90
CA PRO B 56 -21.14 -5.97 2.55
C PRO B 56 -21.51 -6.06 1.07
N CYS B 57 -21.78 -4.91 0.44
CA CYS B 57 -22.16 -4.85 -0.97
C CYS B 57 -23.50 -5.52 -1.20
N ASN B 58 -24.40 -5.42 -0.22
CA ASN B 58 -25.72 -6.03 -0.31
C ASN B 58 -26.61 -5.23 -1.27
N GLU A 1 -2.78 -17.82 -2.48
CA GLU A 1 -3.51 -18.29 -1.30
C GLU A 1 -3.23 -17.37 -0.12
N ASP A 2 -1.95 -17.12 0.10
CA ASP A 2 -1.50 -16.25 1.18
C ASP A 2 -1.68 -14.79 0.78
N SER A 3 -0.77 -14.31 -0.05
CA SER A 3 -0.83 -12.93 -0.51
C SER A 3 -0.21 -12.79 -1.89
N ASP A 4 -0.74 -11.84 -2.65
CA ASP A 4 -0.25 -11.53 -3.98
C ASP A 4 0.24 -10.10 -3.97
N ILE A 5 1.54 -9.91 -3.99
CA ILE A 5 2.11 -8.57 -3.94
C ILE A 5 2.63 -8.13 -5.30
N ALA A 6 2.13 -7.01 -5.77
CA ALA A 6 2.54 -6.47 -7.05
C ALA A 6 3.29 -5.15 -6.86
N PHE A 7 4.36 -4.99 -7.62
CA PHE A 7 5.18 -3.79 -7.54
C PHE A 7 4.99 -2.93 -8.78
N LEU A 8 4.74 -1.64 -8.58
CA LEU A 8 4.56 -0.71 -9.68
C LEU A 8 5.66 0.33 -9.66
N ILE A 9 6.63 0.18 -10.57
CA ILE A 9 7.76 1.09 -10.64
C ILE A 9 7.62 2.05 -11.82
N ASP A 10 7.94 3.30 -11.58
CA ASP A 10 7.86 4.32 -12.62
C ASP A 10 9.08 4.22 -13.55
N GLY A 11 8.83 4.41 -14.83
CA GLY A 11 9.89 4.35 -15.81
C GLY A 11 10.05 5.65 -16.56
N SER A 12 9.56 6.72 -15.93
CA SER A 12 9.62 8.07 -16.50
C SER A 12 11.05 8.43 -16.92
N GLY A 13 11.17 9.44 -17.78
CA GLY A 13 12.46 9.87 -18.27
C GLY A 13 13.16 10.84 -17.33
N SER A 14 12.51 11.18 -16.22
CA SER A 14 13.09 12.09 -15.26
C SER A 14 14.10 11.36 -14.37
N ILE A 15 13.84 10.09 -14.13
CA ILE A 15 14.72 9.27 -13.31
C ILE A 15 15.95 8.85 -14.11
N ILE A 16 17.12 9.12 -13.55
CA ILE A 16 18.37 8.76 -14.22
C ILE A 16 18.63 7.27 -14.08
N PRO A 17 19.30 6.65 -15.08
CA PRO A 17 19.62 5.21 -15.07
C PRO A 17 20.29 4.74 -13.78
N HIS A 18 21.09 5.61 -13.15
CA HIS A 18 21.76 5.25 -11.91
C HIS A 18 20.74 5.15 -10.77
N ASP A 19 19.76 6.04 -10.77
CA ASP A 19 18.73 6.05 -9.73
C ASP A 19 17.74 4.93 -10.01
N PHE A 20 17.53 4.63 -11.27
CA PHE A 20 16.63 3.55 -11.67
C PHE A 20 17.19 2.24 -11.12
N ARG A 21 18.50 2.19 -11.01
CA ARG A 21 19.18 1.02 -10.47
C ARG A 21 18.88 0.89 -8.98
N ARG A 22 18.91 2.02 -8.29
CA ARG A 22 18.63 2.03 -6.86
C ARG A 22 17.21 1.54 -6.61
N MET A 23 16.33 1.82 -7.56
CA MET A 23 14.94 1.39 -7.49
C MET A 23 14.83 -0.12 -7.64
N LYS A 24 15.58 -0.68 -8.58
CA LYS A 24 15.54 -2.12 -8.80
C LYS A 24 16.21 -2.87 -7.66
N GLU A 25 17.16 -2.20 -6.98
CA GLU A 25 17.82 -2.81 -5.82
C GLU A 25 16.81 -2.93 -4.70
N PHE A 26 16.00 -1.88 -4.57
CA PHE A 26 14.99 -1.80 -3.54
C PHE A 26 13.94 -2.89 -3.72
N VAL A 27 13.32 -2.95 -4.89
CA VAL A 27 12.28 -3.93 -5.15
C VAL A 27 12.77 -5.37 -5.00
N SER A 28 14.03 -5.65 -5.34
CA SER A 28 14.55 -7.00 -5.23
C SER A 28 14.82 -7.35 -3.76
N THR A 29 15.41 -6.40 -3.04
CA THR A 29 15.71 -6.62 -1.63
C THR A 29 14.42 -6.75 -0.82
N VAL A 30 13.43 -5.94 -1.17
CA VAL A 30 12.14 -5.99 -0.49
C VAL A 30 11.43 -7.30 -0.82
N MET A 31 11.57 -7.74 -2.07
CA MET A 31 10.94 -8.96 -2.53
C MET A 31 11.49 -10.17 -1.79
N GLU A 32 12.79 -10.14 -1.47
CA GLU A 32 13.44 -11.24 -0.77
C GLU A 32 12.91 -11.38 0.66
N GLN A 33 12.89 -10.28 1.41
CA GLN A 33 12.43 -10.31 2.80
C GLN A 33 10.93 -10.53 2.91
N LEU A 34 10.24 -10.51 1.78
CA LEU A 34 8.79 -10.72 1.76
C LEU A 34 8.45 -12.00 1.01
N LYS A 35 9.44 -12.83 0.78
CA LYS A 35 9.25 -14.07 0.04
C LYS A 35 8.76 -15.20 0.95
N LYS A 36 7.44 -15.37 1.04
CA LYS A 36 6.87 -16.44 1.85
C LYS A 36 6.69 -17.69 1.00
N SER A 37 6.08 -18.72 1.57
CA SER A 37 5.87 -19.98 0.86
C SER A 37 4.65 -19.90 -0.05
N LYS A 38 3.72 -19.01 0.26
CA LYS A 38 2.51 -18.87 -0.54
C LYS A 38 2.34 -17.45 -1.07
N THR A 39 3.41 -16.68 -1.04
CA THR A 39 3.37 -15.30 -1.51
C THR A 39 4.08 -15.19 -2.86
N LEU A 40 3.35 -14.67 -3.84
CA LEU A 40 3.89 -14.50 -5.18
C LEU A 40 4.02 -13.02 -5.48
N PHE A 41 4.84 -12.68 -6.46
CA PHE A 41 5.06 -11.29 -6.80
C PHE A 41 4.88 -11.05 -8.29
N SER A 42 4.51 -9.83 -8.62
CA SER A 42 4.34 -9.42 -9.99
C SER A 42 4.83 -7.98 -10.11
N LEU A 43 5.32 -7.60 -11.27
CA LEU A 43 5.84 -6.26 -11.44
C LEU A 43 5.54 -5.71 -12.83
N MET A 44 5.05 -4.47 -12.85
CA MET A 44 4.74 -3.80 -14.09
C MET A 44 5.37 -2.42 -14.09
N GLN A 45 6.06 -2.07 -15.16
CA GLN A 45 6.70 -0.78 -15.28
C GLN A 45 5.82 0.14 -16.11
N TYR A 46 5.82 1.43 -15.82
CA TYR A 46 4.97 2.35 -16.54
C TYR A 46 5.61 3.71 -16.78
N SER A 47 5.21 4.31 -17.89
CA SER A 47 5.61 5.65 -18.30
C SER A 47 4.42 6.21 -19.06
N GLU A 48 4.33 5.93 -20.35
CA GLU A 48 3.14 6.27 -21.11
C GLU A 48 2.57 4.97 -21.61
N GLU A 49 3.45 3.99 -21.71
CA GLU A 49 3.10 2.63 -22.07
C GLU A 49 3.24 1.79 -20.81
N PHE A 50 2.97 0.49 -20.90
CA PHE A 50 3.09 -0.37 -19.74
C PHE A 50 3.75 -1.68 -20.14
N ARG A 51 4.72 -2.11 -19.36
CA ARG A 51 5.44 -3.33 -19.66
C ARG A 51 5.48 -4.24 -18.44
N ILE A 52 4.81 -5.38 -18.54
CA ILE A 52 4.83 -6.36 -17.46
C ILE A 52 6.17 -7.08 -17.51
N HIS A 53 6.83 -7.20 -16.39
CA HIS A 53 8.13 -7.87 -16.38
C HIS A 53 7.99 -9.32 -15.98
N PHE A 54 7.03 -9.58 -15.10
CA PHE A 54 6.77 -10.93 -14.64
C PHE A 54 5.45 -10.96 -13.89
N THR A 55 4.73 -12.06 -14.03
CA THR A 55 3.46 -12.23 -13.35
C THR A 55 3.60 -13.26 -12.24
N PHE A 56 2.56 -13.42 -11.44
CA PHE A 56 2.59 -14.35 -10.33
C PHE A 56 2.82 -15.79 -10.80
N LYS A 57 2.29 -16.13 -11.98
CA LYS A 57 2.44 -17.48 -12.50
C LYS A 57 3.89 -17.85 -12.79
N GLU A 58 4.69 -16.91 -13.30
CA GLU A 58 6.07 -17.20 -13.62
C GLU A 58 6.97 -17.06 -12.41
N PHE A 59 6.56 -16.24 -11.44
CA PHE A 59 7.34 -16.06 -10.22
C PHE A 59 7.29 -17.34 -9.40
N GLN A 60 6.25 -18.12 -9.64
CA GLN A 60 6.07 -19.39 -8.97
C GLN A 60 7.09 -20.39 -9.52
N ASN A 61 7.40 -20.22 -10.80
CA ASN A 61 8.36 -21.08 -11.49
C ASN A 61 9.78 -20.63 -11.15
N ASN A 62 9.98 -19.32 -11.10
CA ASN A 62 11.28 -18.75 -10.77
C ASN A 62 11.12 -17.77 -9.61
N PRO A 63 11.24 -18.26 -8.37
CA PRO A 63 11.08 -17.44 -7.17
C PRO A 63 12.32 -16.62 -6.83
N ASN A 64 13.11 -16.28 -7.83
CA ASN A 64 14.31 -15.48 -7.62
C ASN A 64 14.11 -14.09 -8.21
N PRO A 65 13.83 -13.11 -7.36
CA PRO A 65 13.58 -11.73 -7.79
C PRO A 65 14.78 -11.06 -8.44
N ARG A 66 15.98 -11.45 -8.02
CA ARG A 66 17.18 -10.83 -8.54
C ARG A 66 17.43 -11.19 -10.01
N SER A 67 16.92 -12.33 -10.46
CA SER A 67 17.11 -12.74 -11.85
C SER A 67 16.00 -12.20 -12.75
N LEU A 68 14.90 -11.79 -12.15
CA LEU A 68 13.77 -11.24 -12.92
C LEU A 68 13.79 -9.72 -12.92
N VAL A 69 14.48 -9.14 -11.94
CA VAL A 69 14.58 -7.69 -11.81
C VAL A 69 15.84 -7.14 -12.49
N LYS A 70 16.88 -7.97 -12.58
CA LYS A 70 18.14 -7.54 -13.20
C LYS A 70 17.95 -7.10 -14.67
N PRO A 71 17.29 -7.90 -15.53
CA PRO A 71 17.09 -7.56 -16.96
C PRO A 71 16.08 -6.44 -17.19
N ILE A 72 15.66 -5.77 -16.13
CA ILE A 72 14.72 -4.68 -16.24
C ILE A 72 15.40 -3.40 -16.71
N THR A 73 14.95 -2.87 -17.83
CA THR A 73 15.51 -1.64 -18.38
C THR A 73 14.46 -0.51 -18.33
N GLN A 74 14.89 0.74 -18.48
CA GLN A 74 13.98 1.88 -18.42
C GLN A 74 13.17 2.01 -19.71
N LEU A 75 11.98 2.59 -19.61
CA LEU A 75 11.10 2.77 -20.76
C LEU A 75 11.28 4.17 -21.33
N LEU A 76 11.30 5.17 -20.44
CA LEU A 76 11.47 6.58 -20.79
C LEU A 76 10.19 7.19 -21.34
N GLY A 77 9.77 8.28 -20.72
CA GLY A 77 8.56 8.98 -21.11
C GLY A 77 8.01 9.79 -19.97
N ARG A 78 6.69 9.96 -19.91
CA ARG A 78 6.07 10.72 -18.82
C ARG A 78 5.48 9.76 -17.79
N THR A 79 4.52 10.22 -17.00
CA THR A 79 3.91 9.37 -15.98
C THR A 79 2.45 9.02 -16.28
N HIS A 80 2.10 7.76 -16.11
CA HIS A 80 0.74 7.26 -16.33
C HIS A 80 0.40 6.27 -15.23
N THR A 81 0.55 6.71 -13.99
CA THR A 81 0.30 5.86 -12.84
C THR A 81 -1.19 5.52 -12.65
N ALA A 82 -2.09 6.34 -13.22
CA ALA A 82 -3.52 6.07 -13.08
C ALA A 82 -3.92 4.88 -13.95
N THR A 83 -3.61 4.96 -15.23
CA THR A 83 -3.92 3.88 -16.15
C THR A 83 -3.09 2.66 -15.79
N GLY A 84 -1.95 2.91 -15.17
CA GLY A 84 -1.06 1.83 -14.75
C GLY A 84 -1.69 0.94 -13.69
N ILE A 85 -2.12 1.54 -12.59
CA ILE A 85 -2.73 0.77 -11.50
C ILE A 85 -4.02 0.11 -11.97
N ARG A 86 -4.67 0.72 -12.96
CA ARG A 86 -5.90 0.16 -13.51
C ARG A 86 -5.61 -1.18 -14.17
N LYS A 87 -4.48 -1.25 -14.86
CA LYS A 87 -4.07 -2.45 -15.54
C LYS A 87 -3.63 -3.51 -14.54
N VAL A 88 -3.19 -3.07 -13.38
CA VAL A 88 -2.76 -4.00 -12.34
C VAL A 88 -3.93 -4.79 -11.80
N VAL A 89 -5.01 -4.08 -11.51
CA VAL A 89 -6.21 -4.69 -10.96
C VAL A 89 -6.92 -5.59 -11.98
N ARG A 90 -6.71 -5.32 -13.26
CA ARG A 90 -7.37 -6.10 -14.31
C ARG A 90 -6.47 -7.16 -14.94
N GLU A 91 -5.18 -6.88 -15.08
CA GLU A 91 -4.26 -7.82 -15.71
C GLU A 91 -3.34 -8.51 -14.71
N LEU A 92 -2.58 -7.74 -13.94
CA LEU A 92 -1.64 -8.32 -12.98
C LEU A 92 -2.36 -9.20 -11.96
N PHE A 93 -3.47 -8.72 -11.45
CA PHE A 93 -4.23 -9.47 -10.47
C PHE A 93 -5.26 -10.40 -11.11
N ASN A 94 -5.00 -10.79 -12.36
CA ASN A 94 -5.89 -11.69 -13.08
C ASN A 94 -5.52 -13.14 -12.79
N ILE A 95 -6.54 -13.99 -12.65
CA ILE A 95 -6.34 -15.40 -12.34
C ILE A 95 -5.45 -16.10 -13.37
N THR A 96 -5.70 -15.79 -14.65
CA THR A 96 -4.94 -16.38 -15.75
C THR A 96 -3.48 -15.93 -15.75
N ASN A 97 -3.16 -14.92 -14.94
CA ASN A 97 -1.80 -14.41 -14.87
C ASN A 97 -1.10 -14.97 -13.65
N GLY A 98 -1.76 -15.86 -12.93
CA GLY A 98 -1.17 -16.48 -11.77
C GLY A 98 -1.72 -15.95 -10.46
N ALA A 99 -2.54 -14.91 -10.53
CA ALA A 99 -3.12 -14.34 -9.33
C ALA A 99 -4.13 -15.28 -8.72
N ARG A 100 -4.03 -15.47 -7.42
CA ARG A 100 -4.93 -16.38 -6.71
C ARG A 100 -6.12 -15.61 -6.15
N LYS A 101 -7.25 -16.29 -6.05
CA LYS A 101 -8.44 -15.66 -5.50
C LYS A 101 -8.51 -15.94 -4.01
N ASN A 102 -9.10 -15.00 -3.26
CA ASN A 102 -9.26 -15.10 -1.80
C ASN A 102 -7.94 -14.77 -1.09
N ALA A 103 -6.90 -14.54 -1.88
CA ALA A 103 -5.59 -14.20 -1.32
C ALA A 103 -5.47 -12.69 -1.14
N PHE A 104 -4.74 -12.28 -0.10
CA PHE A 104 -4.55 -10.87 0.18
C PHE A 104 -3.74 -10.20 -0.93
N LYS A 105 -4.33 -9.21 -1.57
CA LYS A 105 -3.66 -8.52 -2.65
C LYS A 105 -3.20 -7.13 -2.22
N ILE A 106 -1.91 -6.91 -2.27
CA ILE A 106 -1.32 -5.65 -1.88
C ILE A 106 -0.53 -5.06 -3.04
N LEU A 107 -0.67 -3.77 -3.25
CA LEU A 107 0.01 -3.09 -4.34
C LEU A 107 0.88 -1.95 -3.82
N VAL A 108 2.12 -1.89 -4.31
CA VAL A 108 3.05 -0.84 -3.91
C VAL A 108 3.47 -0.05 -5.14
N VAL A 109 3.38 1.27 -5.04
CA VAL A 109 3.73 2.15 -6.16
C VAL A 109 4.91 3.04 -5.83
N ILE A 110 5.85 3.14 -6.76
CA ILE A 110 7.03 3.97 -6.59
C ILE A 110 7.15 4.94 -7.77
N THR A 111 6.89 6.21 -7.52
CA THR A 111 6.95 7.22 -8.57
C THR A 111 7.79 8.42 -8.12
N ASP A 112 8.28 9.19 -9.09
CA ASP A 112 9.11 10.35 -8.80
C ASP A 112 8.42 11.67 -9.16
N GLY A 113 7.37 11.61 -9.97
CA GLY A 113 6.69 12.82 -10.36
C GLY A 113 5.18 12.72 -10.40
N GLU A 114 4.52 13.87 -10.40
CA GLU A 114 3.06 13.94 -10.44
C GLU A 114 2.56 13.38 -11.77
N LYS A 115 1.38 12.76 -11.74
CA LYS A 115 0.78 12.17 -12.94
C LYS A 115 0.55 13.20 -14.04
N PHE A 116 1.36 13.14 -15.11
CA PHE A 116 1.25 14.08 -16.22
C PHE A 116 1.05 13.39 -17.57
N GLY A 117 -0.02 13.77 -18.27
CA GLY A 117 -0.30 13.22 -19.58
C GLY A 117 -1.16 11.98 -19.55
N ASP A 118 -1.64 11.61 -18.38
CA ASP A 118 -2.49 10.45 -18.23
C ASP A 118 -3.94 10.80 -18.52
N PRO A 119 -4.53 10.17 -19.56
CA PRO A 119 -5.92 10.43 -19.96
C PRO A 119 -6.91 9.99 -18.89
N LEU A 120 -6.46 9.11 -18.01
CA LEU A 120 -7.31 8.62 -16.93
C LEU A 120 -6.95 9.29 -15.61
N GLY A 121 -7.93 9.40 -14.73
CA GLY A 121 -7.71 9.98 -13.43
C GLY A 121 -7.70 8.92 -12.35
N TYR A 122 -7.73 9.35 -11.11
CA TYR A 122 -7.71 8.40 -10.00
C TYR A 122 -9.11 7.98 -9.65
N GLU A 123 -10.03 8.89 -9.90
CA GLU A 123 -11.44 8.70 -9.66
C GLU A 123 -12.00 7.55 -10.52
N ASP A 124 -11.38 7.32 -11.67
CA ASP A 124 -11.82 6.27 -12.59
C ASP A 124 -11.01 4.98 -12.38
N VAL A 125 -10.06 4.99 -11.45
CA VAL A 125 -9.23 3.80 -11.21
C VAL A 125 -9.27 3.34 -9.74
N ILE A 126 -8.96 4.25 -8.83
CA ILE A 126 -8.89 3.94 -7.40
C ILE A 126 -10.16 3.24 -6.85
N PRO A 127 -11.38 3.80 -7.05
CA PRO A 127 -12.60 3.14 -6.57
C PRO A 127 -12.72 1.69 -7.08
N GLU A 128 -12.12 1.40 -8.24
CA GLU A 128 -12.15 0.05 -8.79
C GLU A 128 -11.26 -0.87 -7.95
N ALA A 129 -10.06 -0.40 -7.63
CA ALA A 129 -9.11 -1.16 -6.82
C ALA A 129 -9.67 -1.44 -5.43
N ASP A 130 -10.40 -0.46 -4.90
CA ASP A 130 -11.01 -0.56 -3.57
C ASP A 130 -12.07 -1.66 -3.56
N ARG A 131 -12.74 -1.85 -4.70
CA ARG A 131 -13.79 -2.85 -4.83
C ARG A 131 -13.25 -4.27 -4.65
N GLU A 132 -12.11 -4.58 -5.27
CA GLU A 132 -11.53 -5.91 -5.16
C GLU A 132 -10.81 -6.12 -3.83
N GLY A 133 -10.79 -5.07 -3.00
CA GLY A 133 -10.16 -5.16 -1.70
C GLY A 133 -8.65 -5.06 -1.76
N VAL A 134 -8.14 -4.48 -2.82
CA VAL A 134 -6.70 -4.34 -2.98
C VAL A 134 -6.18 -3.18 -2.14
N ILE A 135 -5.36 -3.48 -1.14
CA ILE A 135 -4.80 -2.45 -0.30
C ILE A 135 -3.51 -1.94 -0.95
N ARG A 136 -3.30 -0.63 -0.93
CA ARG A 136 -2.13 -0.06 -1.58
C ARG A 136 -1.22 0.71 -0.62
N TYR A 137 0.03 0.82 -1.03
CA TYR A 137 1.07 1.56 -0.33
C TYR A 137 1.82 2.37 -1.39
N VAL A 138 2.02 3.65 -1.15
CA VAL A 138 2.71 4.48 -2.13
C VAL A 138 3.97 5.11 -1.55
N ILE A 139 4.98 5.23 -2.39
CA ILE A 139 6.24 5.82 -1.99
C ILE A 139 6.58 7.01 -2.88
N GLY A 140 6.56 8.20 -2.30
CA GLY A 140 6.88 9.40 -3.05
C GLY A 140 8.37 9.66 -3.04
N VAL A 141 8.96 9.85 -4.21
CA VAL A 141 10.40 10.09 -4.31
C VAL A 141 10.71 11.32 -5.15
N GLY A 142 11.24 12.36 -4.53
CA GLY A 142 11.62 13.53 -5.31
C GLY A 142 10.92 14.83 -4.93
N ASP A 143 11.34 15.90 -5.60
CA ASP A 143 10.83 17.25 -5.40
C ASP A 143 9.33 17.34 -5.66
N ALA A 144 8.84 16.45 -6.51
CA ALA A 144 7.43 16.45 -6.89
C ALA A 144 6.50 16.18 -5.71
N PHE A 145 7.01 15.62 -4.63
CA PHE A 145 6.15 15.31 -3.49
C PHE A 145 6.56 16.09 -2.24
N ARG A 146 7.13 17.27 -2.44
CA ARG A 146 7.53 18.11 -1.31
C ARG A 146 6.40 19.04 -0.90
N SER A 147 5.42 19.22 -1.78
CA SER A 147 4.29 20.09 -1.49
C SER A 147 3.09 19.28 -1.04
N GLU A 148 2.34 19.83 -0.09
CA GLU A 148 1.16 19.16 0.44
C GLU A 148 0.09 18.99 -0.64
N LYS A 149 0.12 19.82 -1.68
CA LYS A 149 -0.86 19.69 -2.76
C LYS A 149 -0.57 18.45 -3.59
N SER A 150 0.71 18.07 -3.64
CA SER A 150 1.12 16.90 -4.39
C SER A 150 0.97 15.65 -3.52
N ARG A 151 1.12 15.84 -2.21
CA ARG A 151 0.98 14.75 -1.26
C ARG A 151 -0.43 14.18 -1.30
N GLN A 152 -1.39 15.03 -1.67
CA GLN A 152 -2.79 14.63 -1.75
C GLN A 152 -3.00 13.50 -2.74
N GLU A 153 -2.29 13.56 -3.86
CA GLU A 153 -2.43 12.52 -4.88
C GLU A 153 -1.87 11.20 -4.36
N LEU A 154 -0.87 11.29 -3.48
CA LEU A 154 -0.28 10.10 -2.89
C LEU A 154 -1.30 9.44 -1.99
N ASN A 155 -2.08 10.28 -1.30
CA ASN A 155 -3.11 9.82 -0.39
C ASN A 155 -4.27 9.21 -1.17
N THR A 156 -4.33 9.52 -2.46
CA THR A 156 -5.37 9.00 -3.34
C THR A 156 -4.97 7.63 -3.87
N ILE A 157 -3.69 7.47 -4.17
CA ILE A 157 -3.16 6.22 -4.69
C ILE A 157 -3.17 5.14 -3.62
N ALA A 158 -2.74 5.52 -2.42
CA ALA A 158 -2.69 4.59 -1.31
C ALA A 158 -4.05 4.43 -0.64
N SER A 159 -4.15 3.50 0.29
CA SER A 159 -5.39 3.26 0.99
C SER A 159 -5.38 3.98 2.35
N LYS A 160 -6.57 4.20 2.90
CA LYS A 160 -6.68 4.87 4.20
C LYS A 160 -6.22 3.96 5.33
N PRO A 161 -5.57 4.51 6.36
CA PRO A 161 -5.25 5.94 6.44
C PRO A 161 -3.91 6.28 5.76
N PRO A 162 -3.77 7.52 5.27
CA PRO A 162 -2.54 7.97 4.61
C PRO A 162 -1.31 7.84 5.51
N ARG A 163 -1.50 8.04 6.81
CA ARG A 163 -0.41 7.95 7.77
C ARG A 163 -0.02 6.49 8.06
N ASP A 164 -0.50 5.58 7.23
CA ASP A 164 -0.22 4.16 7.37
C ASP A 164 0.16 3.52 6.03
N HIS A 165 -0.18 4.19 4.92
CA HIS A 165 0.11 3.63 3.60
C HIS A 165 0.86 4.60 2.70
N VAL A 166 1.24 5.77 3.21
CA VAL A 166 1.96 6.74 2.39
C VAL A 166 3.36 6.98 2.93
N PHE A 167 4.36 6.66 2.14
CA PHE A 167 5.74 6.85 2.52
C PHE A 167 6.36 7.93 1.64
N GLN A 168 7.31 8.69 2.19
CA GLN A 168 7.97 9.74 1.44
C GLN A 168 9.47 9.65 1.61
N VAL A 169 10.18 9.73 0.51
CA VAL A 169 11.63 9.67 0.52
C VAL A 169 12.18 10.79 -0.36
N ASN A 170 13.33 11.33 0.01
CA ASN A 170 13.91 12.45 -0.73
C ASN A 170 14.74 11.98 -1.93
N ASN A 171 15.30 10.78 -1.85
CA ASN A 171 16.10 10.25 -2.95
C ASN A 171 15.97 8.72 -3.01
N PHE A 172 16.28 8.15 -4.16
CA PHE A 172 16.17 6.70 -4.38
C PHE A 172 17.12 5.89 -3.49
N GLU A 173 18.18 6.50 -3.03
CA GLU A 173 19.14 5.81 -2.17
C GLU A 173 18.55 5.60 -0.78
N ALA A 174 17.84 6.61 -0.31
CA ALA A 174 17.20 6.57 1.01
C ALA A 174 16.04 5.57 1.08
N LEU A 175 15.75 4.92 -0.04
CA LEU A 175 14.67 3.93 -0.09
C LEU A 175 15.03 2.74 0.80
N LYS A 176 16.31 2.52 0.98
CA LYS A 176 16.81 1.41 1.79
C LYS A 176 16.41 1.56 3.25
N THR A 177 16.25 2.81 3.69
CA THR A 177 15.89 3.09 5.07
C THR A 177 14.40 2.82 5.35
N ILE A 178 13.56 2.86 4.32
CA ILE A 178 12.12 2.64 4.51
C ILE A 178 11.75 1.16 4.36
N GLN A 179 12.73 0.34 3.97
CA GLN A 179 12.51 -1.09 3.77
C GLN A 179 11.99 -1.78 5.03
N ASN A 180 12.49 -1.33 6.18
CA ASN A 180 12.09 -1.92 7.47
C ASN A 180 10.62 -1.70 7.76
N GLN A 181 10.17 -0.44 7.75
CA GLN A 181 8.79 -0.11 8.05
C GLN A 181 7.84 -0.75 7.05
N LEU A 182 8.22 -0.73 5.77
CA LEU A 182 7.40 -1.32 4.73
C LEU A 182 7.18 -2.81 5.00
N ARG A 183 8.25 -3.50 5.39
CA ARG A 183 8.19 -4.92 5.68
C ARG A 183 7.27 -5.22 6.86
N GLU A 184 7.39 -4.44 7.92
CA GLU A 184 6.58 -4.64 9.12
C GLU A 184 5.11 -4.33 8.87
N LYS A 185 4.84 -3.24 8.16
CA LYS A 185 3.47 -2.83 7.87
C LYS A 185 2.80 -3.73 6.84
N ILE A 186 3.58 -4.42 6.03
CA ILE A 186 3.00 -5.31 5.04
C ILE A 186 2.67 -6.66 5.68
N PHE A 187 3.30 -6.94 6.81
CA PHE A 187 3.07 -8.19 7.53
C PHE A 187 2.00 -7.98 8.60
N ALA A 188 1.75 -6.72 8.93
CA ALA A 188 0.75 -6.37 9.95
C ALA A 188 -0.66 -6.54 9.40
N ILE A 189 -1.04 -7.78 9.19
CA ILE A 189 -2.37 -8.10 8.68
C ILE A 189 -2.75 -9.54 9.04
N GLU A 190 -1.76 -10.42 9.08
CA GLU A 190 -1.98 -11.82 9.43
C GLU A 190 -1.94 -12.00 10.94
N GLY A 191 -1.15 -11.17 11.60
CA GLY A 191 -1.03 -11.26 13.04
C GLY A 191 0.35 -11.71 13.47
N THR A 192 0.96 -12.57 12.66
CA THR A 192 2.28 -13.09 12.95
C THR A 192 3.34 -12.00 12.84
N GLN A 193 4.17 -11.89 13.86
CA GLN A 193 5.23 -10.89 13.89
C GLN A 193 6.39 -11.39 14.75
N THR A 194 7.38 -10.53 14.95
CA THR A 194 8.55 -10.88 15.75
C THR A 194 8.88 -9.75 16.73
N GLY B 1 -34.98 -0.29 53.99
CA GLY B 1 -33.87 0.01 53.11
C GLY B 1 -32.71 -0.95 53.30
N LYS B 2 -31.52 -0.54 52.86
CA LYS B 2 -30.34 -1.37 52.99
C LYS B 2 -29.27 -0.61 53.76
N LYS B 3 -28.77 0.46 53.14
CA LYS B 3 -27.75 1.31 53.74
C LYS B 3 -27.42 2.46 52.80
N GLU B 4 -27.37 3.67 53.34
CA GLU B 4 -27.02 4.84 52.56
C GLU B 4 -25.61 4.65 52.02
N LYS B 5 -25.46 4.65 50.71
CA LYS B 5 -24.18 4.42 50.09
C LYS B 5 -23.79 5.52 49.12
N PRO B 6 -22.94 6.46 49.57
CA PRO B 6 -22.46 7.55 48.74
C PRO B 6 -21.18 7.15 48.01
N GLU B 7 -20.34 8.13 47.69
CA GLU B 7 -19.08 7.85 47.02
C GLU B 7 -18.07 7.24 47.98
N LYS B 8 -18.05 5.91 48.03
CA LYS B 8 -17.15 5.19 48.91
C LYS B 8 -15.75 5.12 48.29
N LYS B 9 -15.69 4.87 46.99
CA LYS B 9 -14.44 4.78 46.27
C LYS B 9 -14.69 4.73 44.78
N VAL B 10 -13.78 5.33 44.01
CA VAL B 10 -13.90 5.35 42.56
C VAL B 10 -13.43 4.02 41.97
N LYS B 11 -13.98 3.65 40.82
CA LYS B 11 -13.60 2.42 40.15
C LYS B 11 -12.30 2.64 39.40
N LYS B 12 -11.46 1.60 39.34
CA LYS B 12 -10.20 1.70 38.64
C LYS B 12 -10.39 1.41 37.16
N SER B 13 -9.88 0.26 36.70
CA SER B 13 -9.98 -0.13 35.30
C SER B 13 -9.12 0.83 34.45
N ASP B 14 -9.44 0.94 33.17
CA ASP B 14 -8.70 1.85 32.30
C ASP B 14 -9.19 3.28 32.54
N CYS B 15 -8.51 4.24 31.94
CA CYS B 15 -8.87 5.64 32.08
C CYS B 15 -10.16 5.95 31.32
N GLY B 16 -10.63 4.97 30.57
CA GLY B 16 -11.85 5.12 29.81
C GLY B 16 -12.06 3.98 28.86
N GLU B 17 -13.24 3.90 28.29
CA GLU B 17 -13.54 2.83 27.34
C GLU B 17 -13.03 3.20 25.95
N TRP B 18 -12.95 2.21 25.07
CA TRP B 18 -12.48 2.43 23.71
C TRP B 18 -13.51 3.18 22.88
N GLN B 19 -13.03 4.06 22.01
CA GLN B 19 -13.90 4.84 21.15
C GLN B 19 -14.34 4.01 19.94
N TRP B 20 -15.64 3.95 19.72
CA TRP B 20 -16.18 3.17 18.61
C TRP B 20 -16.59 4.06 17.44
N SER B 21 -15.79 4.03 16.39
CA SER B 21 -16.07 4.80 15.19
C SER B 21 -16.89 3.95 14.22
N VAL B 22 -17.46 4.60 13.21
CA VAL B 22 -18.27 3.89 12.21
C VAL B 22 -17.42 3.56 10.99
N CYS B 23 -17.81 2.51 10.26
CA CYS B 23 -17.09 2.10 9.08
C CYS B 23 -17.34 3.07 7.92
N VAL B 24 -16.41 4.01 7.72
CA VAL B 24 -16.53 4.97 6.64
C VAL B 24 -15.81 4.45 5.41
N PRO B 25 -16.57 4.07 4.35
CA PRO B 25 -16.01 3.54 3.11
C PRO B 25 -15.16 4.58 2.35
N THR B 26 -14.34 4.09 1.43
CA THR B 26 -13.50 4.97 0.64
C THR B 26 -14.22 5.40 -0.64
N SER B 27 -15.22 4.63 -1.04
CA SER B 27 -15.98 4.92 -2.24
C SER B 27 -17.42 4.46 -2.09
N GLY B 28 -18.33 5.13 -2.78
CA GLY B 28 -19.73 4.76 -2.73
C GLY B 28 -20.00 3.55 -3.60
N ASP B 29 -19.17 3.39 -4.62
CA ASP B 29 -19.27 2.27 -5.55
C ASP B 29 -18.51 1.08 -4.97
N CYS B 30 -18.77 0.81 -3.69
CA CYS B 30 -18.12 -0.27 -2.96
C CYS B 30 -16.64 0.03 -2.74
N GLY B 31 -16.03 -0.67 -1.80
CA GLY B 31 -14.63 -0.47 -1.52
C GLY B 31 -14.28 -0.83 -0.09
N LEU B 32 -13.12 -0.39 0.36
CA LEU B 32 -12.65 -0.67 1.70
C LEU B 32 -13.12 0.44 2.65
N GLY B 33 -13.00 0.18 3.94
CA GLY B 33 -13.40 1.15 4.93
C GLY B 33 -12.41 1.22 6.06
N THR B 34 -12.51 2.22 6.91
CA THR B 34 -11.58 2.37 8.01
C THR B 34 -12.30 2.76 9.31
N ARG B 35 -11.62 2.49 10.42
CA ARG B 35 -12.11 2.81 11.75
C ARG B 35 -10.93 3.20 12.62
N GLU B 36 -11.14 4.09 13.57
CA GLU B 36 -10.06 4.50 14.45
C GLU B 36 -10.57 4.78 15.87
N GLY B 37 -9.91 4.17 16.84
CA GLY B 37 -10.28 4.35 18.22
C GLY B 37 -9.06 4.72 19.04
N THR B 38 -9.20 5.71 19.92
CA THR B 38 -8.09 6.13 20.74
C THR B 38 -8.43 6.06 22.23
N ARG B 39 -7.41 5.82 23.03
CA ARG B 39 -7.57 5.74 24.47
C ARG B 39 -6.60 6.69 25.14
N THR B 40 -7.12 7.53 26.02
CA THR B 40 -6.31 8.51 26.74
C THR B 40 -6.60 8.47 28.24
N GLY B 41 -5.78 9.15 29.02
CA GLY B 41 -5.98 9.17 30.46
C GLY B 41 -4.82 9.82 31.18
N ALA B 42 -4.81 9.67 32.50
CA ALA B 42 -3.74 10.25 33.32
C ALA B 42 -2.49 9.39 33.21
N GLU B 43 -2.62 8.12 33.55
CA GLU B 43 -1.50 7.20 33.48
C GLU B 43 -1.55 6.41 32.17
N CYS B 44 -2.74 6.34 31.59
CA CYS B 44 -2.94 5.65 30.33
C CYS B 44 -2.35 6.46 29.18
N LYS B 45 -1.55 5.80 28.35
CA LYS B 45 -0.91 6.47 27.23
C LYS B 45 -1.85 6.55 26.04
N GLN B 46 -1.54 7.44 25.10
CA GLN B 46 -2.35 7.62 23.91
C GLN B 46 -2.29 6.37 23.02
N THR B 47 -3.22 5.46 23.26
CA THR B 47 -3.28 4.24 22.49
C THR B 47 -4.19 4.41 21.28
N MET B 48 -3.63 4.27 20.09
CA MET B 48 -4.39 4.42 18.86
C MET B 48 -4.58 3.08 18.16
N LYS B 49 -5.80 2.80 17.77
CA LYS B 49 -6.11 1.55 17.07
C LYS B 49 -6.89 1.85 15.80
N THR B 50 -6.30 1.51 14.66
CA THR B 50 -6.94 1.71 13.38
C THR B 50 -7.36 0.37 12.78
N GLN B 51 -8.62 0.27 12.35
CA GLN B 51 -9.14 -0.96 11.77
C GLN B 51 -9.58 -0.72 10.34
N ARG B 52 -9.88 -1.81 9.64
CA ARG B 52 -10.32 -1.74 8.25
C ARG B 52 -11.66 -2.46 8.12
N CYS B 53 -12.60 -1.84 7.43
CA CYS B 53 -13.93 -2.42 7.24
C CYS B 53 -14.13 -2.85 5.79
N LYS B 54 -15.16 -3.65 5.57
CA LYS B 54 -15.49 -4.13 4.23
C LYS B 54 -16.97 -3.88 3.93
N ILE B 55 -17.23 -3.25 2.81
CA ILE B 55 -18.60 -2.96 2.40
C ILE B 55 -19.29 -4.25 1.94
N PRO B 56 -20.58 -4.44 2.29
CA PRO B 56 -21.34 -5.64 1.90
C PRO B 56 -21.67 -5.68 0.41
N CYS B 57 -21.91 -4.51 -0.18
CA CYS B 57 -22.27 -4.39 -1.60
C CYS B 57 -23.62 -5.05 -1.87
N ASN B 58 -24.49 -5.04 -0.87
CA ASN B 58 -25.82 -5.65 -1.00
C ASN B 58 -26.72 -4.77 -1.85
N GLU A 1 -2.91 -17.71 -2.29
CA GLU A 1 -3.53 -18.21 -1.07
C GLU A 1 -3.18 -17.27 0.08
N ASP A 2 -1.88 -17.12 0.32
CA ASP A 2 -1.38 -16.25 1.37
C ASP A 2 -1.60 -14.80 0.97
N SER A 3 -0.79 -14.32 0.03
CA SER A 3 -0.89 -12.95 -0.45
C SER A 3 -0.28 -12.81 -1.85
N ASP A 4 -0.77 -11.83 -2.58
CA ASP A 4 -0.28 -11.51 -3.91
C ASP A 4 0.22 -10.08 -3.90
N ILE A 5 1.54 -9.90 -3.93
CA ILE A 5 2.11 -8.55 -3.90
C ILE A 5 2.61 -8.14 -5.27
N ALA A 6 2.19 -6.98 -5.72
CA ALA A 6 2.61 -6.47 -7.01
C ALA A 6 3.38 -5.17 -6.83
N PHE A 7 4.49 -5.06 -7.54
CA PHE A 7 5.33 -3.87 -7.47
C PHE A 7 5.14 -3.00 -8.70
N LEU A 8 4.89 -1.72 -8.48
CA LEU A 8 4.70 -0.77 -9.57
C LEU A 8 5.81 0.27 -9.57
N ILE A 9 6.76 0.11 -10.47
CA ILE A 9 7.88 1.02 -10.59
C ILE A 9 7.70 1.98 -11.76
N ASP A 10 8.08 3.23 -11.57
CA ASP A 10 7.96 4.24 -12.61
C ASP A 10 9.11 4.11 -13.60
N GLY A 11 8.85 4.44 -14.86
CA GLY A 11 9.87 4.35 -15.88
C GLY A 11 10.06 5.67 -16.61
N SER A 12 9.59 6.74 -15.98
CA SER A 12 9.66 8.10 -16.53
C SER A 12 11.08 8.46 -16.99
N GLY A 13 11.17 9.49 -17.82
CA GLY A 13 12.45 9.94 -18.34
C GLY A 13 13.14 10.93 -17.41
N SER A 14 12.54 11.15 -16.25
CA SER A 14 13.10 12.06 -15.26
C SER A 14 14.13 11.34 -14.40
N ILE A 15 13.85 10.07 -14.11
CA ILE A 15 14.74 9.24 -13.32
C ILE A 15 15.96 8.85 -14.15
N ILE A 16 17.14 8.99 -13.56
CA ILE A 16 18.36 8.64 -14.27
C ILE A 16 18.63 7.13 -14.16
N PRO A 17 19.36 6.56 -15.15
CA PRO A 17 19.69 5.12 -15.17
C PRO A 17 20.31 4.65 -13.85
N HIS A 18 21.11 5.51 -13.25
CA HIS A 18 21.79 5.21 -12.00
C HIS A 18 20.79 5.13 -10.83
N ASP A 19 19.78 6.00 -10.85
CA ASP A 19 18.77 6.02 -9.79
C ASP A 19 17.76 4.92 -10.03
N PHE A 20 17.52 4.61 -11.29
CA PHE A 20 16.61 3.54 -11.67
C PHE A 20 17.17 2.23 -11.14
N ARG A 21 18.50 2.19 -11.02
CA ARG A 21 19.18 1.02 -10.50
C ARG A 21 18.88 0.88 -9.01
N ARG A 22 18.95 2.00 -8.30
CA ARG A 22 18.68 2.02 -6.87
C ARG A 22 17.25 1.58 -6.59
N MET A 23 16.40 1.77 -7.60
CA MET A 23 15.01 1.38 -7.52
C MET A 23 14.88 -0.14 -7.65
N LYS A 24 15.59 -0.71 -8.62
CA LYS A 24 15.55 -2.15 -8.83
C LYS A 24 16.23 -2.88 -7.67
N GLU A 25 17.21 -2.23 -7.04
CA GLU A 25 17.90 -2.80 -5.87
C GLU A 25 16.88 -2.96 -4.76
N PHE A 26 16.07 -1.92 -4.61
CA PHE A 26 15.04 -1.85 -3.59
C PHE A 26 13.99 -2.95 -3.77
N VAL A 27 13.35 -3.00 -4.93
CA VAL A 27 12.30 -3.98 -5.18
C VAL A 27 12.76 -5.43 -5.03
N SER A 28 14.02 -5.72 -5.34
CA SER A 28 14.53 -7.08 -5.21
C SER A 28 14.82 -7.40 -3.74
N THR A 29 15.48 -6.47 -3.06
CA THR A 29 15.80 -6.64 -1.65
C THR A 29 14.52 -6.76 -0.83
N VAL A 30 13.52 -5.97 -1.20
CA VAL A 30 12.23 -6.01 -0.53
C VAL A 30 11.49 -7.29 -0.86
N MET A 31 11.66 -7.76 -2.10
CA MET A 31 11.01 -8.98 -2.55
C MET A 31 11.54 -10.20 -1.78
N GLU A 32 12.84 -10.17 -1.47
CA GLU A 32 13.49 -11.27 -0.74
C GLU A 32 12.92 -11.41 0.67
N GLN A 33 12.91 -10.31 1.41
CA GLN A 33 12.42 -10.31 2.79
C GLN A 33 10.90 -10.52 2.86
N LEU A 34 10.25 -10.55 1.71
CA LEU A 34 8.80 -10.74 1.67
C LEU A 34 8.45 -11.99 0.88
N LYS A 35 9.45 -12.84 0.68
CA LYS A 35 9.28 -14.09 -0.07
C LYS A 35 8.79 -15.22 0.84
N LYS A 36 7.48 -15.42 0.89
CA LYS A 36 6.91 -16.48 1.73
C LYS A 36 6.70 -17.77 0.93
N SER A 37 6.01 -18.74 1.53
CA SER A 37 5.78 -20.03 0.88
C SER A 37 4.51 -20.02 0.00
N LYS A 38 3.68 -19.01 0.17
CA LYS A 38 2.46 -18.91 -0.62
C LYS A 38 2.29 -17.49 -1.13
N THR A 39 3.39 -16.74 -1.13
CA THR A 39 3.38 -15.37 -1.59
C THR A 39 4.09 -15.25 -2.93
N LEU A 40 3.40 -14.70 -3.91
CA LEU A 40 3.96 -14.52 -5.24
C LEU A 40 4.06 -13.03 -5.53
N PHE A 41 4.88 -12.67 -6.51
CA PHE A 41 5.07 -11.28 -6.84
C PHE A 41 4.90 -11.02 -8.32
N SER A 42 4.50 -9.82 -8.64
CA SER A 42 4.32 -9.39 -10.02
C SER A 42 4.82 -7.95 -10.12
N LEU A 43 5.35 -7.58 -11.26
CA LEU A 43 5.86 -6.23 -11.43
C LEU A 43 5.59 -5.70 -12.83
N MET A 44 5.06 -4.49 -12.89
CA MET A 44 4.75 -3.84 -14.15
C MET A 44 5.33 -2.43 -14.16
N GLN A 45 6.09 -2.11 -15.20
CA GLN A 45 6.70 -0.79 -15.33
C GLN A 45 5.78 0.12 -16.12
N TYR A 46 5.83 1.43 -15.86
CA TYR A 46 4.94 2.35 -16.56
C TYR A 46 5.57 3.73 -16.82
N SER A 47 5.15 4.34 -17.93
CA SER A 47 5.57 5.67 -18.34
C SER A 47 4.40 6.28 -19.09
N GLU A 48 4.23 5.86 -20.34
CA GLU A 48 3.07 6.26 -21.13
C GLU A 48 2.46 4.96 -21.61
N GLU A 49 3.34 3.99 -21.73
CA GLU A 49 3.03 2.63 -22.09
C GLU A 49 3.17 1.80 -20.82
N PHE A 50 2.93 0.51 -20.91
CA PHE A 50 3.06 -0.37 -19.76
C PHE A 50 3.72 -1.67 -20.18
N ARG A 51 4.72 -2.08 -19.43
CA ARG A 51 5.43 -3.31 -19.75
C ARG A 51 5.55 -4.21 -18.54
N ILE A 52 4.81 -5.31 -18.56
CA ILE A 52 4.84 -6.29 -17.50
C ILE A 52 6.19 -7.01 -17.55
N HIS A 53 6.81 -7.21 -16.41
CA HIS A 53 8.10 -7.88 -16.39
C HIS A 53 7.97 -9.33 -15.99
N PHE A 54 7.02 -9.61 -15.11
CA PHE A 54 6.76 -10.96 -14.66
C PHE A 54 5.48 -11.01 -13.85
N THR A 55 4.69 -12.05 -14.06
CA THR A 55 3.45 -12.21 -13.34
C THR A 55 3.58 -13.28 -12.27
N PHE A 56 2.58 -13.40 -11.42
CA PHE A 56 2.58 -14.37 -10.34
C PHE A 56 2.78 -15.81 -10.84
N LYS A 57 2.26 -16.12 -12.01
CA LYS A 57 2.37 -17.48 -12.54
C LYS A 57 3.81 -17.90 -12.85
N GLU A 58 4.67 -16.96 -13.25
CA GLU A 58 6.04 -17.32 -13.56
C GLU A 58 6.95 -17.17 -12.35
N PHE A 59 6.56 -16.34 -11.38
CA PHE A 59 7.35 -16.15 -10.18
C PHE A 59 7.29 -17.43 -9.34
N GLN A 60 6.28 -18.23 -9.63
CA GLN A 60 6.09 -19.51 -8.96
C GLN A 60 7.09 -20.51 -9.51
N ASN A 61 7.45 -20.30 -10.77
CA ASN A 61 8.41 -21.17 -11.47
C ASN A 61 9.84 -20.70 -11.16
N ASN A 62 10.00 -19.39 -11.06
CA ASN A 62 11.29 -18.79 -10.75
C ASN A 62 11.13 -17.82 -9.59
N PRO A 63 11.26 -18.33 -8.35
CA PRO A 63 11.12 -17.51 -7.14
C PRO A 63 12.38 -16.73 -6.79
N ASN A 64 13.12 -16.33 -7.81
CA ASN A 64 14.33 -15.54 -7.62
C ASN A 64 14.15 -14.17 -8.27
N PRO A 65 13.85 -13.16 -7.44
CA PRO A 65 13.60 -11.79 -7.92
C PRO A 65 14.83 -11.13 -8.55
N ARG A 66 16.01 -11.53 -8.13
CA ARG A 66 17.23 -10.93 -8.64
C ARG A 66 17.50 -11.32 -10.09
N SER A 67 16.88 -12.40 -10.55
CA SER A 67 17.07 -12.84 -11.93
C SER A 67 15.97 -12.29 -12.84
N LEU A 68 14.91 -11.79 -12.23
CA LEU A 68 13.79 -11.23 -12.99
C LEU A 68 13.81 -9.71 -12.96
N VAL A 69 14.55 -9.16 -12.00
CA VAL A 69 14.64 -7.72 -11.86
C VAL A 69 15.92 -7.18 -12.51
N LYS A 70 16.93 -8.03 -12.66
CA LYS A 70 18.19 -7.62 -13.27
C LYS A 70 17.98 -7.15 -14.73
N PRO A 71 17.32 -7.96 -15.60
CA PRO A 71 17.08 -7.60 -17.02
C PRO A 71 16.03 -6.49 -17.20
N ILE A 72 15.75 -5.74 -16.15
CA ILE A 72 14.76 -4.66 -16.23
C ILE A 72 15.41 -3.35 -16.69
N THR A 73 14.99 -2.88 -17.86
CA THR A 73 15.51 -1.66 -18.46
C THR A 73 14.51 -0.51 -18.27
N GLN A 74 14.92 0.71 -18.64
CA GLN A 74 14.05 1.86 -18.54
C GLN A 74 13.22 2.01 -19.81
N LEU A 75 12.06 2.65 -19.71
CA LEU A 75 11.20 2.82 -20.87
C LEU A 75 11.35 4.22 -21.46
N LEU A 76 11.35 5.23 -20.57
CA LEU A 76 11.53 6.64 -20.96
C LEU A 76 10.26 7.27 -21.53
N GLY A 77 9.76 8.27 -20.82
CA GLY A 77 8.56 8.98 -21.23
C GLY A 77 8.04 9.81 -20.07
N ARG A 78 6.72 9.97 -19.98
CA ARG A 78 6.12 10.74 -18.88
C ARG A 78 5.56 9.79 -17.83
N THR A 79 4.56 10.24 -17.06
CA THR A 79 3.99 9.40 -16.01
C THR A 79 2.55 8.97 -16.34
N HIS A 80 2.23 7.71 -16.07
CA HIS A 80 0.89 7.16 -16.32
C HIS A 80 0.54 6.17 -15.22
N THR A 81 0.64 6.63 -13.98
CA THR A 81 0.36 5.78 -12.83
C THR A 81 -1.14 5.46 -12.69
N ALA A 82 -2.00 6.31 -13.23
CA ALA A 82 -3.44 6.09 -13.13
C ALA A 82 -3.89 4.92 -13.99
N THR A 83 -3.59 4.98 -15.28
CA THR A 83 -3.95 3.92 -16.19
C THR A 83 -3.14 2.66 -15.87
N GLY A 84 -2.01 2.87 -15.21
CA GLY A 84 -1.14 1.76 -14.82
C GLY A 84 -1.74 0.89 -13.74
N ILE A 85 -2.10 1.52 -12.60
CA ILE A 85 -2.70 0.78 -11.48
C ILE A 85 -3.99 0.11 -11.91
N ARG A 86 -4.64 0.70 -12.90
CA ARG A 86 -5.88 0.17 -13.45
C ARG A 86 -5.62 -1.17 -14.12
N LYS A 87 -4.50 -1.27 -14.81
CA LYS A 87 -4.12 -2.48 -15.51
C LYS A 87 -3.71 -3.56 -14.52
N VAL A 88 -3.25 -3.14 -13.35
CA VAL A 88 -2.82 -4.08 -12.33
C VAL A 88 -4.02 -4.83 -11.77
N VAL A 89 -5.10 -4.12 -11.53
CA VAL A 89 -6.31 -4.71 -10.97
C VAL A 89 -7.06 -5.57 -12.00
N ARG A 90 -6.75 -5.39 -13.28
CA ARG A 90 -7.45 -6.16 -14.31
C ARG A 90 -6.55 -7.21 -14.98
N GLU A 91 -5.25 -6.98 -15.00
CA GLU A 91 -4.33 -7.92 -15.65
C GLU A 91 -3.33 -8.56 -14.69
N LEU A 92 -2.58 -7.75 -13.95
CA LEU A 92 -1.59 -8.30 -13.01
C LEU A 92 -2.27 -9.18 -11.99
N PHE A 93 -3.39 -8.71 -11.47
CA PHE A 93 -4.14 -9.45 -10.47
C PHE A 93 -5.19 -10.36 -11.11
N ASN A 94 -4.91 -10.83 -12.32
CA ASN A 94 -5.83 -11.71 -13.02
C ASN A 94 -5.48 -13.17 -12.73
N ILE A 95 -6.51 -13.98 -12.53
CA ILE A 95 -6.34 -15.40 -12.24
C ILE A 95 -5.48 -16.11 -13.27
N THR A 96 -5.73 -15.81 -14.54
CA THR A 96 -5.00 -16.41 -15.65
C THR A 96 -3.54 -15.94 -15.70
N ASN A 97 -3.19 -14.97 -14.86
CA ASN A 97 -1.83 -14.45 -14.83
C ASN A 97 -1.10 -14.94 -13.59
N GLY A 98 -1.72 -15.89 -12.90
CA GLY A 98 -1.10 -16.45 -11.71
C GLY A 98 -1.66 -15.90 -10.42
N ALA A 99 -2.52 -14.89 -10.53
CA ALA A 99 -3.11 -14.28 -9.35
C ALA A 99 -4.14 -15.23 -8.74
N ARG A 100 -4.04 -15.42 -7.45
CA ARG A 100 -4.94 -16.32 -6.74
C ARG A 100 -6.15 -15.55 -6.21
N LYS A 101 -7.23 -16.26 -5.93
CA LYS A 101 -8.43 -15.64 -5.40
C LYS A 101 -8.51 -15.91 -3.91
N ASN A 102 -9.14 -14.98 -3.18
CA ASN A 102 -9.31 -15.07 -1.72
C ASN A 102 -8.00 -14.73 -1.00
N ALA A 103 -6.94 -14.54 -1.78
CA ALA A 103 -5.63 -14.21 -1.24
C ALA A 103 -5.50 -12.70 -1.07
N PHE A 104 -4.73 -12.29 -0.06
CA PHE A 104 -4.52 -10.88 0.23
C PHE A 104 -3.69 -10.21 -0.86
N LYS A 105 -4.29 -9.26 -1.57
CA LYS A 105 -3.59 -8.55 -2.63
C LYS A 105 -3.15 -7.17 -2.17
N ILE A 106 -1.85 -6.95 -2.18
CA ILE A 106 -1.28 -5.67 -1.77
C ILE A 106 -0.49 -5.07 -2.94
N LEU A 107 -0.66 -3.77 -3.14
CA LEU A 107 0.00 -3.08 -4.24
C LEU A 107 0.89 -1.95 -3.74
N VAL A 108 2.09 -1.86 -4.30
CA VAL A 108 3.04 -0.81 -3.92
C VAL A 108 3.42 0.00 -5.17
N VAL A 109 3.42 1.31 -5.05
CA VAL A 109 3.76 2.19 -6.17
C VAL A 109 4.94 3.10 -5.83
N ILE A 110 5.89 3.17 -6.74
CA ILE A 110 7.07 4.01 -6.57
C ILE A 110 7.21 4.96 -7.75
N THR A 111 6.92 6.24 -7.52
CA THR A 111 6.99 7.24 -8.58
C THR A 111 7.88 8.41 -8.15
N ASP A 112 8.25 9.27 -9.11
CA ASP A 112 9.13 10.40 -8.83
C ASP A 112 8.46 11.74 -9.17
N GLY A 113 7.43 11.70 -9.99
CA GLY A 113 6.76 12.93 -10.38
C GLY A 113 5.26 12.80 -10.46
N GLU A 114 4.59 13.93 -10.42
CA GLU A 114 3.13 13.98 -10.48
C GLU A 114 2.63 13.47 -11.83
N LYS A 115 1.47 12.82 -11.80
CA LYS A 115 0.84 12.24 -12.99
C LYS A 115 0.61 13.28 -14.10
N PHE A 116 1.44 13.23 -15.14
CA PHE A 116 1.34 14.16 -16.25
C PHE A 116 1.14 13.45 -17.59
N GLY A 117 0.04 13.78 -18.28
CA GLY A 117 -0.22 13.20 -19.59
C GLY A 117 -1.08 11.96 -19.54
N ASP A 118 -1.59 11.63 -18.35
CA ASP A 118 -2.45 10.47 -18.20
C ASP A 118 -3.89 10.84 -18.49
N PRO A 119 -4.51 10.20 -19.51
CA PRO A 119 -5.90 10.49 -19.90
C PRO A 119 -6.88 10.00 -18.85
N LEU A 120 -6.42 9.11 -17.99
CA LEU A 120 -7.26 8.58 -16.93
C LEU A 120 -6.88 9.22 -15.61
N GLY A 121 -7.85 9.32 -14.72
CA GLY A 121 -7.60 9.90 -13.42
C GLY A 121 -7.54 8.85 -12.32
N TYR A 122 -7.72 9.27 -11.08
CA TYR A 122 -7.67 8.34 -9.97
C TYR A 122 -9.09 7.94 -9.62
N GLU A 123 -10.00 8.85 -9.86
CA GLU A 123 -11.43 8.67 -9.60
C GLU A 123 -12.04 7.57 -10.47
N ASP A 124 -11.39 7.26 -11.58
CA ASP A 124 -11.86 6.22 -12.48
C ASP A 124 -11.03 4.94 -12.32
N VAL A 125 -10.08 4.95 -11.37
CA VAL A 125 -9.21 3.79 -11.13
C VAL A 125 -9.18 3.37 -9.65
N ILE A 126 -8.91 4.31 -8.77
CA ILE A 126 -8.85 4.04 -7.33
C ILE A 126 -10.12 3.35 -6.83
N PRO A 127 -11.34 3.90 -7.14
CA PRO A 127 -12.60 3.26 -6.73
C PRO A 127 -12.71 1.81 -7.22
N GLU A 128 -11.92 1.48 -8.24
CA GLU A 128 -11.92 0.14 -8.81
C GLU A 128 -11.11 -0.80 -7.92
N ALA A 129 -9.90 -0.38 -7.57
CA ALA A 129 -9.01 -1.18 -6.72
C ALA A 129 -9.63 -1.41 -5.34
N ASP A 130 -10.32 -0.41 -4.84
CA ASP A 130 -10.95 -0.50 -3.53
C ASP A 130 -12.07 -1.53 -3.53
N ARG A 131 -12.69 -1.72 -4.70
CA ARG A 131 -13.78 -2.68 -4.85
C ARG A 131 -13.32 -4.11 -4.62
N GLU A 132 -12.18 -4.48 -5.20
CA GLU A 132 -11.63 -5.83 -5.06
C GLU A 132 -11.00 -6.02 -3.68
N GLY A 133 -10.89 -4.94 -2.92
CA GLY A 133 -10.30 -5.01 -1.60
C GLY A 133 -8.79 -5.01 -1.64
N VAL A 134 -8.22 -4.32 -2.61
CA VAL A 134 -6.77 -4.26 -2.74
C VAL A 134 -6.18 -3.19 -1.83
N ILE A 135 -5.23 -3.59 -1.00
CA ILE A 135 -4.57 -2.66 -0.10
C ILE A 135 -3.37 -2.05 -0.82
N ARG A 136 -3.29 -0.72 -0.85
CA ARG A 136 -2.21 -0.05 -1.56
C ARG A 136 -1.27 0.72 -0.63
N TYR A 137 -0.02 0.82 -1.07
CA TYR A 137 1.02 1.56 -0.38
C TYR A 137 1.78 2.37 -1.43
N VAL A 138 2.00 3.65 -1.17
CA VAL A 138 2.68 4.49 -2.14
C VAL A 138 3.94 5.13 -1.54
N ILE A 139 4.98 5.23 -2.35
CA ILE A 139 6.23 5.84 -1.92
C ILE A 139 6.57 7.03 -2.82
N GLY A 140 6.60 8.21 -2.24
CA GLY A 140 6.92 9.40 -2.99
C GLY A 140 8.42 9.62 -3.01
N VAL A 141 8.99 9.90 -4.19
CA VAL A 141 10.43 10.10 -4.32
C VAL A 141 10.76 11.32 -5.18
N GLY A 142 11.20 12.42 -4.57
CA GLY A 142 11.58 13.58 -5.35
C GLY A 142 10.88 14.87 -4.96
N ASP A 143 11.33 15.97 -5.57
CA ASP A 143 10.79 17.31 -5.34
C ASP A 143 9.29 17.38 -5.60
N ALA A 144 8.83 16.48 -6.46
CA ALA A 144 7.41 16.43 -6.84
C ALA A 144 6.49 16.17 -5.66
N PHE A 145 7.00 15.62 -4.56
CA PHE A 145 6.15 15.31 -3.43
C PHE A 145 6.55 16.10 -2.18
N ARG A 146 7.07 17.30 -2.38
CA ARG A 146 7.49 18.14 -1.26
C ARG A 146 6.37 19.10 -0.84
N SER A 147 5.33 19.17 -1.65
CA SER A 147 4.21 20.04 -1.35
C SER A 147 3.00 19.23 -0.94
N GLU A 148 2.26 19.72 0.06
CA GLU A 148 1.07 19.03 0.54
C GLU A 148 0.05 18.88 -0.59
N LYS A 149 0.10 19.81 -1.54
CA LYS A 149 -0.81 19.76 -2.68
C LYS A 149 -0.55 18.50 -3.51
N SER A 150 0.72 18.08 -3.53
CA SER A 150 1.14 16.90 -4.28
C SER A 150 0.94 15.65 -3.43
N ARG A 151 1.11 15.82 -2.13
CA ARG A 151 0.96 14.73 -1.18
C ARG A 151 -0.45 14.16 -1.21
N GLN A 152 -1.42 15.00 -1.58
CA GLN A 152 -2.82 14.59 -1.65
C GLN A 152 -3.02 13.46 -2.65
N GLU A 153 -2.31 13.54 -3.78
CA GLU A 153 -2.42 12.52 -4.81
C GLU A 153 -1.92 11.18 -4.29
N LEU A 154 -0.91 11.23 -3.41
CA LEU A 154 -0.36 10.02 -2.83
C LEU A 154 -1.38 9.39 -1.91
N ASN A 155 -2.13 10.25 -1.22
CA ASN A 155 -3.18 9.81 -0.30
C ASN A 155 -4.35 9.22 -1.07
N THR A 156 -4.33 9.43 -2.39
CA THR A 156 -5.36 8.91 -3.26
C THR A 156 -4.93 7.55 -3.83
N ILE A 157 -3.64 7.42 -4.11
CA ILE A 157 -3.08 6.18 -4.64
C ILE A 157 -3.07 5.09 -3.58
N ALA A 158 -2.77 5.48 -2.35
CA ALA A 158 -2.72 4.54 -1.24
C ALA A 158 -4.07 4.44 -0.54
N SER A 159 -4.22 3.42 0.29
CA SER A 159 -5.45 3.22 1.02
C SER A 159 -5.41 3.96 2.36
N LYS A 160 -6.57 4.35 2.88
CA LYS A 160 -6.63 5.07 4.14
C LYS A 160 -6.47 4.11 5.31
N PRO A 161 -5.93 4.59 6.44
CA PRO A 161 -5.46 5.98 6.59
C PRO A 161 -4.15 6.24 5.85
N PRO A 162 -3.99 7.47 5.29
CA PRO A 162 -2.78 7.85 4.55
C PRO A 162 -1.53 7.77 5.44
N ARG A 163 -1.71 8.07 6.72
CA ARG A 163 -0.62 8.03 7.70
C ARG A 163 -0.25 6.58 8.04
N ASP A 164 -0.67 5.66 7.19
CA ASP A 164 -0.43 4.25 7.40
C ASP A 164 -0.08 3.56 6.08
N HIS A 165 -0.20 4.29 4.97
CA HIS A 165 0.08 3.72 3.64
C HIS A 165 0.82 4.66 2.72
N VAL A 166 1.10 5.89 3.17
CA VAL A 166 1.80 6.87 2.33
C VAL A 166 3.20 7.15 2.87
N PHE A 167 4.20 6.71 2.13
CA PHE A 167 5.59 6.92 2.51
C PHE A 167 6.20 8.01 1.63
N GLN A 168 7.17 8.73 2.18
CA GLN A 168 7.81 9.82 1.45
C GLN A 168 9.33 9.74 1.62
N VAL A 169 10.04 9.90 0.53
CA VAL A 169 11.49 9.86 0.55
C VAL A 169 12.08 10.98 -0.32
N ASN A 170 13.25 11.48 0.04
CA ASN A 170 13.88 12.57 -0.69
C ASN A 170 14.73 12.09 -1.87
N ASN A 171 15.24 10.87 -1.78
CA ASN A 171 16.08 10.33 -2.85
C ASN A 171 15.94 8.81 -2.93
N PHE A 172 16.26 8.25 -4.10
CA PHE A 172 16.16 6.81 -4.34
C PHE A 172 17.09 6.00 -3.44
N GLU A 173 18.15 6.63 -2.94
CA GLU A 173 19.11 5.95 -2.08
C GLU A 173 18.49 5.68 -0.71
N ALA A 174 17.82 6.68 -0.15
CA ALA A 174 17.19 6.57 1.16
C ALA A 174 16.01 5.61 1.16
N LEU A 175 15.74 4.97 0.02
CA LEU A 175 14.65 4.01 -0.06
C LEU A 175 14.99 2.80 0.80
N LYS A 176 16.30 2.58 0.98
CA LYS A 176 16.82 1.49 1.77
C LYS A 176 16.39 1.62 3.24
N THR A 177 16.18 2.85 3.66
CA THR A 177 15.81 3.13 5.04
C THR A 177 14.33 2.83 5.30
N ILE A 178 13.49 2.94 4.27
CA ILE A 178 12.06 2.71 4.44
C ILE A 178 11.69 1.24 4.21
N GLN A 179 12.68 0.42 3.90
CA GLN A 179 12.46 -1.01 3.67
C GLN A 179 11.93 -1.69 4.94
N ASN A 180 12.42 -1.21 6.09
CA ASN A 180 12.04 -1.79 7.39
C ASN A 180 10.56 -1.60 7.68
N GLN A 181 10.11 -0.35 7.71
CA GLN A 181 8.70 -0.04 8.00
C GLN A 181 7.79 -0.71 6.97
N LEU A 182 8.19 -0.70 5.71
CA LEU A 182 7.40 -1.30 4.66
C LEU A 182 7.19 -2.79 4.92
N ARG A 183 8.25 -3.47 5.37
CA ARG A 183 8.20 -4.89 5.67
C ARG A 183 7.24 -5.19 6.84
N GLU A 184 7.35 -4.40 7.89
CA GLU A 184 6.49 -4.58 9.06
C GLU A 184 5.02 -4.29 8.74
N LYS A 185 4.79 -3.20 8.02
CA LYS A 185 3.43 -2.79 7.67
C LYS A 185 2.81 -3.68 6.61
N ILE A 186 3.62 -4.46 5.91
CA ILE A 186 3.10 -5.35 4.89
C ILE A 186 2.85 -6.75 5.48
N PHE A 187 3.28 -6.95 6.72
CA PHE A 187 3.08 -8.21 7.40
C PHE A 187 1.98 -8.07 8.45
N ALA A 188 1.66 -6.82 8.80
CA ALA A 188 0.62 -6.55 9.79
C ALA A 188 -0.75 -6.59 9.13
N ILE A 189 -1.39 -7.75 9.19
CA ILE A 189 -2.71 -7.94 8.59
C ILE A 189 -3.82 -7.40 9.50
N GLU A 190 -3.44 -6.90 10.67
CA GLU A 190 -4.39 -6.34 11.63
C GLU A 190 -4.38 -4.81 11.54
N GLY A 191 -4.97 -4.16 12.53
CA GLY A 191 -5.01 -2.72 12.55
C GLY A 191 -3.78 -2.16 13.24
N THR A 192 -2.90 -1.57 12.45
CA THR A 192 -1.66 -0.99 12.96
C THR A 192 -1.93 0.01 14.07
N GLN A 193 -1.09 -0.05 15.11
CA GLN A 193 -1.22 0.87 16.24
C GLN A 193 -0.25 2.03 16.08
N THR A 194 -0.69 3.22 16.48
CA THR A 194 0.14 4.40 16.39
C THR A 194 0.31 5.06 17.76
N GLY B 1 -34.41 -10.00 53.67
CA GLY B 1 -33.45 -9.37 52.78
C GLY B 1 -32.07 -9.99 52.92
N LYS B 2 -31.05 -9.18 52.67
CA LYS B 2 -29.67 -9.64 52.77
C LYS B 2 -28.86 -8.66 53.60
N LYS B 3 -28.66 -7.47 53.06
CA LYS B 3 -27.91 -6.41 53.71
C LYS B 3 -27.89 -5.17 52.83
N GLU B 4 -28.23 -4.03 53.40
CA GLU B 4 -28.20 -2.77 52.67
C GLU B 4 -26.79 -2.53 52.17
N LYS B 5 -26.64 -2.38 50.86
CA LYS B 5 -25.33 -2.21 50.26
C LYS B 5 -25.25 -0.96 49.37
N PRO B 6 -24.72 0.14 49.91
CA PRO B 6 -24.56 1.37 49.15
C PRO B 6 -23.19 1.40 48.46
N GLU B 7 -22.71 2.59 48.11
CA GLU B 7 -21.42 2.73 47.45
C GLU B 7 -20.29 2.36 48.41
N LYS B 8 -19.89 1.10 48.39
CA LYS B 8 -18.82 0.61 49.23
C LYS B 8 -17.45 0.95 48.64
N LYS B 9 -17.35 0.86 47.33
CA LYS B 9 -16.11 1.15 46.63
C LYS B 9 -16.32 1.10 45.11
N VAL B 10 -15.67 2.01 44.40
CA VAL B 10 -15.78 2.07 42.95
C VAL B 10 -14.96 0.94 42.31
N LYS B 11 -15.39 0.49 41.14
CA LYS B 11 -14.67 -0.57 40.43
C LYS B 11 -13.47 0.04 39.72
N LYS B 12 -12.39 -0.73 39.61
CA LYS B 12 -11.19 -0.24 38.95
C LYS B 12 -11.28 -0.48 37.44
N SER B 13 -10.40 -1.34 36.92
CA SER B 13 -10.37 -1.64 35.48
C SER B 13 -9.85 -0.42 34.71
N ASP B 14 -10.19 -0.32 33.44
CA ASP B 14 -9.77 0.80 32.62
C ASP B 14 -10.62 2.03 32.95
N CYS B 15 -10.31 3.15 32.32
CA CYS B 15 -11.03 4.39 32.54
C CYS B 15 -12.33 4.40 31.72
N GLY B 16 -12.62 3.26 31.11
CA GLY B 16 -13.81 3.11 30.31
C GLY B 16 -13.66 2.01 29.29
N GLU B 17 -14.76 1.60 28.68
CA GLU B 17 -14.71 0.55 27.67
C GLU B 17 -14.31 1.14 26.32
N TRP B 18 -13.96 0.29 25.37
CA TRP B 18 -13.56 0.74 24.05
C TRP B 18 -14.76 1.20 23.23
N GLN B 19 -14.55 2.23 22.42
CA GLN B 19 -15.61 2.76 21.57
C GLN B 19 -15.77 1.90 20.33
N TRP B 20 -17.00 1.50 20.05
CA TRP B 20 -17.26 0.65 18.89
C TRP B 20 -17.90 1.45 17.76
N SER B 21 -17.12 1.68 16.72
CA SER B 21 -17.60 2.41 15.56
C SER B 21 -18.20 1.43 14.55
N VAL B 22 -18.91 1.94 13.56
CA VAL B 22 -19.51 1.11 12.54
C VAL B 22 -18.61 1.05 11.31
N CYS B 23 -18.75 0.01 10.50
CA CYS B 23 -17.94 -0.14 9.30
C CYS B 23 -18.43 0.78 8.18
N VAL B 24 -17.82 1.95 8.08
CA VAL B 24 -18.19 2.89 7.04
C VAL B 24 -17.37 2.62 5.78
N PRO B 25 -18.05 2.19 4.69
CA PRO B 25 -17.38 1.91 3.42
C PRO B 25 -16.92 3.19 2.73
N THR B 26 -15.78 3.10 2.05
CA THR B 26 -15.23 4.26 1.35
C THR B 26 -15.97 4.50 0.03
N SER B 27 -16.74 3.50 -0.38
CA SER B 27 -17.50 3.60 -1.62
C SER B 27 -18.81 2.84 -1.48
N GLY B 28 -19.87 3.38 -2.06
CA GLY B 28 -21.17 2.73 -2.01
C GLY B 28 -21.19 1.52 -2.92
N ASP B 29 -20.48 1.62 -4.03
CA ASP B 29 -20.40 0.55 -5.01
C ASP B 29 -19.27 -0.40 -4.61
N CYS B 30 -19.40 -0.97 -3.41
CA CYS B 30 -18.41 -1.88 -2.85
C CYS B 30 -17.08 -1.17 -2.56
N GLY B 31 -16.26 -1.77 -1.72
CA GLY B 31 -14.98 -1.17 -1.38
C GLY B 31 -14.55 -1.48 0.03
N LEU B 32 -13.39 -0.97 0.41
CA LEU B 32 -12.85 -1.18 1.75
C LEU B 32 -13.45 -0.17 2.72
N GLY B 33 -13.42 -0.51 4.00
CA GLY B 33 -13.95 0.37 5.02
C GLY B 33 -12.96 0.59 6.14
N THR B 34 -13.26 1.51 7.05
CA THR B 34 -12.37 1.80 8.16
C THR B 34 -13.15 1.96 9.46
N ARG B 35 -12.47 1.76 10.58
CA ARG B 35 -13.08 1.88 11.90
C ARG B 35 -12.11 2.56 12.85
N GLU B 36 -12.65 3.24 13.85
CA GLU B 36 -11.81 3.93 14.82
C GLU B 36 -12.34 3.71 16.24
N GLY B 37 -11.42 3.63 17.18
CA GLY B 37 -11.78 3.45 18.58
C GLY B 37 -10.77 4.15 19.47
N THR B 38 -11.25 4.94 20.42
CA THR B 38 -10.35 5.67 21.31
C THR B 38 -10.67 5.41 22.78
N ARG B 39 -9.63 5.43 23.60
CA ARG B 39 -9.78 5.23 25.03
C ARG B 39 -9.11 6.38 25.78
N THR B 40 -9.86 7.05 26.64
CA THR B 40 -9.36 8.17 27.42
C THR B 40 -9.64 7.98 28.90
N GLY B 41 -9.07 8.83 29.73
CA GLY B 41 -9.30 8.73 31.16
C GLY B 41 -8.37 9.61 31.95
N ALA B 42 -8.29 9.36 33.25
CA ALA B 42 -7.41 10.14 34.13
C ALA B 42 -5.97 9.68 33.97
N GLU B 43 -5.71 8.43 34.34
CA GLU B 43 -4.37 7.88 34.22
C GLU B 43 -4.21 7.19 32.87
N CYS B 44 -5.32 6.73 32.31
CA CYS B 44 -5.32 6.09 31.01
C CYS B 44 -5.00 7.11 29.93
N LYS B 45 -4.03 6.78 29.07
CA LYS B 45 -3.63 7.68 28.01
C LYS B 45 -4.55 7.54 26.80
N GLN B 46 -4.52 8.55 25.92
CA GLN B 46 -5.34 8.56 24.72
C GLN B 46 -4.92 7.45 23.78
N THR B 47 -5.54 6.29 23.94
CA THR B 47 -5.23 5.15 23.10
C THR B 47 -6.14 5.13 21.88
N MET B 48 -5.54 5.04 20.71
CA MET B 48 -6.30 5.01 19.47
C MET B 48 -6.25 3.64 18.82
N LYS B 49 -6.99 3.47 17.74
CA LYS B 49 -7.03 2.22 17.00
C LYS B 49 -7.81 2.42 15.71
N THR B 50 -7.18 2.14 14.58
CA THR B 50 -7.81 2.27 13.29
C THR B 50 -7.86 0.90 12.59
N GLN B 51 -9.06 0.33 12.53
CA GLN B 51 -9.24 -0.97 11.91
C GLN B 51 -9.73 -0.81 10.48
N ARG B 52 -9.84 -1.92 9.76
CA ARG B 52 -10.30 -1.91 8.38
C ARG B 52 -11.43 -2.90 8.21
N CYS B 53 -12.46 -2.51 7.46
CA CYS B 53 -13.62 -3.36 7.22
C CYS B 53 -13.69 -3.77 5.76
N LYS B 54 -14.41 -4.85 5.49
CA LYS B 54 -14.58 -5.34 4.13
C LYS B 54 -16.05 -5.51 3.81
N ILE B 55 -16.48 -4.92 2.69
CA ILE B 55 -17.86 -5.00 2.26
C ILE B 55 -18.16 -6.40 1.70
N PRO B 56 -19.35 -6.96 1.97
CA PRO B 56 -19.73 -8.29 1.48
C PRO B 56 -20.08 -8.30 -0.02
N CYS B 57 -20.63 -7.20 -0.51
CA CYS B 57 -21.04 -7.07 -1.92
C CYS B 57 -22.15 -8.06 -2.28
N ASN B 58 -23.02 -8.34 -1.30
CA ASN B 58 -24.12 -9.27 -1.53
C ASN B 58 -25.16 -8.65 -2.46
N GLU A 1 -3.05 -17.84 -2.52
CA GLU A 1 -3.71 -18.36 -1.34
C GLU A 1 -3.45 -17.45 -0.15
N ASP A 2 -2.17 -17.19 0.10
CA ASP A 2 -1.74 -16.33 1.18
C ASP A 2 -1.90 -14.87 0.78
N SER A 3 -0.98 -14.37 -0.03
CA SER A 3 -1.03 -12.98 -0.48
C SER A 3 -0.38 -12.83 -1.86
N ASP A 4 -0.87 -11.85 -2.59
CA ASP A 4 -0.36 -11.52 -3.92
C ASP A 4 0.14 -10.09 -3.87
N ILE A 5 1.45 -9.90 -3.95
CA ILE A 5 2.01 -8.56 -3.89
C ILE A 5 2.54 -8.13 -5.25
N ALA A 6 2.09 -6.98 -5.72
CA ALA A 6 2.51 -6.46 -7.00
C ALA A 6 3.27 -5.16 -6.81
N PHE A 7 4.39 -5.04 -7.51
CA PHE A 7 5.23 -3.85 -7.43
C PHE A 7 5.03 -2.99 -8.68
N LEU A 8 4.78 -1.71 -8.47
CA LEU A 8 4.59 -0.77 -9.57
C LEU A 8 5.68 0.28 -9.56
N ILE A 9 6.64 0.11 -10.46
CA ILE A 9 7.76 1.04 -10.55
C ILE A 9 7.59 1.99 -11.74
N ASP A 10 7.96 3.25 -11.54
CA ASP A 10 7.87 4.26 -12.58
C ASP A 10 9.05 4.15 -13.53
N GLY A 11 8.81 4.45 -14.79
CA GLY A 11 9.85 4.38 -15.79
C GLY A 11 10.03 5.70 -16.52
N SER A 12 9.54 6.76 -15.89
CA SER A 12 9.61 8.12 -16.43
C SER A 12 11.05 8.50 -16.86
N GLY A 13 11.14 9.54 -17.69
CA GLY A 13 12.43 9.98 -18.18
C GLY A 13 13.12 10.95 -17.23
N SER A 14 12.50 11.21 -16.09
CA SER A 14 13.07 12.11 -15.11
C SER A 14 14.09 11.38 -14.25
N ILE A 15 13.81 10.10 -14.00
CA ILE A 15 14.70 9.26 -13.20
C ILE A 15 15.93 8.88 -14.02
N ILE A 16 17.11 9.05 -13.43
CA ILE A 16 18.34 8.71 -14.13
C ILE A 16 18.63 7.21 -14.01
N PRO A 17 19.33 6.64 -15.00
CA PRO A 17 19.67 5.20 -15.00
C PRO A 17 20.31 4.73 -13.69
N HIS A 18 21.12 5.60 -13.10
CA HIS A 18 21.80 5.27 -11.84
C HIS A 18 20.81 5.19 -10.68
N ASP A 19 19.79 6.05 -10.71
CA ASP A 19 18.78 6.06 -9.66
C ASP A 19 17.75 4.97 -9.90
N PHE A 20 17.52 4.68 -11.17
CA PHE A 20 16.59 3.61 -11.54
C PHE A 20 17.13 2.29 -11.02
N ARG A 21 18.46 2.24 -10.88
CA ARG A 21 19.13 1.06 -10.37
C ARG A 21 18.82 0.92 -8.88
N ARG A 22 18.88 2.03 -8.17
CA ARG A 22 18.60 2.03 -6.73
C ARG A 22 17.17 1.56 -6.49
N MET A 23 16.31 1.80 -7.46
CA MET A 23 14.92 1.40 -7.39
C MET A 23 14.79 -0.11 -7.53
N LYS A 24 15.52 -0.69 -8.49
CA LYS A 24 15.47 -2.12 -8.70
C LYS A 24 16.15 -2.86 -7.54
N GLU A 25 17.11 -2.19 -6.90
CA GLU A 25 17.80 -2.76 -5.74
C GLU A 25 16.81 -2.88 -4.60
N PHE A 26 15.96 -1.86 -4.51
CA PHE A 26 14.95 -1.78 -3.48
C PHE A 26 13.91 -2.87 -3.63
N VAL A 27 13.26 -2.92 -4.79
CA VAL A 27 12.22 -3.90 -5.04
C VAL A 27 12.72 -5.35 -4.88
N SER A 28 13.97 -5.62 -5.24
CA SER A 28 14.50 -6.97 -5.13
C SER A 28 14.77 -7.33 -3.68
N THR A 29 15.39 -6.40 -2.95
CA THR A 29 15.70 -6.62 -1.55
C THR A 29 14.40 -6.75 -0.74
N VAL A 30 13.41 -5.96 -1.11
CA VAL A 30 12.12 -5.99 -0.44
C VAL A 30 11.40 -7.29 -0.78
N MET A 31 11.54 -7.74 -2.03
CA MET A 31 10.91 -8.96 -2.48
C MET A 31 11.45 -10.17 -1.73
N GLU A 32 12.75 -10.14 -1.41
CA GLU A 32 13.39 -11.23 -0.69
C GLU A 32 12.84 -11.38 0.72
N GLN A 33 12.82 -10.29 1.48
CA GLN A 33 12.35 -10.32 2.85
C GLN A 33 10.84 -10.56 2.93
N LEU A 34 10.18 -10.57 1.79
CA LEU A 34 8.73 -10.79 1.75
C LEU A 34 8.41 -12.06 0.96
N LYS A 35 9.41 -12.88 0.72
CA LYS A 35 9.24 -14.12 -0.03
C LYS A 35 8.78 -15.26 0.88
N LYS A 36 7.48 -15.52 0.90
CA LYS A 36 6.93 -16.58 1.73
C LYS A 36 6.69 -17.86 0.93
N SER A 37 5.95 -18.80 1.51
CA SER A 37 5.67 -20.09 0.87
C SER A 37 4.43 -20.03 -0.03
N LYS A 38 3.58 -19.04 0.19
CA LYS A 38 2.36 -18.91 -0.61
C LYS A 38 2.21 -17.49 -1.14
N THR A 39 3.30 -16.76 -1.14
CA THR A 39 3.29 -15.38 -1.61
C THR A 39 4.00 -15.28 -2.96
N LEU A 40 3.31 -14.70 -3.92
CA LEU A 40 3.87 -14.51 -5.25
C LEU A 40 3.96 -13.03 -5.53
N PHE A 41 4.81 -12.68 -6.49
CA PHE A 41 5.00 -11.27 -6.81
C PHE A 41 4.84 -11.01 -8.30
N SER A 42 4.44 -9.81 -8.63
CA SER A 42 4.28 -9.38 -10.00
C SER A 42 4.76 -7.95 -10.09
N LEU A 43 5.29 -7.56 -11.24
CA LEU A 43 5.81 -6.22 -11.39
C LEU A 43 5.53 -5.67 -12.79
N MET A 44 5.02 -4.45 -12.83
CA MET A 44 4.72 -3.79 -14.09
C MET A 44 5.32 -2.39 -14.08
N GLN A 45 6.04 -2.05 -15.14
CA GLN A 45 6.66 -0.74 -15.26
C GLN A 45 5.76 0.16 -16.07
N TYR A 46 5.79 1.47 -15.80
CA TYR A 46 4.93 2.39 -16.52
C TYR A 46 5.57 3.76 -16.75
N SER A 47 5.15 4.37 -17.85
CA SER A 47 5.57 5.71 -18.24
C SER A 47 4.40 6.31 -19.01
N GLU A 48 4.27 5.93 -20.27
CA GLU A 48 3.10 6.30 -21.06
C GLU A 48 2.52 5.01 -21.56
N GLU A 49 3.40 4.02 -21.67
CA GLU A 49 3.07 2.67 -22.03
C GLU A 49 3.20 1.83 -20.78
N PHE A 50 2.95 0.53 -20.88
CA PHE A 50 3.06 -0.34 -19.72
C PHE A 50 3.73 -1.64 -20.14
N ARG A 51 4.72 -2.05 -19.38
CA ARG A 51 5.45 -3.27 -19.69
C ARG A 51 5.55 -4.18 -18.47
N ILE A 52 4.82 -5.29 -18.53
CA ILE A 52 4.85 -6.27 -17.46
C ILE A 52 6.20 -6.98 -17.50
N HIS A 53 6.81 -7.18 -16.36
CA HIS A 53 8.10 -7.84 -16.34
C HIS A 53 7.97 -9.30 -15.94
N PHE A 54 7.00 -9.58 -15.08
CA PHE A 54 6.73 -10.92 -14.62
C PHE A 54 5.43 -10.96 -13.85
N THR A 55 4.67 -12.02 -14.02
CA THR A 55 3.42 -12.17 -13.31
C THR A 55 3.55 -13.24 -12.23
N PHE A 56 2.52 -13.39 -11.43
CA PHE A 56 2.53 -14.36 -10.33
C PHE A 56 2.75 -15.79 -10.82
N LYS A 57 2.24 -16.10 -12.02
CA LYS A 57 2.37 -17.46 -12.55
C LYS A 57 3.81 -17.86 -12.83
N GLU A 58 4.65 -16.91 -13.25
CA GLU A 58 6.04 -17.26 -13.56
C GLU A 58 6.94 -17.11 -12.33
N PHE A 59 6.51 -16.29 -11.36
CA PHE A 59 7.30 -16.11 -10.15
C PHE A 59 7.24 -17.39 -9.33
N GLN A 60 6.23 -18.19 -9.61
CA GLN A 60 6.05 -19.46 -8.94
C GLN A 60 7.06 -20.46 -9.49
N ASN A 61 7.41 -20.26 -10.75
CA ASN A 61 8.38 -21.12 -11.44
C ASN A 61 9.79 -20.66 -11.10
N ASN A 62 9.96 -19.34 -11.02
CA ASN A 62 11.25 -18.74 -10.69
C ASN A 62 11.08 -17.77 -9.53
N PRO A 63 11.20 -18.28 -8.29
CA PRO A 63 11.04 -17.47 -7.09
C PRO A 63 12.30 -16.67 -6.73
N ASN A 64 13.06 -16.28 -7.74
CA ASN A 64 14.27 -15.49 -7.53
C ASN A 64 14.08 -14.12 -8.17
N PRO A 65 13.78 -13.11 -7.34
CA PRO A 65 13.53 -11.74 -7.80
C PRO A 65 14.76 -11.08 -8.42
N ARG A 66 15.94 -11.49 -7.99
CA ARG A 66 17.16 -10.87 -8.50
C ARG A 66 17.43 -11.25 -9.95
N SER A 67 16.84 -12.35 -10.42
CA SER A 67 17.04 -12.78 -11.80
C SER A 67 15.95 -12.22 -12.71
N LEU A 68 14.87 -11.75 -12.11
CA LEU A 68 13.75 -11.20 -12.89
C LEU A 68 13.78 -9.68 -12.85
N VAL A 69 14.49 -9.12 -11.89
CA VAL A 69 14.59 -7.67 -11.73
C VAL A 69 15.86 -7.13 -12.38
N LYS A 70 16.87 -7.97 -12.50
CA LYS A 70 18.14 -7.57 -13.11
C LYS A 70 17.96 -7.10 -14.57
N PRO A 71 17.29 -7.89 -15.45
CA PRO A 71 17.08 -7.53 -16.86
C PRO A 71 16.04 -6.42 -17.07
N ILE A 72 15.72 -5.70 -16.01
CA ILE A 72 14.74 -4.62 -16.11
C ILE A 72 15.41 -3.33 -16.57
N THR A 73 14.97 -2.84 -17.73
CA THR A 73 15.50 -1.61 -18.31
C THR A 73 14.48 -0.45 -18.16
N GLN A 74 14.90 0.75 -18.49
CA GLN A 74 14.03 1.92 -18.40
C GLN A 74 13.22 2.07 -19.68
N LEU A 75 12.05 2.68 -19.58
CA LEU A 75 11.17 2.87 -20.74
C LEU A 75 11.35 4.27 -21.31
N LEU A 76 11.35 5.28 -20.42
CA LEU A 76 11.54 6.69 -20.78
C LEU A 76 10.26 7.30 -21.37
N GLY A 77 9.76 8.32 -20.67
CA GLY A 77 8.56 9.01 -21.09
C GLY A 77 8.01 9.85 -19.93
N ARG A 78 6.70 10.01 -19.87
CA ARG A 78 6.09 10.77 -18.78
C ARG A 78 5.51 9.82 -17.73
N THR A 79 4.52 10.27 -16.96
CA THR A 79 3.92 9.44 -15.93
C THR A 79 2.49 9.03 -16.27
N HIS A 80 2.16 7.76 -16.02
CA HIS A 80 0.83 7.22 -16.28
C HIS A 80 0.46 6.23 -15.18
N THR A 81 0.56 6.68 -13.94
CA THR A 81 0.28 5.82 -12.80
C THR A 81 -1.21 5.49 -12.66
N ALA A 82 -2.08 6.33 -13.22
CA ALA A 82 -3.53 6.09 -13.12
C ALA A 82 -3.93 4.90 -13.99
N THR A 83 -3.64 4.99 -15.27
CA THR A 83 -3.97 3.92 -16.19
C THR A 83 -3.15 2.67 -15.86
N GLY A 84 -2.02 2.88 -15.19
CA GLY A 84 -1.15 1.79 -14.79
C GLY A 84 -1.77 0.92 -13.73
N ILE A 85 -2.17 1.53 -12.61
CA ILE A 85 -2.77 0.78 -11.51
C ILE A 85 -4.06 0.11 -11.95
N ARG A 86 -4.70 0.71 -12.95
CA ARG A 86 -5.92 0.17 -13.50
C ARG A 86 -5.66 -1.16 -14.17
N LYS A 87 -4.53 -1.24 -14.84
CA LYS A 87 -4.15 -2.45 -15.55
C LYS A 87 -3.74 -3.53 -14.56
N VAL A 88 -3.28 -3.12 -13.39
CA VAL A 88 -2.86 -4.05 -12.37
C VAL A 88 -4.06 -4.82 -11.81
N VAL A 89 -5.14 -4.11 -11.57
CA VAL A 89 -6.35 -4.71 -11.02
C VAL A 89 -7.08 -5.58 -12.06
N ARG A 90 -6.77 -5.39 -13.33
CA ARG A 90 -7.45 -6.15 -14.37
C ARG A 90 -6.55 -7.21 -15.01
N GLU A 91 -5.25 -6.97 -15.07
CA GLU A 91 -4.33 -7.90 -15.71
C GLU A 91 -3.36 -8.55 -14.73
N LEU A 92 -2.61 -7.74 -13.98
CA LEU A 92 -1.65 -8.29 -13.03
C LEU A 92 -2.33 -9.18 -12.01
N PHE A 93 -3.46 -8.71 -11.50
CA PHE A 93 -4.21 -9.45 -10.50
C PHE A 93 -5.24 -10.38 -11.16
N ASN A 94 -4.96 -10.81 -12.38
CA ASN A 94 -5.87 -11.70 -13.09
C ASN A 94 -5.51 -13.16 -12.80
N ILE A 95 -6.54 -13.98 -12.64
CA ILE A 95 -6.37 -15.41 -12.34
C ILE A 95 -5.49 -16.11 -13.37
N THR A 96 -5.73 -15.80 -14.64
CA THR A 96 -4.98 -16.40 -15.73
C THR A 96 -3.53 -15.93 -15.75
N ASN A 97 -3.20 -14.94 -14.94
CA ASN A 97 -1.84 -14.42 -14.89
C ASN A 97 -1.12 -14.94 -13.65
N GLY A 98 -1.76 -15.87 -12.95
CA GLY A 98 -1.17 -16.46 -11.77
C GLY A 98 -1.73 -15.91 -10.48
N ALA A 99 -2.55 -14.89 -10.57
CA ALA A 99 -3.16 -14.29 -9.39
C ALA A 99 -4.18 -15.24 -8.79
N ARG A 100 -4.10 -15.43 -7.49
CA ARG A 100 -5.01 -16.33 -6.80
C ARG A 100 -6.21 -15.56 -6.26
N LYS A 101 -7.31 -16.27 -6.05
CA LYS A 101 -8.50 -15.64 -5.51
C LYS A 101 -8.59 -15.93 -4.01
N ASN A 102 -9.22 -15.01 -3.28
CA ASN A 102 -9.39 -15.12 -1.82
C ASN A 102 -8.08 -14.79 -1.09
N ALA A 103 -7.04 -14.52 -1.87
CA ALA A 103 -5.73 -14.18 -1.31
C ALA A 103 -5.60 -12.67 -1.11
N PHE A 104 -4.83 -12.28 -0.11
CA PHE A 104 -4.61 -10.86 0.20
C PHE A 104 -3.80 -10.20 -0.90
N LYS A 105 -4.39 -9.24 -1.59
CA LYS A 105 -3.68 -8.55 -2.66
C LYS A 105 -3.21 -7.18 -2.20
N ILE A 106 -1.91 -6.99 -2.24
CA ILE A 106 -1.31 -5.72 -1.83
C ILE A 106 -0.53 -5.14 -3.00
N LEU A 107 -0.69 -3.84 -3.21
CA LEU A 107 -0.04 -3.15 -4.31
C LEU A 107 0.85 -2.02 -3.80
N VAL A 108 2.06 -1.93 -4.33
CA VAL A 108 2.99 -0.87 -3.94
C VAL A 108 3.40 -0.06 -5.18
N VAL A 109 3.35 1.25 -5.07
CA VAL A 109 3.68 2.12 -6.18
C VAL A 109 4.85 3.05 -5.82
N ILE A 110 5.82 3.14 -6.73
CA ILE A 110 6.98 3.98 -6.54
C ILE A 110 7.13 4.94 -7.72
N THR A 111 6.83 6.22 -7.49
CA THR A 111 6.91 7.21 -8.54
C THR A 111 7.76 8.40 -8.10
N ASP A 112 8.22 9.19 -9.07
CA ASP A 112 9.07 10.35 -8.79
C ASP A 112 8.40 11.66 -9.19
N GLY A 113 7.36 11.59 -10.00
CA GLY A 113 6.69 12.81 -10.45
C GLY A 113 5.18 12.70 -10.47
N GLU A 114 4.52 13.85 -10.41
CA GLU A 114 3.07 13.91 -10.44
C GLU A 114 2.55 13.38 -11.77
N LYS A 115 1.38 12.78 -11.75
CA LYS A 115 0.75 12.22 -12.94
C LYS A 115 0.53 13.28 -14.04
N PHE A 116 1.35 13.22 -15.09
CA PHE A 116 1.27 14.18 -16.19
C PHE A 116 1.08 13.48 -17.54
N GLY A 117 -0.01 13.81 -18.23
CA GLY A 117 -0.26 13.23 -19.54
C GLY A 117 -1.12 11.99 -19.52
N ASP A 118 -1.63 11.65 -18.34
CA ASP A 118 -2.47 10.48 -18.18
C ASP A 118 -3.92 10.85 -18.50
N PRO A 119 -4.52 10.22 -19.53
CA PRO A 119 -5.91 10.50 -19.92
C PRO A 119 -6.90 10.03 -18.87
N LEU A 120 -6.46 9.14 -18.01
CA LEU A 120 -7.30 8.61 -16.95
C LEU A 120 -6.94 9.24 -15.62
N GLY A 121 -7.92 9.35 -14.73
CA GLY A 121 -7.67 9.92 -13.43
C GLY A 121 -7.66 8.86 -12.36
N TYR A 122 -7.77 9.29 -11.12
CA TYR A 122 -7.76 8.34 -10.01
C TYR A 122 -9.18 7.94 -9.66
N GLU A 123 -10.09 8.85 -9.90
CA GLU A 123 -11.51 8.68 -9.64
C GLU A 123 -12.10 7.56 -10.51
N ASP A 124 -11.46 7.29 -11.65
CA ASP A 124 -11.94 6.24 -12.55
C ASP A 124 -11.14 4.95 -12.37
N VAL A 125 -10.15 4.97 -11.47
CA VAL A 125 -9.31 3.78 -11.23
C VAL A 125 -9.36 3.34 -9.75
N ILE A 126 -9.04 4.26 -8.85
CA ILE A 126 -8.99 3.97 -7.41
C ILE A 126 -10.26 3.28 -6.89
N PRO A 127 -11.48 3.83 -7.13
CA PRO A 127 -12.72 3.20 -6.69
C PRO A 127 -12.85 1.76 -7.20
N GLU A 128 -12.17 1.44 -8.30
CA GLU A 128 -12.19 0.07 -8.86
C GLU A 128 -11.32 -0.85 -8.00
N ALA A 129 -10.12 -0.39 -7.67
CA ALA A 129 -9.18 -1.17 -6.86
C ALA A 129 -9.73 -1.45 -5.46
N ASP A 130 -10.45 -0.48 -4.92
CA ASP A 130 -11.04 -0.60 -3.60
C ASP A 130 -12.07 -1.74 -3.57
N ARG A 131 -12.70 -1.98 -4.72
CA ARG A 131 -13.73 -3.03 -4.84
C ARG A 131 -13.15 -4.43 -4.61
N GLU A 132 -12.02 -4.72 -5.24
CA GLU A 132 -11.40 -6.04 -5.11
C GLU A 132 -10.66 -6.16 -3.78
N GLY A 133 -10.70 -5.10 -2.99
CA GLY A 133 -10.05 -5.11 -1.70
C GLY A 133 -8.55 -5.02 -1.79
N VAL A 134 -8.05 -4.44 -2.87
CA VAL A 134 -6.62 -4.30 -3.07
C VAL A 134 -6.08 -3.17 -2.20
N ILE A 135 -5.32 -3.51 -1.16
CA ILE A 135 -4.74 -2.50 -0.30
C ILE A 135 -3.45 -1.99 -0.94
N ARG A 136 -3.30 -0.68 -1.01
CA ARG A 136 -2.14 -0.09 -1.65
C ARG A 136 -1.23 0.67 -0.70
N TYR A 137 0.01 0.78 -1.12
CA TYR A 137 1.05 1.52 -0.41
C TYR A 137 1.82 2.32 -1.45
N VAL A 138 2.05 3.59 -1.19
CA VAL A 138 2.75 4.43 -2.17
C VAL A 138 4.01 5.04 -1.57
N ILE A 139 5.02 5.21 -2.41
CA ILE A 139 6.28 5.79 -2.00
C ILE A 139 6.62 6.98 -2.89
N GLY A 140 6.66 8.17 -2.31
CA GLY A 140 7.00 9.36 -3.06
C GLY A 140 8.48 9.58 -3.08
N VAL A 141 9.05 9.81 -4.26
CA VAL A 141 10.49 10.03 -4.38
C VAL A 141 10.81 11.23 -5.26
N GLY A 142 11.21 12.34 -4.66
CA GLY A 142 11.58 13.49 -5.46
C GLY A 142 10.91 14.80 -5.07
N ASP A 143 11.33 15.87 -5.74
CA ASP A 143 10.82 17.22 -5.51
C ASP A 143 9.31 17.31 -5.73
N ALA A 144 8.81 16.44 -6.58
CA ALA A 144 7.40 16.42 -6.93
C ALA A 144 6.49 16.14 -5.75
N PHE A 145 7.03 15.56 -4.68
CA PHE A 145 6.20 15.24 -3.53
C PHE A 145 6.60 16.01 -2.28
N ARG A 146 7.13 17.21 -2.48
CA ARG A 146 7.53 18.05 -1.35
C ARG A 146 6.41 18.99 -0.94
N SER A 147 5.38 19.09 -1.75
CA SER A 147 4.25 19.96 -1.45
C SER A 147 3.05 19.15 -1.01
N GLU A 148 2.30 19.68 -0.04
CA GLU A 148 1.12 18.99 0.47
C GLU A 148 0.06 18.84 -0.62
N LYS A 149 0.12 19.70 -1.65
CA LYS A 149 -0.81 19.63 -2.75
C LYS A 149 -0.54 18.38 -3.58
N SER A 150 0.72 17.98 -3.63
CA SER A 150 1.12 16.80 -4.39
C SER A 150 0.93 15.55 -3.54
N ARG A 151 1.12 15.72 -2.24
CA ARG A 151 0.98 14.63 -1.29
C ARG A 151 -0.43 14.06 -1.33
N GLN A 152 -1.40 14.91 -1.65
CA GLN A 152 -2.80 14.51 -1.71
C GLN A 152 -3.02 13.39 -2.72
N GLU A 153 -2.34 13.46 -3.86
CA GLU A 153 -2.49 12.44 -4.88
C GLU A 153 -1.94 11.11 -4.38
N LEU A 154 -0.93 11.17 -3.52
CA LEU A 154 -0.34 9.97 -2.95
C LEU A 154 -1.36 9.31 -2.03
N ASN A 155 -2.10 10.16 -1.32
CA ASN A 155 -3.13 9.71 -0.39
C ASN A 155 -4.30 9.11 -1.16
N THR A 156 -4.34 9.37 -2.45
CA THR A 156 -5.40 8.84 -3.31
C THR A 156 -4.98 7.49 -3.87
N ILE A 157 -3.70 7.37 -4.21
CA ILE A 157 -3.15 6.13 -4.76
C ILE A 157 -3.15 5.03 -3.70
N ALA A 158 -2.71 5.39 -2.50
CA ALA A 158 -2.64 4.45 -1.40
C ALA A 158 -3.99 4.34 -0.70
N SER A 159 -4.13 3.33 0.15
CA SER A 159 -5.37 3.13 0.90
C SER A 159 -5.32 3.86 2.23
N LYS A 160 -6.47 4.11 2.81
CA LYS A 160 -6.55 4.80 4.08
C LYS A 160 -6.09 3.89 5.22
N PRO A 161 -5.45 4.46 6.25
CA PRO A 161 -5.15 5.89 6.33
C PRO A 161 -3.82 6.24 5.64
N PRO A 162 -3.69 7.48 5.15
CA PRO A 162 -2.46 7.93 4.48
C PRO A 162 -1.24 7.81 5.38
N ARG A 163 -1.45 8.03 6.68
CA ARG A 163 -0.38 7.94 7.68
C ARG A 163 -0.02 6.49 7.99
N ASP A 164 -0.40 5.58 7.08
CA ASP A 164 -0.15 4.16 7.26
C ASP A 164 0.21 3.51 5.91
N HIS A 165 -0.04 4.21 4.82
CA HIS A 165 0.23 3.65 3.49
C HIS A 165 0.96 4.63 2.58
N VAL A 166 1.31 5.82 3.07
CA VAL A 166 2.00 6.80 2.26
C VAL A 166 3.39 7.11 2.80
N PHE A 167 4.40 6.68 2.06
CA PHE A 167 5.78 6.91 2.44
C PHE A 167 6.39 7.99 1.57
N GLN A 168 7.35 8.71 2.10
CA GLN A 168 8.00 9.79 1.36
C GLN A 168 9.51 9.73 1.54
N VAL A 169 10.23 9.88 0.45
CA VAL A 169 11.67 9.84 0.47
C VAL A 169 12.23 10.96 -0.40
N ASN A 170 13.38 11.50 -0.04
CA ASN A 170 13.97 12.61 -0.79
C ASN A 170 14.81 12.11 -1.98
N ASN A 171 15.42 10.95 -1.84
CA ASN A 171 16.24 10.40 -2.91
C ASN A 171 16.10 8.89 -2.98
N PHE A 172 16.39 8.32 -4.14
CA PHE A 172 16.27 6.87 -4.35
C PHE A 172 17.24 6.08 -3.48
N GLU A 173 18.32 6.71 -3.03
CA GLU A 173 19.28 6.03 -2.19
C GLU A 173 18.70 5.75 -0.81
N ALA A 174 17.98 6.72 -0.27
CA ALA A 174 17.37 6.61 1.05
C ALA A 174 16.21 5.62 1.08
N LEU A 175 15.95 4.96 -0.04
CA LEU A 175 14.87 3.98 -0.10
C LEU A 175 15.22 2.78 0.77
N LYS A 176 16.52 2.60 1.00
CA LYS A 176 17.01 1.50 1.82
C LYS A 176 16.55 1.66 3.28
N THR A 177 16.44 2.90 3.72
CA THR A 177 16.03 3.22 5.09
C THR A 177 14.55 2.93 5.33
N ILE A 178 13.74 2.99 4.27
CA ILE A 178 12.30 2.76 4.43
C ILE A 178 11.94 1.28 4.21
N GLN A 179 12.93 0.47 3.88
CA GLN A 179 12.72 -0.96 3.65
C GLN A 179 12.22 -1.65 4.91
N ASN A 180 12.67 -1.15 6.06
CA ASN A 180 12.30 -1.73 7.35
C ASN A 180 10.81 -1.55 7.64
N GLN A 181 10.35 -0.30 7.67
CA GLN A 181 8.95 0.01 7.96
C GLN A 181 8.02 -0.66 6.95
N LEU A 182 8.43 -0.67 5.69
CA LEU A 182 7.62 -1.28 4.65
C LEU A 182 7.39 -2.76 4.93
N ARG A 183 8.45 -3.44 5.38
CA ARG A 183 8.37 -4.87 5.68
C ARG A 183 7.43 -5.14 6.85
N GLU A 184 7.54 -4.34 7.89
CA GLU A 184 6.70 -4.49 9.07
C GLU A 184 5.24 -4.17 8.77
N LYS A 185 5.00 -3.10 8.03
CA LYS A 185 3.66 -2.67 7.71
C LYS A 185 2.97 -3.56 6.69
N ILE A 186 3.74 -4.34 5.95
CA ILE A 186 3.14 -5.22 4.95
C ILE A 186 2.82 -6.58 5.57
N PHE A 187 3.45 -6.87 6.71
CA PHE A 187 3.22 -8.14 7.40
C PHE A 187 2.14 -7.97 8.47
N ALA A 188 1.86 -6.72 8.82
CA ALA A 188 0.86 -6.41 9.83
C ALA A 188 -0.54 -6.58 9.27
N ILE A 189 -0.92 -7.83 9.02
CA ILE A 189 -2.22 -8.16 8.48
C ILE A 189 -2.45 -9.67 8.55
N GLU A 190 -1.36 -10.41 8.71
CA GLU A 190 -1.42 -11.86 8.79
C GLU A 190 -1.60 -12.32 10.23
N GLY A 191 -1.44 -13.61 10.45
CA GLY A 191 -1.58 -14.16 11.78
C GLY A 191 -0.24 -14.46 12.40
N THR A 192 -0.24 -15.22 13.49
CA THR A 192 1.00 -15.57 14.16
C THR A 192 0.76 -16.73 15.12
N GLN A 193 1.83 -17.22 15.72
CA GLN A 193 1.73 -18.34 16.66
C GLN A 193 2.58 -18.06 17.90
N THR A 194 2.00 -18.26 19.05
CA THR A 194 2.69 -18.02 20.31
C THR A 194 3.68 -19.15 20.62
N GLY B 1 -33.30 0.55 54.84
CA GLY B 1 -32.26 0.83 53.88
C GLY B 1 -31.08 -0.11 54.04
N LYS B 2 -29.90 0.37 53.67
CA LYS B 2 -28.69 -0.43 53.79
C LYS B 2 -27.62 0.37 54.50
N LYS B 3 -27.14 1.42 53.84
CA LYS B 3 -26.11 2.29 54.38
C LYS B 3 -25.82 3.40 53.38
N GLU B 4 -25.80 4.65 53.87
CA GLU B 4 -25.49 5.78 53.01
C GLU B 4 -24.08 5.59 52.46
N LYS B 5 -23.98 5.59 51.14
CA LYS B 5 -22.69 5.36 50.49
C LYS B 5 -22.35 6.46 49.48
N PRO B 6 -21.52 7.42 49.89
CA PRO B 6 -21.07 8.49 49.02
C PRO B 6 -19.80 8.10 48.27
N GLU B 7 -19.03 9.09 47.86
CA GLU B 7 -17.78 8.83 47.15
C GLU B 7 -16.73 8.27 48.10
N LYS B 8 -16.68 6.94 48.19
CA LYS B 8 -15.73 6.27 49.05
C LYS B 8 -14.35 6.18 48.40
N LYS B 9 -14.34 5.94 47.09
CA LYS B 9 -13.10 5.84 46.33
C LYS B 9 -13.40 5.73 44.84
N VAL B 10 -12.56 6.35 44.03
CA VAL B 10 -12.73 6.32 42.58
C VAL B 10 -12.26 4.98 42.02
N LYS B 11 -12.84 4.55 40.91
CA LYS B 11 -12.45 3.30 40.28
C LYS B 11 -11.17 3.50 39.48
N LYS B 12 -10.34 2.48 39.42
CA LYS B 12 -9.09 2.57 38.69
C LYS B 12 -9.32 2.24 37.21
N SER B 13 -8.73 1.14 36.75
CA SER B 13 -8.85 0.72 35.35
C SER B 13 -8.07 1.69 34.46
N ASP B 14 -8.44 1.76 33.18
CA ASP B 14 -7.76 2.66 32.26
C ASP B 14 -8.26 4.09 32.49
N CYS B 15 -7.68 5.03 31.77
CA CYS B 15 -8.06 6.43 31.89
C CYS B 15 -9.35 6.70 31.13
N GLY B 16 -9.92 5.65 30.58
CA GLY B 16 -11.15 5.76 29.84
C GLY B 16 -11.35 4.58 28.91
N GLU B 17 -12.54 4.44 28.38
CA GLU B 17 -12.83 3.33 27.47
C GLU B 17 -12.36 3.68 26.07
N TRP B 18 -12.28 2.68 25.20
CA TRP B 18 -11.86 2.89 23.83
C TRP B 18 -12.93 3.59 23.01
N GLN B 19 -12.50 4.43 22.08
CA GLN B 19 -13.42 5.15 21.22
C GLN B 19 -13.86 4.27 20.07
N TRP B 20 -15.17 4.17 19.87
CA TRP B 20 -15.71 3.35 18.82
C TRP B 20 -16.19 4.19 17.64
N SER B 21 -15.43 4.15 16.56
CA SER B 21 -15.76 4.88 15.34
C SER B 21 -16.61 4.00 14.43
N VAL B 22 -17.20 4.60 13.40
CA VAL B 22 -18.02 3.86 12.45
C VAL B 22 -17.20 3.52 11.21
N CYS B 23 -17.59 2.45 10.51
CA CYS B 23 -16.89 2.03 9.31
C CYS B 23 -17.19 2.96 8.14
N VAL B 24 -16.29 3.90 7.89
CA VAL B 24 -16.47 4.84 6.79
C VAL B 24 -15.79 4.30 5.53
N PRO B 25 -16.60 3.90 4.53
CA PRO B 25 -16.09 3.34 3.27
C PRO B 25 -15.28 4.36 2.46
N THR B 26 -14.45 3.86 1.57
CA THR B 26 -13.63 4.71 0.72
C THR B 26 -14.27 4.88 -0.66
N SER B 27 -15.00 3.86 -1.08
CA SER B 27 -15.67 3.88 -2.36
C SER B 27 -17.15 3.57 -2.20
N GLY B 28 -17.99 4.33 -2.90
CA GLY B 28 -19.42 4.12 -2.82
C GLY B 28 -19.83 2.85 -3.53
N ASP B 29 -19.18 2.59 -4.66
CA ASP B 29 -19.45 1.40 -5.46
C ASP B 29 -18.63 0.23 -4.91
N CYS B 30 -18.80 -0.02 -3.62
CA CYS B 30 -18.09 -1.08 -2.90
C CYS B 30 -16.60 -0.77 -2.76
N GLY B 31 -16.05 -1.05 -1.58
CA GLY B 31 -14.66 -0.79 -1.32
C GLY B 31 -14.27 -1.10 0.12
N LEU B 32 -13.09 -0.63 0.50
CA LEU B 32 -12.54 -0.83 1.82
C LEU B 32 -13.01 0.30 2.74
N GLY B 33 -12.88 0.07 4.04
CA GLY B 33 -13.28 1.07 5.01
C GLY B 33 -12.26 1.16 6.13
N THR B 34 -12.37 2.18 6.97
CA THR B 34 -11.43 2.35 8.07
C THR B 34 -12.12 2.72 9.37
N ARG B 35 -11.39 2.53 10.47
CA ARG B 35 -11.87 2.85 11.80
C ARG B 35 -10.68 3.28 12.66
N GLU B 36 -10.89 4.19 13.59
CA GLU B 36 -9.80 4.62 14.45
C GLU B 36 -10.31 4.97 15.85
N GLY B 37 -9.56 4.51 16.84
CA GLY B 37 -9.90 4.76 18.22
C GLY B 37 -8.67 5.16 19.00
N THR B 38 -8.79 6.18 19.83
CA THR B 38 -7.65 6.63 20.61
C THR B 38 -7.93 6.59 22.11
N ARG B 39 -6.88 6.35 22.88
CA ARG B 39 -6.98 6.30 24.32
C ARG B 39 -5.99 7.28 24.94
N THR B 40 -6.51 8.18 25.76
CA THR B 40 -5.69 9.20 26.41
C THR B 40 -5.94 9.21 27.92
N GLY B 41 -5.13 9.95 28.66
CA GLY B 41 -5.30 10.02 30.09
C GLY B 41 -4.12 10.69 30.77
N ALA B 42 -4.06 10.55 32.08
CA ALA B 42 -2.97 11.14 32.86
C ALA B 42 -1.71 10.30 32.72
N GLU B 43 -1.78 9.05 33.15
CA GLU B 43 -0.64 8.16 33.05
C GLU B 43 -0.72 7.34 31.77
N CYS B 44 -1.94 7.17 31.27
CA CYS B 44 -2.17 6.43 30.04
C CYS B 44 -1.64 7.23 28.85
N LYS B 45 -0.84 6.59 28.02
CA LYS B 45 -0.26 7.24 26.86
C LYS B 45 -1.23 7.27 25.70
N GLN B 46 -0.98 8.14 24.73
CA GLN B 46 -1.83 8.27 23.55
C GLN B 46 -1.78 7.01 22.71
N THR B 47 -2.67 6.07 22.98
CA THR B 47 -2.72 4.83 22.25
C THR B 47 -3.68 4.95 21.08
N MET B 48 -3.17 4.78 19.87
CA MET B 48 -3.99 4.89 18.67
C MET B 48 -4.15 3.53 18.00
N LYS B 49 -5.39 3.19 17.70
CA LYS B 49 -5.68 1.92 17.03
C LYS B 49 -6.51 2.17 15.78
N THR B 50 -6.00 1.75 14.64
CA THR B 50 -6.70 1.91 13.37
C THR B 50 -7.08 0.54 12.81
N GLN B 51 -8.35 0.39 12.45
CA GLN B 51 -8.85 -0.86 11.91
C GLN B 51 -9.30 -0.66 10.47
N ARG B 52 -9.61 -1.76 9.78
CA ARG B 52 -10.08 -1.71 8.41
C ARG B 52 -11.38 -2.48 8.28
N CYS B 53 -12.38 -1.86 7.65
CA CYS B 53 -13.69 -2.47 7.47
C CYS B 53 -13.89 -2.91 6.03
N LYS B 54 -14.95 -3.71 5.82
CA LYS B 54 -15.28 -4.20 4.48
C LYS B 54 -16.77 -4.05 4.23
N ILE B 55 -17.13 -3.56 3.05
CA ILE B 55 -18.53 -3.38 2.68
C ILE B 55 -19.14 -4.73 2.29
N PRO B 56 -20.41 -4.99 2.67
CA PRO B 56 -21.08 -6.25 2.33
C PRO B 56 -21.44 -6.36 0.85
N CYS B 57 -21.70 -5.22 0.21
CA CYS B 57 -22.07 -5.16 -1.21
C CYS B 57 -23.43 -5.82 -1.46
N ASN B 58 -24.31 -5.74 -0.47
CA ASN B 58 -25.63 -6.33 -0.59
C ASN B 58 -26.53 -5.46 -1.46
#